data_1UL5
#
_entry.id   1UL5
#
loop_
_entity.id
_entity.type
_entity.pdbx_description
1 polymer 'squamosa promoter binding protein-like 7'
2 non-polymer 'ZINC ION'
#
_entity_poly.entity_id   1
_entity_poly.type   'polypeptide(L)'
_entity_poly.pdbx_seq_one_letter_code
;GSVARCQVPDCEADISELKGYHKRHRVCLRCATASFVVLDGENKRYCQQCGKFHLLPDFDEGKRSCRRKLERHNNRRKRK
PVDKGGVA
;
_entity_poly.pdbx_strand_id   A
#
# COMPACT_ATOMS: atom_id res chain seq x y z
N VAL A 3 -6.66 -16.58 -4.18
CA VAL A 3 -8.03 -16.89 -3.68
C VAL A 3 -8.80 -15.61 -3.38
N ALA A 4 -9.78 -15.29 -4.21
CA ALA A 4 -10.59 -14.10 -4.03
C ALA A 4 -11.40 -14.18 -2.74
N ARG A 5 -10.75 -13.87 -1.62
CA ARG A 5 -11.42 -13.91 -0.32
C ARG A 5 -10.66 -13.07 0.70
N CYS A 6 -11.31 -12.02 1.21
CA CYS A 6 -10.71 -11.15 2.20
C CYS A 6 -10.37 -11.94 3.46
N GLN A 7 -9.09 -12.28 3.61
CA GLN A 7 -8.63 -13.05 4.76
C GLN A 7 -8.20 -12.15 5.92
N VAL A 8 -8.98 -11.10 6.19
CA VAL A 8 -8.67 -10.19 7.29
C VAL A 8 -9.33 -10.68 8.58
N PRO A 9 -8.52 -10.97 9.62
CA PRO A 9 -9.03 -11.46 10.91
C PRO A 9 -10.30 -10.74 11.35
N ASP A 10 -10.26 -9.40 11.37
CA ASP A 10 -11.41 -8.60 11.77
C ASP A 10 -12.46 -8.53 10.66
N CYS A 11 -12.06 -8.84 9.44
CA CYS A 11 -12.98 -8.79 8.32
C CYS A 11 -12.84 -10.03 7.43
N GLU A 12 -13.71 -11.00 7.63
CA GLU A 12 -13.69 -12.24 6.85
C GLU A 12 -14.70 -12.15 5.70
N ALA A 13 -14.32 -11.44 4.64
CA ALA A 13 -15.19 -11.28 3.49
C ALA A 13 -14.97 -12.37 2.45
N ASP A 14 -15.98 -12.60 1.62
CA ASP A 14 -15.90 -13.62 0.58
C ASP A 14 -15.99 -12.98 -0.81
N ILE A 15 -15.01 -12.15 -1.12
CA ILE A 15 -14.97 -11.46 -2.40
C ILE A 15 -14.71 -12.44 -3.55
N SER A 16 -15.70 -13.29 -3.83
CA SER A 16 -15.58 -14.27 -4.90
C SER A 16 -15.85 -13.65 -6.27
N GLU A 17 -16.52 -12.50 -6.28
CA GLU A 17 -16.84 -11.81 -7.52
C GLU A 17 -16.52 -10.32 -7.44
N LEU A 18 -15.25 -9.99 -7.59
CA LEU A 18 -14.81 -8.60 -7.54
C LEU A 18 -14.02 -8.23 -8.79
N LYS A 19 -13.98 -6.94 -9.11
CA LYS A 19 -13.26 -6.46 -10.28
C LYS A 19 -12.45 -5.21 -9.94
N GLY A 20 -11.29 -5.42 -9.33
CA GLY A 20 -10.44 -4.30 -8.97
C GLY A 20 -9.07 -4.75 -8.49
N TYR A 21 -8.35 -3.86 -7.82
CA TYR A 21 -7.02 -4.18 -7.31
C TYR A 21 -7.09 -4.76 -5.89
N HIS A 22 -8.31 -5.07 -5.45
CA HIS A 22 -8.50 -5.63 -4.11
C HIS A 22 -8.67 -7.15 -4.18
N LYS A 23 -9.20 -7.63 -5.31
CA LYS A 23 -9.43 -9.05 -5.51
C LYS A 23 -8.11 -9.79 -5.75
N ARG A 24 -7.10 -9.06 -6.22
CA ARG A 24 -5.79 -9.64 -6.50
C ARG A 24 -4.88 -9.56 -5.29
N HIS A 25 -5.46 -9.43 -4.10
CA HIS A 25 -4.68 -9.34 -2.87
C HIS A 25 -5.47 -9.86 -1.68
N ARG A 26 -6.46 -10.71 -1.95
CA ARG A 26 -7.29 -11.29 -0.89
C ARG A 26 -7.83 -10.20 0.03
N VAL A 27 -8.45 -9.18 -0.55
CA VAL A 27 -9.01 -8.07 0.21
C VAL A 27 -10.25 -7.52 -0.47
N CYS A 28 -11.26 -7.15 0.31
CA CYS A 28 -12.50 -6.61 -0.22
C CYS A 28 -12.38 -5.11 -0.45
N LEU A 29 -13.35 -4.55 -1.17
CA LEU A 29 -13.36 -3.12 -1.47
C LEU A 29 -13.46 -2.29 -0.19
N ARG A 30 -14.29 -2.76 0.74
CA ARG A 30 -14.48 -2.06 2.01
C ARG A 30 -13.13 -1.83 2.72
N CYS A 31 -12.23 -2.79 2.57
CA CYS A 31 -10.91 -2.68 3.18
C CYS A 31 -10.00 -1.78 2.36
N ALA A 32 -10.08 -1.92 1.04
CA ALA A 32 -9.27 -1.11 0.14
C ALA A 32 -9.59 0.37 0.31
N THR A 33 -10.84 0.65 0.68
CA THR A 33 -11.29 2.02 0.89
C THR A 33 -11.18 2.42 2.36
N ALA A 34 -11.33 1.45 3.25
CA ALA A 34 -11.23 1.70 4.68
C ALA A 34 -9.84 2.20 5.07
N SER A 35 -8.87 1.99 4.19
CA SER A 35 -7.50 2.42 4.44
C SER A 35 -6.81 1.51 5.46
N PHE A 36 -7.34 1.49 6.68
CA PHE A 36 -6.77 0.66 7.74
C PHE A 36 -7.80 -0.36 8.23
N VAL A 37 -7.29 -1.51 8.67
CA VAL A 37 -8.16 -2.58 9.18
C VAL A 37 -7.63 -3.12 10.51
N VAL A 38 -8.55 -3.39 11.43
CA VAL A 38 -8.19 -3.90 12.75
C VAL A 38 -7.74 -5.36 12.66
N LEU A 39 -6.63 -5.59 11.97
CA LEU A 39 -6.09 -6.93 11.81
C LEU A 39 -5.76 -7.55 13.17
N ASP A 40 -5.11 -8.71 13.17
CA ASP A 40 -4.76 -9.40 14.40
C ASP A 40 -4.03 -8.47 15.36
N GLY A 41 -4.79 -7.85 16.26
CA GLY A 41 -4.22 -6.93 17.24
C GLY A 41 -3.25 -5.95 16.63
N GLU A 42 -3.47 -5.59 15.37
CA GLU A 42 -2.61 -4.64 14.67
C GLU A 42 -3.31 -4.03 13.47
N ASN A 43 -3.24 -2.71 13.34
CA ASN A 43 -3.86 -2.01 12.23
C ASN A 43 -2.96 -2.03 11.01
N LYS A 44 -3.44 -2.67 9.95
CA LYS A 44 -2.68 -2.77 8.70
C LYS A 44 -3.16 -1.75 7.68
N ARG A 45 -2.24 -1.28 6.84
CA ARG A 45 -2.57 -0.30 5.81
C ARG A 45 -2.25 -0.86 4.42
N TYR A 46 -3.24 -0.84 3.54
CA TYR A 46 -3.06 -1.33 2.19
C TYR A 46 -2.01 -0.53 1.43
N CYS A 47 -0.83 -1.12 1.26
CA CYS A 47 0.27 -0.47 0.56
C CYS A 47 0.07 -0.55 -0.94
N GLN A 48 -0.23 0.60 -1.56
CA GLN A 48 -0.45 0.66 -3.00
C GLN A 48 0.84 0.39 -3.78
N GLN A 49 1.97 0.40 -3.08
CA GLN A 49 3.26 0.16 -3.72
C GLN A 49 3.50 -1.33 -3.96
N CYS A 50 3.03 -2.15 -3.04
CA CYS A 50 3.21 -3.60 -3.15
C CYS A 50 1.88 -4.32 -3.31
N GLY A 51 0.79 -3.68 -2.85
CA GLY A 51 -0.51 -4.28 -2.96
C GLY A 51 -0.92 -5.01 -1.69
N LYS A 52 0.04 -5.73 -1.10
CA LYS A 52 -0.22 -6.48 0.12
C LYS A 52 -0.46 -5.54 1.30
N PHE A 53 -0.67 -6.12 2.47
CA PHE A 53 -0.90 -5.34 3.68
C PHE A 53 0.40 -5.02 4.40
N HIS A 54 0.43 -3.89 5.10
CA HIS A 54 1.61 -3.46 5.83
C HIS A 54 1.23 -2.91 7.20
N LEU A 55 2.23 -2.66 8.03
CA LEU A 55 2.00 -2.12 9.36
C LEU A 55 1.84 -0.60 9.33
N LEU A 56 0.82 -0.10 10.02
CA LEU A 56 0.55 1.33 10.06
C LEU A 56 1.66 2.09 10.79
N PRO A 57 2.19 1.56 11.91
CA PRO A 57 3.26 2.25 12.67
C PRO A 57 4.56 2.34 11.88
N ASP A 58 4.66 1.56 10.80
CA ASP A 58 5.86 1.57 9.97
C ASP A 58 5.65 2.42 8.72
N PHE A 59 5.03 3.58 8.89
CA PHE A 59 4.76 4.49 7.78
C PHE A 59 5.36 5.87 8.04
N ASP A 60 5.52 6.64 6.97
CA ASP A 60 6.08 7.99 7.09
C ASP A 60 5.25 8.99 6.29
N GLU A 61 5.72 10.22 6.25
CA GLU A 61 5.02 11.28 5.52
C GLU A 61 5.17 11.07 4.01
N GLY A 62 6.29 10.51 3.59
CA GLY A 62 6.54 10.27 2.19
C GLY A 62 5.60 9.23 1.61
N LYS A 63 4.51 9.69 1.00
CA LYS A 63 3.53 8.79 0.40
C LYS A 63 2.94 7.86 1.44
N ARG A 64 1.98 7.04 1.03
CA ARG A 64 1.33 6.09 1.93
C ARG A 64 1.78 4.66 1.64
N SER A 65 3.08 4.41 1.77
CA SER A 65 3.63 3.09 1.52
C SER A 65 4.78 2.79 2.49
N CYS A 66 5.27 1.55 2.44
CA CYS A 66 6.36 1.15 3.32
C CYS A 66 7.58 2.04 3.12
N ARG A 67 8.46 2.06 4.11
CA ARG A 67 9.67 2.88 4.05
C ARG A 67 10.91 2.01 3.85
N ARG A 68 10.74 0.91 3.12
CA ARG A 68 11.84 -0.01 2.85
C ARG A 68 12.09 -0.12 1.35
N LYS A 69 13.36 0.00 0.95
CA LYS A 69 13.73 -0.09 -0.46
C LYS A 69 13.03 0.98 -1.27
N LEU A 70 12.82 2.14 -0.67
CA LEU A 70 12.16 3.25 -1.34
C LEU A 70 13.14 4.00 -2.23
N GLU A 71 14.41 4.02 -1.84
CA GLU A 71 15.44 4.70 -2.60
C GLU A 71 16.67 3.81 -2.78
N ARG A 72 17.33 3.95 -3.92
CA ARG A 72 18.52 3.16 -4.22
C ARG A 72 19.29 3.74 -5.40
N HIS A 73 18.56 4.04 -6.47
CA HIS A 73 19.17 4.60 -7.68
C HIS A 73 19.08 6.12 -7.67
N ASN A 74 19.99 6.76 -6.93
CA ASN A 74 20.02 8.21 -6.84
C ASN A 74 21.45 8.72 -6.81
N ASN A 75 22.22 8.27 -5.82
CA ASN A 75 23.61 8.68 -5.68
C ASN A 75 24.56 7.63 -6.26
N ARG A 76 24.08 6.92 -7.28
CA ARG A 76 24.89 5.88 -7.92
C ARG A 76 25.91 6.50 -8.86
N ARG A 77 27.14 6.68 -8.37
CA ARG A 77 28.22 7.25 -9.17
C ARG A 77 29.55 6.61 -8.82
N LYS A 78 30.52 6.75 -9.72
CA LYS A 78 31.85 6.19 -9.51
C LYS A 78 32.92 7.27 -9.60
N ARG A 79 33.36 7.75 -8.44
CA ARG A 79 34.38 8.79 -8.39
C ARG A 79 35.75 8.20 -8.08
N LYS A 80 36.80 8.93 -8.43
CA LYS A 80 38.17 8.48 -8.20
C LYS A 80 39.10 9.67 -7.93
N PRO A 81 39.26 10.05 -6.65
CA PRO A 81 40.12 11.18 -6.27
C PRO A 81 41.61 10.87 -6.47
N VAL A 82 41.94 9.58 -6.53
CA VAL A 82 43.33 9.18 -6.72
C VAL A 82 43.62 8.87 -8.19
N ASP A 83 43.13 7.73 -8.66
CA ASP A 83 43.34 7.34 -10.05
C ASP A 83 44.82 7.29 -10.41
N LYS A 84 45.57 6.45 -9.68
CA LYS A 84 47.01 6.31 -9.92
C LYS A 84 47.62 5.31 -8.94
N GLY A 85 47.15 5.35 -7.70
CA GLY A 85 47.67 4.45 -6.69
C GLY A 85 49.02 4.88 -6.17
N GLY A 86 49.51 4.18 -5.15
CA GLY A 86 50.80 4.50 -4.58
C GLY A 86 51.95 4.20 -5.53
N VAL A 87 53.18 4.36 -5.04
CA VAL A 87 54.36 4.10 -5.85
C VAL A 87 55.55 3.71 -4.98
N ALA A 88 55.76 4.46 -3.91
CA ALA A 88 56.87 4.20 -2.99
C ALA A 88 56.36 3.73 -1.63
N VAL A 3 -7.08 -17.05 -4.89
CA VAL A 3 -8.41 -17.14 -4.22
C VAL A 3 -8.83 -15.79 -3.67
N ALA A 4 -9.48 -14.99 -4.50
CA ALA A 4 -9.94 -13.67 -4.09
C ALA A 4 -10.88 -13.75 -2.90
N ARG A 5 -10.34 -13.49 -1.71
CA ARG A 5 -11.13 -13.55 -0.48
C ARG A 5 -10.45 -12.75 0.63
N CYS A 6 -11.16 -11.75 1.16
CA CYS A 6 -10.62 -10.92 2.23
C CYS A 6 -10.36 -11.77 3.47
N GLN A 7 -9.11 -12.18 3.65
CA GLN A 7 -8.73 -13.01 4.79
C GLN A 7 -8.32 -12.18 6.00
N VAL A 8 -9.07 -11.11 6.28
CA VAL A 8 -8.79 -10.26 7.42
C VAL A 8 -9.54 -10.77 8.65
N PRO A 9 -8.84 -10.90 9.80
CA PRO A 9 -9.45 -11.38 11.04
C PRO A 9 -10.74 -10.64 11.38
N ASP A 10 -10.63 -9.32 11.58
CA ASP A 10 -11.79 -8.51 11.91
C ASP A 10 -12.76 -8.40 10.73
N CYS A 11 -12.31 -8.79 9.53
CA CYS A 11 -13.14 -8.73 8.34
C CYS A 11 -12.95 -9.95 7.45
N GLU A 12 -13.89 -10.89 7.55
CA GLU A 12 -13.83 -12.12 6.75
C GLU A 12 -14.76 -12.00 5.54
N ALA A 13 -14.33 -11.26 4.53
CA ALA A 13 -15.14 -11.07 3.33
C ALA A 13 -14.84 -12.13 2.28
N ASP A 14 -15.82 -12.38 1.42
CA ASP A 14 -15.67 -13.37 0.35
C ASP A 14 -15.76 -12.71 -1.03
N ILE A 15 -14.75 -11.91 -1.36
CA ILE A 15 -14.72 -11.21 -2.63
C ILE A 15 -14.33 -12.16 -3.77
N SER A 16 -15.20 -13.12 -4.04
CA SER A 16 -14.95 -14.09 -5.10
C SER A 16 -15.41 -13.55 -6.45
N GLU A 17 -16.42 -12.68 -6.42
CA GLU A 17 -16.97 -12.09 -7.64
C GLU A 17 -16.33 -10.74 -7.92
N LEU A 18 -15.86 -10.07 -6.88
CA LEU A 18 -15.23 -8.76 -7.02
C LEU A 18 -14.10 -8.79 -8.04
N LYS A 19 -13.98 -7.73 -8.82
CA LYS A 19 -12.94 -7.64 -9.84
C LYS A 19 -12.17 -6.33 -9.71
N GLY A 20 -10.89 -6.44 -9.35
CA GLY A 20 -10.06 -5.26 -9.19
C GLY A 20 -8.71 -5.58 -8.58
N TYR A 21 -8.04 -4.56 -8.05
CA TYR A 21 -6.73 -4.73 -7.43
C TYR A 21 -6.85 -5.47 -6.10
N HIS A 22 -7.94 -5.20 -5.39
CA HIS A 22 -8.17 -5.82 -4.09
C HIS A 22 -8.47 -7.32 -4.24
N LYS A 23 -8.77 -7.73 -5.47
CA LYS A 23 -9.08 -9.13 -5.73
C LYS A 23 -7.80 -9.98 -5.74
N ARG A 24 -6.71 -9.39 -6.24
CA ARG A 24 -5.43 -10.07 -6.30
C ARG A 24 -4.60 -9.85 -5.03
N HIS A 25 -5.28 -9.55 -3.92
CA HIS A 25 -4.60 -9.30 -2.66
C HIS A 25 -5.42 -9.81 -1.47
N ARG A 26 -6.36 -10.72 -1.74
CA ARG A 26 -7.20 -11.28 -0.70
C ARG A 26 -7.77 -10.19 0.22
N VAL A 27 -8.51 -9.26 -0.36
CA VAL A 27 -9.11 -8.17 0.40
C VAL A 27 -10.34 -7.62 -0.34
N CYS A 28 -11.30 -7.12 0.44
CA CYS A 28 -12.52 -6.57 -0.14
C CYS A 28 -12.39 -5.08 -0.41
N LEU A 29 -13.35 -4.53 -1.15
CA LEU A 29 -13.34 -3.11 -1.49
C LEU A 29 -13.51 -2.25 -0.24
N ARG A 30 -14.30 -2.73 0.71
CA ARG A 30 -14.55 -2.01 1.95
C ARG A 30 -13.24 -1.72 2.68
N CYS A 31 -12.30 -2.65 2.58
CA CYS A 31 -11.01 -2.49 3.24
C CYS A 31 -10.09 -1.58 2.43
N ALA A 32 -10.27 -1.60 1.11
CA ALA A 32 -9.45 -0.77 0.23
C ALA A 32 -9.71 0.71 0.48
N THR A 33 -10.96 1.06 0.77
CA THR A 33 -11.33 2.44 1.04
C THR A 33 -11.16 2.78 2.50
N ALA A 34 -11.29 1.77 3.36
CA ALA A 34 -11.14 1.96 4.80
C ALA A 34 -9.74 2.41 5.17
N SER A 35 -8.80 2.24 4.24
CA SER A 35 -7.40 2.64 4.47
C SER A 35 -6.72 1.67 5.44
N PHE A 36 -7.20 1.65 6.67
CA PHE A 36 -6.63 0.77 7.69
C PHE A 36 -7.72 -0.08 8.36
N VAL A 37 -7.35 -1.29 8.74
CA VAL A 37 -8.30 -2.20 9.39
C VAL A 37 -7.71 -2.80 10.67
N VAL A 38 -8.59 -3.21 11.57
CA VAL A 38 -8.16 -3.80 12.83
C VAL A 38 -7.77 -5.27 12.65
N LEU A 39 -6.64 -5.50 11.99
CA LEU A 39 -6.17 -6.86 11.75
C LEU A 39 -5.94 -7.60 13.07
N ASP A 40 -5.33 -8.78 12.99
CA ASP A 40 -5.05 -9.58 14.18
C ASP A 40 -4.25 -8.79 15.20
N GLY A 41 -4.97 -8.11 16.11
CA GLY A 41 -4.33 -7.33 17.14
C GLY A 41 -3.33 -6.33 16.58
N GLU A 42 -3.56 -5.88 15.35
CA GLU A 42 -2.67 -4.93 14.70
C GLU A 42 -3.38 -4.21 13.56
N ASN A 43 -3.12 -2.92 13.41
CA ASN A 43 -3.73 -2.12 12.35
C ASN A 43 -2.80 -2.05 11.14
N LYS A 44 -3.25 -2.61 10.02
CA LYS A 44 -2.46 -2.61 8.79
C LYS A 44 -3.07 -1.66 7.76
N ARG A 45 -2.22 -1.06 6.94
CA ARG A 45 -2.67 -0.13 5.91
C ARG A 45 -2.42 -0.71 4.52
N TYR A 46 -3.43 -0.66 3.67
CA TYR A 46 -3.32 -1.18 2.31
C TYR A 46 -2.29 -0.39 1.51
N CYS A 47 -1.06 -0.89 1.47
CA CYS A 47 0.01 -0.23 0.73
C CYS A 47 -0.30 -0.19 -0.76
N GLN A 48 -0.58 1.00 -1.27
CA GLN A 48 -0.91 1.17 -2.68
C GLN A 48 0.30 0.90 -3.58
N GLN A 49 1.48 0.79 -2.98
CA GLN A 49 2.70 0.53 -3.74
C GLN A 49 2.87 -0.95 -4.06
N CYS A 50 2.43 -1.81 -3.15
CA CYS A 50 2.55 -3.25 -3.35
C CYS A 50 1.18 -3.93 -3.37
N GLY A 51 0.19 -3.30 -2.73
CA GLY A 51 -1.14 -3.86 -2.68
C GLY A 51 -1.37 -4.68 -1.43
N LYS A 52 -0.35 -5.42 -1.00
CA LYS A 52 -0.45 -6.25 0.19
C LYS A 52 -0.67 -5.39 1.44
N PHE A 53 -0.89 -6.05 2.56
CA PHE A 53 -1.11 -5.36 3.83
C PHE A 53 0.21 -5.10 4.54
N HIS A 54 0.40 -3.86 5.01
CA HIS A 54 1.61 -3.48 5.71
C HIS A 54 1.30 -2.92 7.10
N LEU A 55 2.29 -2.99 7.98
CA LEU A 55 2.13 -2.48 9.34
C LEU A 55 2.21 -0.95 9.36
N LEU A 56 1.18 -0.31 9.90
CA LEU A 56 1.14 1.15 9.96
C LEU A 56 2.32 1.71 10.76
N PRO A 57 2.75 1.05 11.85
CA PRO A 57 3.88 1.53 12.66
C PRO A 57 5.14 1.73 11.83
N ASP A 58 5.22 1.01 10.72
CA ASP A 58 6.38 1.11 9.83
C ASP A 58 6.47 2.50 9.20
N PHE A 59 5.34 2.98 8.67
CA PHE A 59 5.30 4.29 8.04
C PHE A 59 4.12 5.11 8.56
N ASP A 60 4.37 6.39 8.82
CA ASP A 60 3.34 7.29 9.32
C ASP A 60 2.36 7.67 8.22
N GLU A 61 1.40 8.52 8.54
CA GLU A 61 0.41 8.97 7.57
C GLU A 61 1.07 9.79 6.46
N GLY A 62 0.25 10.23 5.50
CA GLY A 62 0.77 11.02 4.40
C GLY A 62 1.26 10.16 3.25
N LYS A 63 2.14 9.20 3.55
CA LYS A 63 2.69 8.32 2.55
C LYS A 63 1.89 7.02 2.47
N ARG A 64 1.46 6.66 1.27
CA ARG A 64 0.69 5.44 1.06
C ARG A 64 1.59 4.32 0.55
N SER A 65 2.85 4.34 0.97
CA SER A 65 3.81 3.32 0.55
C SER A 65 4.81 3.04 1.66
N CYS A 66 5.17 1.77 1.81
CA CYS A 66 6.13 1.35 2.84
C CYS A 66 7.44 2.10 2.69
N ARG A 67 7.96 2.61 3.80
CA ARG A 67 9.22 3.35 3.80
C ARG A 67 10.36 2.48 3.27
N ARG A 68 10.65 2.61 1.99
CA ARG A 68 11.72 1.84 1.37
C ARG A 68 12.59 2.73 0.48
N LYS A 69 13.61 2.14 -0.12
CA LYS A 69 14.52 2.88 -1.00
C LYS A 69 13.75 3.49 -2.16
N LEU A 70 13.47 4.79 -2.06
CA LEU A 70 12.76 5.50 -3.11
C LEU A 70 13.63 6.57 -3.74
N GLU A 71 13.38 6.86 -5.01
CA GLU A 71 14.15 7.87 -5.74
C GLU A 71 13.46 9.22 -5.70
N ARG A 72 14.14 10.22 -5.13
CA ARG A 72 13.59 11.57 -5.03
C ARG A 72 12.33 11.56 -4.18
N HIS A 73 11.96 12.74 -3.66
CA HIS A 73 10.77 12.88 -2.84
C HIS A 73 9.60 13.43 -3.65
N ASN A 74 8.43 12.85 -3.44
CA ASN A 74 7.23 13.28 -4.16
C ASN A 74 6.27 14.01 -3.22
N ASN A 75 6.82 14.79 -2.30
CA ASN A 75 6.02 15.54 -1.33
C ASN A 75 6.07 17.03 -1.61
N ARG A 76 5.19 17.79 -0.97
CA ARG A 76 5.14 19.23 -1.15
C ARG A 76 4.86 19.59 -2.61
N ARG A 77 3.57 19.69 -2.95
CA ARG A 77 3.17 20.03 -4.30
C ARG A 77 1.94 20.94 -4.30
N LYS A 78 0.94 20.56 -3.51
CA LYS A 78 -0.29 21.33 -3.41
C LYS A 78 -0.45 21.92 -2.01
N ARG A 79 -1.09 23.08 -1.93
CA ARG A 79 -1.32 23.75 -0.65
C ARG A 79 -2.78 24.16 -0.51
N LYS A 80 -3.40 23.73 0.59
CA LYS A 80 -4.80 24.06 0.85
C LYS A 80 -5.19 23.68 2.27
N PRO A 81 -4.93 24.57 3.24
CA PRO A 81 -5.26 24.33 4.64
C PRO A 81 -6.76 24.38 4.91
N VAL A 82 -7.35 23.23 5.19
CA VAL A 82 -8.78 23.15 5.46
C VAL A 82 -9.05 22.25 6.68
N ASP A 83 -10.13 22.55 7.39
CA ASP A 83 -10.50 21.78 8.57
C ASP A 83 -11.99 21.90 8.86
N LYS A 84 -12.43 23.12 9.20
CA LYS A 84 -13.83 23.38 9.50
C LYS A 84 -14.31 22.53 10.67
N GLY A 85 -14.35 23.14 11.86
CA GLY A 85 -14.78 22.44 13.04
C GLY A 85 -16.29 22.26 13.10
N GLY A 86 -17.02 23.20 12.51
CA GLY A 86 -18.46 23.14 12.50
C GLY A 86 -19.10 24.30 13.23
N VAL A 87 -18.41 24.82 14.24
CA VAL A 87 -18.91 25.95 15.02
C VAL A 87 -18.48 27.27 14.41
N ALA A 88 -17.38 27.25 13.67
CA ALA A 88 -16.86 28.46 13.04
C ALA A 88 -17.20 28.50 11.56
N VAL A 3 -8.92 -17.81 -5.62
CA VAL A 3 -10.24 -17.32 -5.14
C VAL A 3 -10.10 -16.09 -4.27
N ALA A 4 -10.60 -14.96 -4.78
CA ALA A 4 -10.52 -13.70 -4.05
C ALA A 4 -11.40 -13.73 -2.80
N ARG A 5 -10.79 -13.50 -1.65
CA ARG A 5 -11.51 -13.52 -0.38
C ARG A 5 -10.74 -12.77 0.70
N CYS A 6 -11.30 -11.66 1.17
CA CYS A 6 -10.66 -10.85 2.21
C CYS A 6 -10.42 -11.70 3.46
N GLN A 7 -9.17 -12.16 3.60
CA GLN A 7 -8.79 -13.01 4.74
C GLN A 7 -8.30 -12.18 5.93
N VAL A 8 -8.97 -11.08 6.22
CA VAL A 8 -8.60 -10.23 7.34
C VAL A 8 -9.32 -10.68 8.61
N PRO A 9 -8.59 -10.96 9.70
CA PRO A 9 -9.18 -11.41 10.96
C PRO A 9 -10.38 -10.56 11.38
N ASP A 10 -10.18 -9.24 11.45
CA ASP A 10 -11.25 -8.32 11.82
C ASP A 10 -12.27 -8.18 10.70
N CYS A 11 -11.85 -8.42 9.47
CA CYS A 11 -12.73 -8.30 8.31
C CYS A 11 -12.68 -9.56 7.45
N GLU A 12 -13.62 -10.47 7.69
CA GLU A 12 -13.69 -11.72 6.92
C GLU A 12 -14.68 -11.57 5.77
N ALA A 13 -14.25 -10.88 4.71
CA ALA A 13 -15.10 -10.67 3.55
C ALA A 13 -14.93 -11.78 2.53
N ASP A 14 -16.00 -12.08 1.79
CA ASP A 14 -15.98 -13.12 0.78
C ASP A 14 -16.10 -12.51 -0.62
N ILE A 15 -15.09 -11.76 -1.02
CA ILE A 15 -15.09 -11.11 -2.33
C ILE A 15 -14.56 -12.06 -3.40
N SER A 16 -15.31 -13.11 -3.69
CA SER A 16 -14.92 -14.08 -4.70
C SER A 16 -15.55 -13.77 -6.05
N GLU A 17 -15.91 -12.50 -6.26
CA GLU A 17 -16.53 -12.06 -7.51
C GLU A 17 -16.23 -10.59 -7.77
N LEU A 18 -15.09 -10.12 -7.30
CA LEU A 18 -14.69 -8.73 -7.49
C LEU A 18 -13.91 -8.55 -8.78
N LYS A 19 -13.60 -7.30 -9.11
CA LYS A 19 -12.85 -7.00 -10.33
C LYS A 19 -11.89 -5.84 -10.10
N GLY A 20 -10.59 -6.15 -10.11
CA GLY A 20 -9.59 -5.12 -9.90
C GLY A 20 -8.28 -5.68 -9.39
N TYR A 21 -7.54 -4.87 -8.64
CA TYR A 21 -6.27 -5.29 -8.08
C TYR A 21 -6.46 -5.96 -6.72
N HIS A 22 -7.54 -5.60 -6.03
CA HIS A 22 -7.83 -6.17 -4.72
C HIS A 22 -8.37 -7.59 -4.84
N LYS A 23 -8.59 -8.05 -6.07
CA LYS A 23 -9.10 -9.39 -6.31
C LYS A 23 -7.99 -10.42 -6.22
N ARG A 24 -6.81 -10.07 -6.73
CA ARG A 24 -5.67 -10.97 -6.72
C ARG A 24 -4.83 -10.78 -5.45
N HIS A 25 -5.41 -10.15 -4.44
CA HIS A 25 -4.70 -9.92 -3.18
C HIS A 25 -5.53 -10.38 -1.98
N ARG A 26 -6.62 -11.08 -2.25
CA ARG A 26 -7.50 -11.58 -1.19
C ARG A 26 -7.90 -10.46 -0.23
N VAL A 27 -8.46 -9.40 -0.79
CA VAL A 27 -8.90 -8.24 0.00
C VAL A 27 -10.11 -7.58 -0.63
N CYS A 28 -11.09 -7.24 0.20
CA CYS A 28 -12.31 -6.59 -0.29
C CYS A 28 -12.06 -5.13 -0.63
N LEU A 29 -13.01 -4.52 -1.33
CA LEU A 29 -12.90 -3.12 -1.73
C LEU A 29 -12.92 -2.20 -0.52
N ARG A 30 -13.80 -2.51 0.43
CA ARG A 30 -13.92 -1.70 1.65
C ARG A 30 -12.57 -1.52 2.33
N CYS A 31 -11.69 -2.52 2.20
CA CYS A 31 -10.37 -2.45 2.80
C CYS A 31 -9.40 -1.67 1.93
N ALA A 32 -9.62 -1.74 0.62
CA ALA A 32 -8.76 -1.04 -0.34
C ALA A 32 -8.90 0.47 -0.19
N THR A 33 -10.07 0.92 0.25
CA THR A 33 -10.33 2.34 0.43
C THR A 33 -10.31 2.72 1.91
N ALA A 34 -10.57 1.74 2.78
CA ALA A 34 -10.57 1.99 4.21
C ALA A 34 -9.27 2.62 4.68
N SER A 35 -9.34 3.36 5.78
CA SER A 35 -8.17 4.03 6.34
C SER A 35 -7.22 3.02 6.99
N PHE A 36 -7.80 2.04 7.67
CA PHE A 36 -7.01 1.01 8.34
C PHE A 36 -7.90 -0.13 8.82
N VAL A 37 -7.28 -1.25 9.18
CA VAL A 37 -8.01 -2.42 9.66
C VAL A 37 -7.35 -3.02 10.89
N VAL A 38 -8.17 -3.41 11.86
CA VAL A 38 -7.66 -3.99 13.09
C VAL A 38 -7.33 -5.47 12.90
N LEU A 39 -6.26 -5.74 12.17
CA LEU A 39 -5.84 -7.11 11.91
C LEU A 39 -5.58 -7.87 13.21
N ASP A 40 -5.05 -9.07 13.09
CA ASP A 40 -4.76 -9.90 14.26
C ASP A 40 -3.90 -9.15 15.28
N GLY A 41 -4.55 -8.47 16.20
CA GLY A 41 -3.84 -7.72 17.23
C GLY A 41 -2.81 -6.77 16.64
N GLU A 42 -3.08 -6.26 15.44
CA GLU A 42 -2.16 -5.35 14.78
C GLU A 42 -2.88 -4.54 13.70
N ASN A 43 -2.85 -3.22 13.84
CA ASN A 43 -3.50 -2.33 12.88
C ASN A 43 -2.64 -2.21 11.62
N LYS A 44 -3.10 -2.84 10.53
CA LYS A 44 -2.38 -2.79 9.27
C LYS A 44 -3.06 -1.85 8.28
N ARG A 45 -2.26 -1.22 7.43
CA ARG A 45 -2.78 -0.29 6.44
C ARG A 45 -2.64 -0.86 5.04
N TYR A 46 -3.70 -0.76 4.24
CA TYR A 46 -3.69 -1.27 2.88
C TYR A 46 -2.74 -0.48 2.00
N CYS A 47 -1.57 -1.04 1.73
CA CYS A 47 -0.57 -0.39 0.89
C CYS A 47 -0.84 -0.66 -0.58
N GLN A 48 -1.38 0.32 -1.28
CA GLN A 48 -1.70 0.18 -2.70
C GLN A 48 -0.42 0.01 -3.53
N GLN A 49 0.69 0.53 -3.02
CA GLN A 49 1.97 0.44 -3.72
C GLN A 49 2.37 -1.00 -3.96
N CYS A 50 2.11 -1.86 -2.97
CA CYS A 50 2.46 -3.28 -3.07
C CYS A 50 1.20 -4.15 -3.14
N GLY A 51 0.08 -3.63 -2.66
CA GLY A 51 -1.15 -4.39 -2.69
C GLY A 51 -1.40 -5.12 -1.38
N LYS A 52 -0.34 -5.69 -0.82
CA LYS A 52 -0.45 -6.44 0.43
C LYS A 52 -0.70 -5.50 1.61
N PHE A 53 -0.69 -6.06 2.82
CA PHE A 53 -0.92 -5.27 4.02
C PHE A 53 0.39 -4.94 4.72
N HIS A 54 0.43 -3.80 5.38
CA HIS A 54 1.63 -3.36 6.09
C HIS A 54 1.30 -2.90 7.50
N LEU A 55 2.32 -2.48 8.24
CA LEU A 55 2.15 -2.02 9.61
C LEU A 55 1.89 -0.51 9.64
N LEU A 56 1.03 -0.07 10.55
CA LEU A 56 0.71 1.34 10.68
C LEU A 56 1.86 2.13 11.31
N PRO A 57 2.54 1.60 12.33
CA PRO A 57 3.66 2.31 12.98
C PRO A 57 4.88 2.42 12.08
N ASP A 58 4.94 1.58 11.05
CA ASP A 58 6.06 1.60 10.12
C ASP A 58 5.71 2.39 8.85
N PHE A 59 4.87 3.41 9.02
CA PHE A 59 4.45 4.24 7.90
C PHE A 59 5.12 5.61 7.95
N ASP A 60 5.02 6.36 6.87
CA ASP A 60 5.61 7.69 6.80
C ASP A 60 4.76 8.71 7.55
N GLU A 61 5.06 9.99 7.35
CA GLU A 61 4.33 11.06 8.01
C GLU A 61 3.03 11.35 7.27
N GLY A 62 2.17 10.35 7.17
CA GLY A 62 0.90 10.52 6.49
C GLY A 62 1.00 10.28 5.00
N LYS A 63 1.30 9.04 4.63
CA LYS A 63 1.42 8.68 3.21
C LYS A 63 0.48 7.54 2.86
N ARG A 64 0.43 7.20 1.57
CA ARG A 64 -0.44 6.12 1.10
C ARG A 64 0.38 4.92 0.62
N SER A 65 1.65 4.89 1.00
CA SER A 65 2.54 3.78 0.62
C SER A 65 3.74 3.71 1.55
N CYS A 66 4.31 2.51 1.69
CA CYS A 66 5.46 2.30 2.55
C CYS A 66 6.69 3.00 1.97
N ARG A 67 7.64 3.35 2.84
CA ARG A 67 8.86 4.02 2.43
C ARG A 67 10.06 3.09 2.56
N ARG A 68 10.32 2.30 1.52
CA ARG A 68 11.44 1.37 1.52
C ARG A 68 12.55 1.85 0.59
N LYS A 69 12.15 2.51 -0.49
CA LYS A 69 13.13 3.03 -1.45
C LYS A 69 12.92 4.53 -1.68
N LEU A 70 12.47 5.23 -0.64
CA LEU A 70 12.24 6.66 -0.73
C LEU A 70 13.33 7.43 0.01
N GLU A 71 13.85 6.83 1.07
CA GLU A 71 14.91 7.45 1.87
C GLU A 71 16.06 6.49 2.11
N ARG A 72 17.23 7.04 2.41
CA ARG A 72 18.41 6.23 2.66
C ARG A 72 18.88 6.38 4.11
N HIS A 73 19.37 5.28 4.69
CA HIS A 73 19.85 5.30 6.06
C HIS A 73 21.31 4.86 6.14
N ASN A 74 21.59 3.64 5.71
CA ASN A 74 22.94 3.12 5.72
C ASN A 74 23.48 2.94 4.31
N ASN A 75 24.74 3.31 4.10
CA ASN A 75 25.37 3.18 2.79
C ASN A 75 24.64 4.03 1.75
N ARG A 76 25.31 5.06 1.26
CA ARG A 76 24.73 5.95 0.26
C ARG A 76 24.59 5.24 -1.10
N ARG A 77 25.51 4.32 -1.36
CA ARG A 77 25.50 3.57 -2.61
C ARG A 77 25.65 2.07 -2.35
N LYS A 78 24.94 1.27 -3.14
CA LYS A 78 24.99 -0.18 -3.00
C LYS A 78 25.70 -0.82 -4.19
N ARG A 79 25.14 -0.61 -5.38
CA ARG A 79 25.71 -1.17 -6.60
C ARG A 79 25.28 -0.38 -7.82
N LYS A 80 23.98 -0.08 -7.89
CA LYS A 80 23.43 0.68 -9.01
C LYS A 80 22.41 1.70 -8.52
N PRO A 81 22.83 2.96 -8.29
CA PRO A 81 21.94 4.02 -7.82
C PRO A 81 21.03 4.56 -8.93
N VAL A 82 21.20 4.04 -10.15
CA VAL A 82 20.39 4.48 -11.28
C VAL A 82 19.17 3.58 -11.46
N ASP A 83 18.52 3.23 -10.35
CA ASP A 83 17.34 2.37 -10.39
C ASP A 83 16.20 2.99 -9.60
N LYS A 84 15.04 3.11 -10.23
CA LYS A 84 13.87 3.68 -9.58
C LYS A 84 12.58 3.10 -10.17
N GLY A 85 12.47 3.14 -11.49
CA GLY A 85 11.29 2.64 -12.15
C GLY A 85 11.56 1.34 -12.90
N GLY A 86 10.59 0.90 -13.69
CA GLY A 86 10.74 -0.33 -14.44
C GLY A 86 9.48 -0.71 -15.19
N VAL A 87 8.94 0.22 -15.97
CA VAL A 87 7.73 -0.02 -16.73
C VAL A 87 8.04 -0.76 -18.03
N ALA A 88 9.20 -0.48 -18.61
CA ALA A 88 9.61 -1.12 -19.85
C ALA A 88 10.59 -2.25 -19.57
N VAL A 3 -8.04 -17.12 -5.79
CA VAL A 3 -9.11 -17.10 -4.75
C VAL A 3 -9.20 -15.73 -4.09
N ALA A 4 -10.06 -14.87 -4.63
CA ALA A 4 -10.24 -13.53 -4.09
C ALA A 4 -11.18 -13.55 -2.88
N ARG A 5 -10.61 -13.39 -1.70
CA ARG A 5 -11.39 -13.40 -0.46
C ARG A 5 -10.65 -12.65 0.65
N CYS A 6 -11.25 -11.55 1.13
CA CYS A 6 -10.65 -10.76 2.19
C CYS A 6 -10.41 -11.62 3.42
N GLN A 7 -9.18 -12.09 3.59
CA GLN A 7 -8.82 -12.94 4.72
C GLN A 7 -8.37 -12.12 5.93
N VAL A 8 -9.09 -11.04 6.23
CA VAL A 8 -8.76 -10.21 7.38
C VAL A 8 -9.49 -10.69 8.63
N PRO A 9 -8.76 -11.07 9.68
CA PRO A 9 -9.36 -11.55 10.93
C PRO A 9 -10.60 -10.77 11.33
N ASP A 10 -10.47 -9.45 11.39
CA ASP A 10 -11.59 -8.58 11.77
C ASP A 10 -12.57 -8.41 10.61
N CYS A 11 -12.08 -8.58 9.38
CA CYS A 11 -12.93 -8.44 8.20
C CYS A 11 -12.80 -9.65 7.27
N GLU A 12 -13.60 -10.68 7.54
CA GLU A 12 -13.59 -11.89 6.73
C GLU A 12 -14.63 -11.80 5.61
N ALA A 13 -14.32 -11.01 4.59
CA ALA A 13 -15.23 -10.83 3.46
C ALA A 13 -14.98 -11.86 2.37
N ASP A 14 -16.04 -12.21 1.65
CA ASP A 14 -15.94 -13.19 0.57
C ASP A 14 -16.11 -12.51 -0.79
N ILE A 15 -15.02 -11.91 -1.26
CA ILE A 15 -15.03 -11.21 -2.55
C ILE A 15 -14.59 -12.13 -3.68
N SER A 16 -15.11 -13.35 -3.68
CA SER A 16 -14.77 -14.33 -4.71
C SER A 16 -15.06 -13.79 -6.11
N GLU A 17 -16.07 -12.93 -6.20
CA GLU A 17 -16.44 -12.33 -7.48
C GLU A 17 -16.24 -10.82 -7.46
N LEU A 18 -14.98 -10.40 -7.40
CA LEU A 18 -14.65 -8.98 -7.37
C LEU A 18 -13.97 -8.56 -8.67
N LYS A 19 -13.67 -7.26 -8.78
CA LYS A 19 -13.02 -6.73 -9.97
C LYS A 19 -12.06 -5.61 -9.61
N GLY A 20 -10.77 -5.86 -9.76
CA GLY A 20 -9.76 -4.86 -9.44
C GLY A 20 -8.48 -5.47 -8.89
N TYR A 21 -7.54 -4.62 -8.52
CA TYR A 21 -6.27 -5.07 -7.98
C TYR A 21 -6.45 -5.71 -6.60
N HIS A 22 -7.51 -5.32 -5.90
CA HIS A 22 -7.81 -5.86 -4.58
C HIS A 22 -8.38 -7.27 -4.65
N LYS A 23 -8.60 -7.77 -5.87
CA LYS A 23 -9.14 -9.11 -6.07
C LYS A 23 -8.03 -10.16 -6.02
N ARG A 24 -6.86 -9.80 -6.56
CA ARG A 24 -5.72 -10.71 -6.59
C ARG A 24 -4.84 -10.52 -5.36
N HIS A 25 -5.42 -10.03 -4.27
CA HIS A 25 -4.67 -9.82 -3.04
C HIS A 25 -5.49 -10.23 -1.80
N ARG A 26 -6.56 -10.99 -2.03
CA ARG A 26 -7.41 -11.45 -0.94
C ARG A 26 -7.82 -10.30 -0.03
N VAL A 27 -8.48 -9.29 -0.61
CA VAL A 27 -8.93 -8.13 0.15
C VAL A 27 -10.12 -7.47 -0.54
N CYS A 28 -11.06 -6.97 0.26
CA CYS A 28 -12.24 -6.31 -0.27
C CYS A 28 -11.99 -4.84 -0.55
N LEU A 29 -12.91 -4.21 -1.30
CA LEU A 29 -12.78 -2.80 -1.63
C LEU A 29 -12.89 -1.92 -0.39
N ARG A 30 -13.68 -2.38 0.57
CA ARG A 30 -13.86 -1.63 1.82
C ARG A 30 -12.54 -1.43 2.55
N CYS A 31 -11.66 -2.41 2.43
CA CYS A 31 -10.35 -2.33 3.08
C CYS A 31 -9.36 -1.55 2.22
N ALA A 32 -9.57 -1.57 0.91
CA ALA A 32 -8.68 -0.86 -0.02
C ALA A 32 -8.83 0.65 0.15
N THR A 33 -10.03 1.09 0.52
CA THR A 33 -10.30 2.51 0.70
C THR A 33 -10.31 2.89 2.18
N ALA A 34 -10.60 1.91 3.04
CA ALA A 34 -10.64 2.15 4.48
C ALA A 34 -9.32 2.73 4.98
N SER A 35 -9.39 3.44 6.09
CA SER A 35 -8.21 4.06 6.68
C SER A 35 -7.23 3.00 7.19
N PHE A 36 -7.78 1.95 7.80
CA PHE A 36 -6.96 0.86 8.33
C PHE A 36 -7.82 -0.35 8.68
N VAL A 37 -7.17 -1.43 9.08
CA VAL A 37 -7.88 -2.66 9.46
C VAL A 37 -7.38 -3.18 10.79
N VAL A 38 -8.31 -3.62 11.64
CA VAL A 38 -7.96 -4.16 12.95
C VAL A 38 -7.60 -5.64 12.85
N LEU A 39 -6.49 -5.92 12.20
CA LEU A 39 -6.04 -7.31 12.03
C LEU A 39 -5.80 -7.96 13.39
N ASP A 40 -5.25 -9.18 13.37
CA ASP A 40 -4.98 -9.91 14.60
C ASP A 40 -4.09 -9.10 15.54
N GLY A 41 -4.71 -8.31 16.41
CA GLY A 41 -3.96 -7.50 17.35
C GLY A 41 -2.92 -6.62 16.67
N GLU A 42 -3.16 -6.30 15.41
CA GLU A 42 -2.24 -5.46 14.64
C GLU A 42 -2.99 -4.63 13.60
N ASN A 43 -2.84 -3.31 13.69
CA ASN A 43 -3.49 -2.41 12.75
C ASN A 43 -2.64 -2.19 11.52
N LYS A 44 -3.03 -2.82 10.41
CA LYS A 44 -2.29 -2.70 9.16
C LYS A 44 -3.04 -1.82 8.16
N ARG A 45 -2.29 -1.21 7.25
CA ARG A 45 -2.88 -0.35 6.23
C ARG A 45 -2.68 -0.94 4.84
N TYR A 46 -3.66 -0.74 3.96
CA TYR A 46 -3.58 -1.25 2.59
C TYR A 46 -2.55 -0.48 1.79
N CYS A 47 -1.57 -1.20 1.23
CA CYS A 47 -0.52 -0.59 0.43
C CYS A 47 -0.84 -0.72 -1.06
N GLN A 48 -1.17 0.40 -1.69
CA GLN A 48 -1.50 0.41 -3.11
C GLN A 48 -0.26 0.19 -3.98
N GLN A 49 0.92 0.19 -3.35
CA GLN A 49 2.17 0.00 -4.09
C GLN A 49 2.53 -1.48 -4.18
N CYS A 50 2.12 -2.26 -3.20
CA CYS A 50 2.41 -3.69 -3.18
C CYS A 50 1.13 -4.53 -3.17
N GLY A 51 0.05 -3.96 -2.63
CA GLY A 51 -1.21 -4.67 -2.57
C GLY A 51 -1.41 -5.38 -1.25
N LYS A 52 -0.34 -5.98 -0.73
CA LYS A 52 -0.40 -6.70 0.54
C LYS A 52 -0.68 -5.74 1.69
N PHE A 53 -0.68 -6.25 2.91
CA PHE A 53 -0.93 -5.44 4.09
C PHE A 53 0.37 -5.07 4.79
N HIS A 54 0.42 -3.86 5.35
CA HIS A 54 1.62 -3.39 6.03
C HIS A 54 1.27 -2.84 7.41
N LEU A 55 2.29 -2.64 8.24
CA LEU A 55 2.08 -2.12 9.59
C LEU A 55 1.84 -0.60 9.56
N LEU A 56 0.94 -0.13 10.42
CA LEU A 56 0.62 1.29 10.48
C LEU A 56 1.82 2.13 10.93
N PRO A 57 2.60 1.67 11.93
CA PRO A 57 3.76 2.42 12.42
C PRO A 57 4.84 2.58 11.35
N ASP A 58 4.74 1.81 10.28
CA ASP A 58 5.71 1.87 9.19
C ASP A 58 5.20 2.78 8.07
N PHE A 59 4.56 3.89 8.46
CA PHE A 59 4.04 4.84 7.50
C PHE A 59 4.56 6.24 7.78
N ASP A 60 4.36 7.14 6.82
CA ASP A 60 4.82 8.52 6.96
C ASP A 60 3.74 9.50 6.53
N GLU A 61 3.74 10.69 7.12
CA GLU A 61 2.75 11.72 6.79
C GLU A 61 2.99 12.26 5.39
N GLY A 62 2.23 11.76 4.42
CA GLY A 62 2.38 12.22 3.04
C GLY A 62 2.05 11.14 2.04
N LYS A 63 2.86 10.09 2.01
CA LYS A 63 2.65 8.99 1.08
C LYS A 63 1.63 8.01 1.63
N ARG A 64 1.17 7.10 0.78
CA ARG A 64 0.18 6.10 1.19
C ARG A 64 0.74 4.69 0.99
N SER A 65 2.05 4.54 1.14
CA SER A 65 2.70 3.25 0.99
C SER A 65 3.88 3.11 1.95
N CYS A 66 4.44 1.91 2.01
CA CYS A 66 5.57 1.64 2.89
C CYS A 66 6.75 2.55 2.56
N ARG A 67 7.66 2.70 3.52
CA ARG A 67 8.84 3.54 3.32
C ARG A 67 10.07 2.69 3.02
N ARG A 68 10.13 2.14 1.81
CA ARG A 68 11.25 1.31 1.40
C ARG A 68 11.88 1.83 0.11
N LYS A 69 12.97 2.58 0.25
CA LYS A 69 13.66 3.15 -0.90
C LYS A 69 12.78 4.13 -1.65
N LEU A 70 13.25 5.37 -1.79
CA LEU A 70 12.50 6.40 -2.48
C LEU A 70 13.43 7.36 -3.22
N GLU A 71 13.13 7.60 -4.49
CA GLU A 71 13.95 8.49 -5.30
C GLU A 71 13.19 8.95 -6.54
N ARG A 72 12.13 9.71 -6.33
CA ARG A 72 11.31 10.22 -7.43
C ARG A 72 10.72 9.07 -8.24
N HIS A 73 10.01 9.41 -9.32
CA HIS A 73 9.40 8.40 -10.17
C HIS A 73 10.08 8.36 -11.53
N ASN A 74 10.24 7.16 -12.08
CA ASN A 74 10.87 6.99 -13.38
C ASN A 74 9.94 6.26 -14.35
N ASN A 75 10.34 6.20 -15.61
CA ASN A 75 9.55 5.54 -16.64
C ASN A 75 10.34 4.44 -17.32
N ARG A 76 11.18 3.75 -16.55
CA ARG A 76 12.00 2.68 -17.09
C ARG A 76 12.44 1.72 -15.98
N ARG A 77 11.85 0.53 -15.97
CA ARG A 77 12.17 -0.48 -14.97
C ARG A 77 13.32 -1.36 -15.44
N LYS A 78 14.14 -1.80 -14.49
CA LYS A 78 15.28 -2.65 -14.82
C LYS A 78 15.40 -3.80 -13.81
N ARG A 79 16.08 -4.87 -14.23
CA ARG A 79 16.27 -6.03 -13.36
C ARG A 79 17.72 -6.50 -13.38
N LYS A 80 18.17 -6.96 -14.54
CA LYS A 80 19.54 -7.43 -14.69
C LYS A 80 20.08 -7.11 -16.08
N PRO A 81 21.40 -7.22 -16.28
CA PRO A 81 22.04 -6.95 -17.57
C PRO A 81 21.64 -7.96 -18.64
N VAL A 82 22.32 -7.91 -19.78
CA VAL A 82 22.03 -8.83 -20.88
C VAL A 82 23.05 -9.96 -20.93
N ASP A 83 22.61 -11.11 -21.43
CA ASP A 83 23.49 -12.28 -21.53
C ASP A 83 23.48 -12.84 -22.96
N LYS A 84 24.62 -12.76 -23.62
CA LYS A 84 24.75 -13.25 -24.99
C LYS A 84 23.79 -12.52 -25.92
N GLY A 85 23.96 -12.74 -27.22
CA GLY A 85 23.11 -12.09 -28.20
C GLY A 85 23.35 -12.60 -29.60
N GLY A 86 23.12 -11.73 -30.60
CA GLY A 86 23.32 -12.12 -31.98
C GLY A 86 24.63 -11.60 -32.54
N VAL A 87 24.92 -11.97 -33.78
CA VAL A 87 26.15 -11.52 -34.44
C VAL A 87 25.93 -10.22 -35.21
N ALA A 88 24.71 -10.01 -35.67
CA ALA A 88 24.37 -8.80 -36.43
C ALA A 88 22.97 -8.33 -36.10
N VAL A 3 -8.24 -17.72 -5.41
CA VAL A 3 -9.63 -17.37 -5.01
C VAL A 3 -9.66 -16.08 -4.21
N ALA A 4 -10.27 -15.04 -4.79
CA ALA A 4 -10.37 -13.75 -4.13
C ALA A 4 -11.25 -13.83 -2.89
N ARG A 5 -10.65 -13.57 -1.73
CA ARG A 5 -11.38 -13.62 -0.47
C ARG A 5 -10.65 -12.84 0.62
N CYS A 6 -11.29 -11.77 1.10
CA CYS A 6 -10.70 -10.94 2.15
C CYS A 6 -10.44 -11.79 3.40
N GLN A 7 -9.19 -12.24 3.55
CA GLN A 7 -8.81 -13.07 4.69
C GLN A 7 -8.36 -12.24 5.88
N VAL A 8 -9.08 -11.16 6.17
CA VAL A 8 -8.75 -10.32 7.31
C VAL A 8 -9.48 -10.79 8.56
N PRO A 9 -8.76 -11.01 9.67
CA PRO A 9 -9.35 -11.48 10.92
C PRO A 9 -10.60 -10.69 11.31
N ASP A 10 -10.44 -9.38 11.45
CA ASP A 10 -11.55 -8.51 11.83
C ASP A 10 -12.55 -8.37 10.68
N CYS A 11 -12.12 -8.69 9.46
CA CYS A 11 -13.00 -8.58 8.29
C CYS A 11 -12.90 -9.83 7.42
N GLU A 12 -13.89 -10.70 7.53
CA GLU A 12 -13.92 -11.93 6.74
C GLU A 12 -14.88 -11.78 5.56
N ALA A 13 -14.41 -11.10 4.51
CA ALA A 13 -15.23 -10.87 3.33
C ALA A 13 -15.07 -12.00 2.31
N ASP A 14 -16.15 -12.30 1.60
CA ASP A 14 -16.13 -13.36 0.60
C ASP A 14 -16.12 -12.75 -0.81
N ILE A 15 -15.21 -11.81 -1.03
CA ILE A 15 -15.08 -11.16 -2.32
C ILE A 15 -14.55 -12.12 -3.39
N SER A 16 -15.36 -13.12 -3.73
CA SER A 16 -14.98 -14.10 -4.74
C SER A 16 -15.33 -13.61 -6.14
N GLU A 17 -16.37 -12.81 -6.24
CA GLU A 17 -16.81 -12.28 -7.53
C GLU A 17 -16.47 -10.80 -7.64
N LEU A 18 -15.29 -10.42 -7.16
CA LEU A 18 -14.85 -9.03 -7.22
C LEU A 18 -13.87 -8.82 -8.36
N LYS A 19 -13.61 -7.56 -8.69
CA LYS A 19 -12.69 -7.21 -9.77
C LYS A 19 -11.84 -6.00 -9.40
N GLY A 20 -10.62 -5.97 -9.91
CA GLY A 20 -9.72 -4.87 -9.62
C GLY A 20 -8.38 -5.33 -9.09
N TYR A 21 -7.76 -4.50 -8.26
CA TYR A 21 -6.45 -4.84 -7.68
C TYR A 21 -6.62 -5.60 -6.37
N HIS A 22 -7.66 -5.25 -5.61
CA HIS A 22 -7.93 -5.90 -4.34
C HIS A 22 -8.34 -7.36 -4.54
N LYS A 23 -8.66 -7.72 -5.77
CA LYS A 23 -9.07 -9.09 -6.09
C LYS A 23 -7.87 -10.04 -6.03
N ARG A 24 -6.73 -9.58 -6.51
CA ARG A 24 -5.51 -10.39 -6.52
C ARG A 24 -4.69 -10.18 -5.24
N HIS A 25 -5.36 -9.84 -4.15
CA HIS A 25 -4.68 -9.62 -2.88
C HIS A 25 -5.53 -10.06 -1.69
N ARG A 26 -6.53 -10.91 -1.96
CA ARG A 26 -7.41 -11.41 -0.91
C ARG A 26 -7.88 -10.29 0.02
N VAL A 27 -8.55 -9.30 -0.55
CA VAL A 27 -9.04 -8.17 0.23
C VAL A 27 -10.24 -7.53 -0.46
N CYS A 28 -11.18 -7.01 0.33
CA CYS A 28 -12.37 -6.37 -0.21
C CYS A 28 -12.13 -4.88 -0.46
N LEU A 29 -13.01 -4.28 -1.24
CA LEU A 29 -12.91 -2.85 -1.56
C LEU A 29 -13.00 -2.01 -0.31
N ARG A 30 -13.81 -2.45 0.65
CA ARG A 30 -13.99 -1.73 1.91
C ARG A 30 -12.66 -1.56 2.63
N CYS A 31 -11.79 -2.56 2.53
CA CYS A 31 -10.48 -2.51 3.17
C CYS A 31 -9.49 -1.71 2.34
N ALA A 32 -9.69 -1.72 1.02
CA ALA A 32 -8.81 -0.99 0.12
C ALA A 32 -9.01 0.52 0.27
N THR A 33 -10.23 0.92 0.60
CA THR A 33 -10.54 2.34 0.77
C THR A 33 -10.42 2.75 2.24
N ALA A 34 -10.65 1.80 3.14
CA ALA A 34 -10.56 2.08 4.57
C ALA A 34 -9.19 2.62 4.95
N SER A 35 -9.17 3.49 5.95
CA SER A 35 -7.92 4.10 6.40
C SER A 35 -7.04 3.07 7.09
N PHE A 36 -7.66 2.10 7.73
CA PHE A 36 -6.92 1.04 8.43
C PHE A 36 -7.88 0.00 9.01
N VAL A 37 -7.44 -1.26 8.99
CA VAL A 37 -8.26 -2.35 9.52
C VAL A 37 -7.63 -2.95 10.77
N VAL A 38 -8.47 -3.36 11.71
CA VAL A 38 -7.99 -3.95 12.96
C VAL A 38 -7.65 -5.43 12.77
N LEU A 39 -6.53 -5.69 12.10
CA LEU A 39 -6.09 -7.05 11.85
C LEU A 39 -5.85 -7.79 13.16
N ASP A 40 -5.28 -8.99 13.06
CA ASP A 40 -5.00 -9.80 14.24
C ASP A 40 -4.12 -9.05 15.24
N GLY A 41 -4.77 -8.33 16.14
CA GLY A 41 -4.04 -7.56 17.15
C GLY A 41 -3.04 -6.59 16.53
N GLU A 42 -3.31 -6.16 15.31
CA GLU A 42 -2.42 -5.23 14.62
C GLU A 42 -3.17 -4.50 13.51
N ASN A 43 -3.02 -3.18 13.48
CA ASN A 43 -3.69 -2.36 12.48
C ASN A 43 -2.82 -2.25 11.22
N LYS A 44 -3.23 -2.95 10.17
CA LYS A 44 -2.49 -2.93 8.90
C LYS A 44 -3.22 -2.08 7.87
N ARG A 45 -2.45 -1.43 7.00
CA ARG A 45 -3.02 -0.57 5.96
C ARG A 45 -2.61 -1.08 4.58
N TYR A 46 -3.58 -1.14 3.67
CA TYR A 46 -3.34 -1.60 2.31
C TYR A 46 -2.33 -0.71 1.61
N CYS A 47 -1.27 -1.32 1.09
CA CYS A 47 -0.23 -0.58 0.38
C CYS A 47 -0.49 -0.58 -1.13
N GLN A 48 -0.75 0.61 -1.68
CA GLN A 48 -1.02 0.75 -3.11
C GLN A 48 0.23 0.54 -3.95
N GLN A 49 1.39 0.41 -3.28
CA GLN A 49 2.65 0.22 -3.99
C GLN A 49 3.03 -1.26 -4.06
N CYS A 50 2.54 -2.05 -3.11
CA CYS A 50 2.84 -3.48 -3.09
C CYS A 50 1.57 -4.33 -3.15
N GLY A 51 0.47 -3.78 -2.66
CA GLY A 51 -0.78 -4.50 -2.68
C GLY A 51 -1.05 -5.24 -1.37
N LYS A 52 0.00 -5.85 -0.82
CA LYS A 52 -0.11 -6.59 0.43
C LYS A 52 -0.40 -5.64 1.59
N PHE A 53 -0.60 -6.21 2.78
CA PHE A 53 -0.88 -5.41 3.96
C PHE A 53 0.41 -5.05 4.70
N HIS A 54 0.50 -3.81 5.17
CA HIS A 54 1.67 -3.34 5.89
C HIS A 54 1.31 -2.90 7.30
N LEU A 55 2.31 -2.78 8.16
CA LEU A 55 2.11 -2.36 9.53
C LEU A 55 1.97 -0.85 9.63
N LEU A 56 1.09 -0.38 10.51
CA LEU A 56 0.86 1.05 10.68
C LEU A 56 2.10 1.78 11.20
N PRO A 57 2.90 1.14 12.09
CA PRO A 57 4.11 1.77 12.63
C PRO A 57 5.25 1.80 11.61
N ASP A 58 5.00 2.42 10.47
CA ASP A 58 6.00 2.54 9.41
C ASP A 58 5.48 3.35 8.23
N PHE A 59 4.70 4.39 8.53
CA PHE A 59 4.13 5.24 7.50
C PHE A 59 4.37 6.72 7.81
N ASP A 60 4.47 7.53 6.77
CA ASP A 60 4.70 8.96 6.92
C ASP A 60 3.49 9.77 6.47
N GLU A 61 3.58 11.08 6.56
CA GLU A 61 2.48 11.96 6.16
C GLU A 61 2.50 12.17 4.65
N GLY A 62 1.95 11.20 3.92
CA GLY A 62 1.90 11.30 2.47
C GLY A 62 0.95 10.31 1.85
N LYS A 63 1.50 9.33 1.13
CA LYS A 63 0.69 8.31 0.48
C LYS A 63 0.54 7.08 1.38
N ARG A 64 -0.48 6.28 1.11
CA ARG A 64 -0.73 5.06 1.89
C ARG A 64 0.17 3.93 1.43
N SER A 65 1.48 4.13 1.57
CA SER A 65 2.45 3.13 1.16
C SER A 65 3.72 3.21 1.99
N CYS A 66 4.48 2.12 2.03
CA CYS A 66 5.73 2.08 2.79
C CYS A 66 6.70 3.15 2.32
N ARG A 67 7.58 3.57 3.22
CA ARG A 67 8.57 4.59 2.89
C ARG A 67 9.77 3.98 2.17
N ARG A 68 9.60 3.71 0.88
CA ARG A 68 10.66 3.13 0.07
C ARG A 68 11.15 4.11 -0.99
N LYS A 69 10.23 4.90 -1.52
CA LYS A 69 10.57 5.89 -2.53
C LYS A 69 9.37 6.77 -2.85
N LEU A 70 9.52 8.07 -2.59
CA LEU A 70 8.43 9.03 -2.85
C LEU A 70 9.00 10.38 -3.27
N GLU A 71 8.21 11.12 -4.05
CA GLU A 71 8.63 12.44 -4.53
C GLU A 71 9.84 12.33 -5.46
N ARG A 72 10.11 11.13 -5.96
CA ARG A 72 11.25 10.91 -6.85
C ARG A 72 12.55 11.35 -6.20
N HIS A 73 13.35 10.38 -5.77
CA HIS A 73 14.62 10.67 -5.13
C HIS A 73 15.55 11.44 -6.07
N ASN A 74 16.63 11.97 -5.53
CA ASN A 74 17.59 12.73 -6.34
C ASN A 74 18.89 12.97 -5.56
N ASN A 75 19.98 13.12 -6.27
CA ASN A 75 21.28 13.36 -5.66
C ASN A 75 21.75 14.79 -5.89
N ARG A 76 20.80 15.70 -5.98
CA ARG A 76 21.11 17.11 -6.21
C ARG A 76 21.87 17.29 -7.52
N ARG A 77 21.13 17.53 -8.60
CA ARG A 77 21.73 17.73 -9.92
C ARG A 77 21.51 19.15 -10.42
N LYS A 78 20.64 19.90 -9.74
CA LYS A 78 20.35 21.28 -10.14
C LYS A 78 19.76 21.33 -11.55
N ARG A 79 19.24 22.49 -11.92
CA ARG A 79 18.64 22.68 -13.24
C ARG A 79 18.94 24.07 -13.78
N LYS A 80 18.83 24.22 -15.09
CA LYS A 80 19.08 25.51 -15.74
C LYS A 80 18.06 25.76 -16.85
N PRO A 81 17.76 27.05 -17.13
CA PRO A 81 16.80 27.42 -18.17
C PRO A 81 17.10 26.75 -19.50
N VAL A 82 16.04 26.47 -20.27
CA VAL A 82 16.19 25.83 -21.57
C VAL A 82 15.77 26.77 -22.69
N ASP A 83 16.57 27.81 -22.91
CA ASP A 83 16.28 28.79 -23.95
C ASP A 83 17.46 29.73 -24.17
N LYS A 84 18.07 30.17 -23.07
CA LYS A 84 19.21 31.07 -23.15
C LYS A 84 20.36 30.43 -23.94
N GLY A 85 21.44 31.20 -24.12
CA GLY A 85 22.58 30.70 -24.86
C GLY A 85 23.89 31.26 -24.35
N GLY A 86 23.91 32.57 -24.11
CA GLY A 86 25.12 33.21 -23.63
C GLY A 86 25.35 34.57 -24.26
N VAL A 87 24.35 35.44 -24.17
CA VAL A 87 24.45 36.78 -24.73
C VAL A 87 24.62 37.82 -23.64
N ALA A 88 23.69 37.82 -22.68
CA ALA A 88 23.74 38.77 -21.58
C ALA A 88 24.22 38.10 -20.29
N VAL A 3 -7.28 -17.73 -3.55
CA VAL A 3 -8.69 -17.41 -3.89
C VAL A 3 -9.07 -16.01 -3.42
N ALA A 4 -9.68 -15.23 -4.30
CA ALA A 4 -10.09 -13.87 -3.98
C ALA A 4 -11.06 -13.87 -2.80
N ARG A 5 -10.54 -13.59 -1.61
CA ARG A 5 -11.36 -13.55 -0.41
C ARG A 5 -10.66 -12.76 0.70
N CYS A 6 -11.30 -11.67 1.12
CA CYS A 6 -10.73 -10.83 2.18
C CYS A 6 -10.52 -11.65 3.45
N GLN A 7 -9.31 -12.15 3.62
CA GLN A 7 -8.97 -12.97 4.77
C GLN A 7 -8.51 -12.14 5.96
N VAL A 8 -9.23 -11.04 6.23
CA VAL A 8 -8.90 -10.18 7.36
C VAL A 8 -9.64 -10.63 8.60
N PRO A 9 -8.93 -10.92 9.71
CA PRO A 9 -9.55 -11.37 10.96
C PRO A 9 -10.76 -10.51 11.34
N ASP A 10 -10.58 -9.19 11.33
CA ASP A 10 -11.64 -8.27 11.68
C ASP A 10 -12.64 -8.12 10.53
N CYS A 11 -12.21 -8.48 9.32
CA CYS A 11 -13.07 -8.37 8.15
C CYS A 11 -12.96 -9.61 7.26
N GLU A 12 -13.82 -10.59 7.52
CA GLU A 12 -13.82 -11.82 6.73
C GLU A 12 -14.81 -11.71 5.58
N ALA A 13 -14.44 -10.93 4.57
CA ALA A 13 -15.29 -10.71 3.41
C ALA A 13 -15.03 -11.74 2.31
N ASP A 14 -16.03 -11.96 1.48
CA ASP A 14 -15.93 -12.91 0.38
C ASP A 14 -15.93 -12.19 -0.97
N ILE A 15 -14.76 -11.81 -1.43
CA ILE A 15 -14.62 -11.10 -2.70
C ILE A 15 -14.29 -12.06 -3.84
N SER A 16 -14.79 -13.29 -3.74
CA SER A 16 -14.54 -14.29 -4.77
C SER A 16 -15.06 -13.83 -6.13
N GLU A 17 -16.09 -12.98 -6.10
CA GLU A 17 -16.69 -12.47 -7.34
C GLU A 17 -16.58 -10.95 -7.40
N LEU A 18 -15.36 -10.43 -7.28
CA LEU A 18 -15.13 -9.00 -7.32
C LEU A 18 -14.34 -8.61 -8.57
N LYS A 19 -14.11 -7.32 -8.74
CA LYS A 19 -13.36 -6.82 -9.90
C LYS A 19 -12.42 -5.69 -9.49
N GLY A 20 -11.13 -5.99 -9.44
CA GLY A 20 -10.15 -4.99 -9.06
C GLY A 20 -8.88 -5.60 -8.52
N TYR A 21 -7.90 -4.76 -8.21
CA TYR A 21 -6.62 -5.23 -7.68
C TYR A 21 -6.82 -5.98 -6.37
N HIS A 22 -7.83 -5.58 -5.61
CA HIS A 22 -8.12 -6.21 -4.33
C HIS A 22 -8.45 -7.70 -4.51
N LYS A 23 -8.81 -8.07 -5.74
CA LYS A 23 -9.14 -9.45 -6.03
C LYS A 23 -7.91 -10.35 -5.92
N ARG A 24 -6.80 -9.89 -6.47
CA ARG A 24 -5.55 -10.65 -6.43
C ARG A 24 -4.72 -10.31 -5.19
N HIS A 25 -5.39 -9.96 -4.10
CA HIS A 25 -4.69 -9.62 -2.87
C HIS A 25 -5.49 -10.06 -1.63
N ARG A 26 -6.44 -10.98 -1.83
CA ARG A 26 -7.26 -11.48 -0.73
C ARG A 26 -7.79 -10.34 0.13
N VAL A 27 -8.46 -9.38 -0.51
CA VAL A 27 -9.02 -8.24 0.21
C VAL A 27 -10.25 -7.70 -0.52
N CYS A 28 -11.09 -6.97 0.21
CA CYS A 28 -12.31 -6.41 -0.38
C CYS A 28 -12.14 -4.93 -0.69
N LEU A 29 -13.06 -4.37 -1.46
CA LEU A 29 -13.02 -2.96 -1.84
C LEU A 29 -13.12 -2.07 -0.60
N ARG A 30 -13.93 -2.47 0.36
CA ARG A 30 -14.11 -1.71 1.59
C ARG A 30 -12.78 -1.48 2.30
N CYS A 31 -11.89 -2.46 2.21
CA CYS A 31 -10.59 -2.36 2.85
C CYS A 31 -9.61 -1.57 1.97
N ALA A 32 -9.80 -1.65 0.66
CA ALA A 32 -8.95 -0.95 -0.28
C ALA A 32 -9.06 0.56 -0.10
N THR A 33 -10.29 1.03 0.12
CA THR A 33 -10.53 2.46 0.30
C THR A 33 -10.44 2.85 1.77
N ALA A 34 -10.74 1.89 2.66
CA ALA A 34 -10.68 2.15 4.09
C ALA A 34 -9.30 2.63 4.52
N SER A 35 -9.26 3.45 5.56
CA SER A 35 -8.01 3.98 6.07
C SER A 35 -7.11 2.86 6.61
N PHE A 36 -7.59 2.18 7.64
CA PHE A 36 -6.84 1.08 8.26
C PHE A 36 -7.76 -0.09 8.58
N VAL A 37 -7.17 -1.17 9.07
CA VAL A 37 -7.92 -2.37 9.42
C VAL A 37 -7.37 -3.01 10.69
N VAL A 38 -8.27 -3.44 11.58
CA VAL A 38 -7.87 -4.07 12.82
C VAL A 38 -7.55 -5.54 12.61
N LEU A 39 -6.45 -5.80 11.90
CA LEU A 39 -6.02 -7.16 11.62
C LEU A 39 -5.79 -7.94 12.92
N ASP A 40 -5.24 -9.14 12.80
CA ASP A 40 -4.96 -9.99 13.96
C ASP A 40 -4.08 -9.26 14.97
N GLY A 41 -4.72 -8.54 15.89
CA GLY A 41 -3.98 -7.81 16.89
C GLY A 41 -2.92 -6.89 16.31
N GLU A 42 -3.20 -6.37 15.11
CA GLU A 42 -2.26 -5.47 14.44
C GLU A 42 -2.98 -4.63 13.39
N ASN A 43 -2.89 -3.31 13.53
CA ASN A 43 -3.52 -2.40 12.59
C ASN A 43 -2.66 -2.22 11.35
N LYS A 44 -3.00 -2.94 10.29
CA LYS A 44 -2.25 -2.88 9.04
C LYS A 44 -2.96 -1.96 8.03
N ARG A 45 -2.17 -1.34 7.16
CA ARG A 45 -2.71 -0.44 6.15
C ARG A 45 -2.51 -1.02 4.75
N TYR A 46 -3.51 -0.86 3.89
CA TYR A 46 -3.43 -1.36 2.52
C TYR A 46 -2.42 -0.58 1.70
N CYS A 47 -1.24 -1.15 1.51
CA CYS A 47 -0.19 -0.50 0.73
C CYS A 47 -0.54 -0.49 -0.75
N GLN A 48 -0.84 0.70 -1.27
CA GLN A 48 -1.20 0.86 -2.67
C GLN A 48 0.00 0.65 -3.59
N GLN A 49 1.19 0.60 -3.01
CA GLN A 49 2.42 0.41 -3.79
C GLN A 49 2.76 -1.06 -3.95
N CYS A 50 2.33 -1.88 -3.00
CA CYS A 50 2.60 -3.32 -3.04
C CYS A 50 1.31 -4.13 -3.17
N GLY A 51 0.20 -3.55 -2.73
CA GLY A 51 -1.07 -4.26 -2.80
C GLY A 51 -1.40 -4.99 -1.52
N LYS A 52 -0.39 -5.59 -0.91
CA LYS A 52 -0.57 -6.34 0.33
C LYS A 52 -0.79 -5.38 1.50
N PHE A 53 -0.79 -5.94 2.71
CA PHE A 53 -0.99 -5.14 3.93
C PHE A 53 0.35 -4.84 4.61
N HIS A 54 0.42 -3.71 5.29
CA HIS A 54 1.64 -3.31 5.98
C HIS A 54 1.31 -2.76 7.37
N LEU A 55 2.28 -2.86 8.28
CA LEU A 55 2.10 -2.36 9.64
C LEU A 55 1.98 -0.84 9.67
N LEU A 56 1.21 -0.34 10.63
CA LEU A 56 1.00 1.10 10.77
C LEU A 56 2.27 1.82 11.24
N PRO A 57 3.04 1.21 12.18
CA PRO A 57 4.27 1.84 12.69
C PRO A 57 5.39 1.89 11.64
N ASP A 58 5.18 1.22 10.51
CA ASP A 58 6.17 1.20 9.45
C ASP A 58 5.86 2.26 8.39
N PHE A 59 5.14 3.31 8.79
CA PHE A 59 4.78 4.39 7.88
C PHE A 59 5.34 5.72 8.37
N ASP A 60 5.44 6.68 7.47
CA ASP A 60 5.96 8.00 7.81
C ASP A 60 4.82 8.98 8.07
N GLU A 61 5.16 10.15 8.63
CA GLU A 61 4.16 11.17 8.93
C GLU A 61 3.72 11.89 7.67
N GLY A 62 2.41 11.94 7.45
CA GLY A 62 1.89 12.61 6.26
C GLY A 62 1.60 11.64 5.14
N LYS A 63 2.35 10.55 5.09
CA LYS A 63 2.17 9.54 4.05
C LYS A 63 1.34 8.37 4.56
N ARG A 64 0.78 7.59 3.63
CA ARG A 64 -0.05 6.44 4.00
C ARG A 64 0.28 5.24 3.12
N SER A 65 1.56 5.06 2.83
CA SER A 65 2.01 3.95 2.00
C SER A 65 3.46 3.59 2.32
N CYS A 66 3.99 2.61 1.58
CA CYS A 66 5.37 2.16 1.78
C CYS A 66 6.33 3.34 1.82
N ARG A 67 7.30 3.27 2.73
CA ARG A 67 8.29 4.33 2.89
C ARG A 67 9.42 4.16 1.88
N ARG A 68 9.21 4.68 0.67
CA ARG A 68 10.21 4.58 -0.39
C ARG A 68 10.40 5.94 -1.08
N LYS A 69 10.20 7.01 -0.33
CA LYS A 69 10.35 8.37 -0.86
C LYS A 69 9.42 8.58 -2.05
N LEU A 70 8.18 8.95 -1.76
CA LEU A 70 7.18 9.19 -2.80
C LEU A 70 6.94 10.69 -2.99
N GLU A 71 7.08 11.44 -1.90
CA GLU A 71 6.87 12.88 -1.93
C GLU A 71 7.51 13.56 -0.72
N ARG A 72 8.37 14.53 -0.97
CA ARG A 72 9.06 15.25 0.11
C ARG A 72 8.36 16.59 0.38
N HIS A 73 7.74 17.15 -0.65
CA HIS A 73 7.04 18.42 -0.51
C HIS A 73 5.55 18.20 -0.33
N ASN A 74 4.99 18.85 0.70
CA ASN A 74 3.56 18.72 0.99
C ASN A 74 3.14 19.72 2.06
N ASN A 75 1.82 19.89 2.22
CA ASN A 75 1.29 20.82 3.21
C ASN A 75 0.10 20.19 3.95
N ARG A 76 -0.15 20.67 5.17
CA ARG A 76 -1.25 20.16 5.97
C ARG A 76 -2.56 20.85 5.61
N ARG A 77 -2.49 22.17 5.46
CA ARG A 77 -3.67 22.95 5.10
C ARG A 77 -3.33 24.03 4.07
N LYS A 78 -3.98 23.97 2.92
CA LYS A 78 -3.75 24.94 1.86
C LYS A 78 -4.42 26.28 2.18
N ARG A 79 -3.61 27.30 2.38
CA ARG A 79 -4.12 28.64 2.69
C ARG A 79 -4.82 29.25 1.48
N LYS A 80 -4.21 29.09 0.31
CA LYS A 80 -4.76 29.62 -0.93
C LYS A 80 -4.09 28.98 -2.14
N PRO A 81 -4.73 29.08 -3.32
CA PRO A 81 -4.20 28.50 -4.56
C PRO A 81 -2.84 29.08 -4.93
N VAL A 82 -1.78 28.38 -4.56
CA VAL A 82 -0.42 28.82 -4.85
C VAL A 82 0.07 28.27 -6.18
N ASP A 83 1.05 28.94 -6.76
CA ASP A 83 1.61 28.51 -8.04
C ASP A 83 3.12 28.38 -7.97
N LYS A 84 3.69 27.54 -8.83
CA LYS A 84 5.13 27.33 -8.86
C LYS A 84 5.53 26.42 -10.01
N GLY A 85 6.75 26.56 -10.49
CA GLY A 85 7.24 25.73 -11.59
C GLY A 85 7.18 24.26 -11.26
N GLY A 86 7.88 23.45 -12.06
CA GLY A 86 7.91 22.02 -11.83
C GLY A 86 8.83 21.29 -12.79
N VAL A 87 8.84 21.75 -14.04
CA VAL A 87 9.68 21.13 -15.07
C VAL A 87 10.92 21.98 -15.35
N ALA A 88 10.76 23.30 -15.20
CA ALA A 88 11.86 24.22 -15.44
C ALA A 88 12.54 24.62 -14.14
N VAL A 3 -5.93 -16.15 -4.09
CA VAL A 3 -7.39 -16.42 -3.95
C VAL A 3 -8.16 -15.15 -3.59
N ALA A 4 -9.03 -14.72 -4.49
CA ALA A 4 -9.83 -13.52 -4.27
C ALA A 4 -10.73 -13.67 -3.06
N ARG A 5 -10.19 -13.39 -1.88
CA ARG A 5 -10.95 -13.50 -0.64
C ARG A 5 -10.30 -12.68 0.47
N CYS A 6 -11.03 -11.69 0.98
CA CYS A 6 -10.52 -10.84 2.06
C CYS A 6 -10.24 -11.69 3.29
N GLN A 7 -8.98 -12.12 3.41
CA GLN A 7 -8.56 -12.96 4.53
C GLN A 7 -8.14 -12.12 5.74
N VAL A 8 -8.90 -11.08 6.05
CA VAL A 8 -8.59 -10.21 7.19
C VAL A 8 -9.29 -10.74 8.44
N PRO A 9 -8.54 -10.96 9.54
CA PRO A 9 -9.10 -11.45 10.79
C PRO A 9 -10.39 -10.74 11.19
N ASP A 10 -10.33 -9.41 11.25
CA ASP A 10 -11.48 -8.61 11.62
C ASP A 10 -12.48 -8.51 10.46
N CYS A 11 -12.03 -8.82 9.25
CA CYS A 11 -12.89 -8.75 8.08
C CYS A 11 -12.67 -9.95 7.15
N GLU A 12 -13.40 -11.03 7.41
CA GLU A 12 -13.28 -12.23 6.58
C GLU A 12 -14.34 -12.22 5.49
N ALA A 13 -14.15 -11.36 4.49
CA ALA A 13 -15.08 -11.25 3.38
C ALA A 13 -14.74 -12.19 2.24
N ASP A 14 -15.73 -12.47 1.40
CA ASP A 14 -15.54 -13.35 0.26
C ASP A 14 -15.65 -12.58 -1.05
N ILE A 15 -14.52 -12.05 -1.51
CA ILE A 15 -14.48 -11.28 -2.75
C ILE A 15 -14.11 -12.16 -3.94
N SER A 16 -14.67 -13.35 -3.99
CA SER A 16 -14.40 -14.29 -5.07
C SER A 16 -15.03 -13.80 -6.38
N GLU A 17 -16.06 -12.97 -6.27
CA GLU A 17 -16.75 -12.44 -7.44
C GLU A 17 -16.41 -10.97 -7.67
N LEU A 18 -16.01 -10.28 -6.62
CA LEU A 18 -15.64 -8.87 -6.73
C LEU A 18 -14.57 -8.66 -7.80
N LYS A 19 -14.54 -7.45 -8.35
CA LYS A 19 -13.57 -7.11 -9.39
C LYS A 19 -12.74 -5.90 -8.98
N GLY A 20 -11.48 -5.88 -9.42
CA GLY A 20 -10.61 -4.77 -9.09
C GLY A 20 -9.27 -5.23 -8.53
N TYR A 21 -8.42 -4.27 -8.16
CA TYR A 21 -7.12 -4.59 -7.60
C TYR A 21 -7.25 -5.39 -6.31
N HIS A 22 -8.22 -5.01 -5.49
CA HIS A 22 -8.46 -5.69 -4.21
C HIS A 22 -8.73 -7.19 -4.42
N LYS A 23 -9.13 -7.55 -5.64
CA LYS A 23 -9.42 -8.95 -5.95
C LYS A 23 -8.14 -9.79 -5.96
N ARG A 24 -7.08 -9.25 -6.58
CA ARG A 24 -5.81 -9.97 -6.65
C ARG A 24 -4.91 -9.60 -5.47
N HIS A 25 -5.51 -9.39 -4.30
CA HIS A 25 -4.74 -9.04 -3.11
C HIS A 25 -5.43 -9.55 -1.83
N ARG A 26 -6.33 -10.52 -1.99
CA ARG A 26 -7.05 -11.09 -0.85
C ARG A 26 -7.63 -10.00 0.05
N VAL A 27 -8.33 -9.04 -0.58
CA VAL A 27 -8.94 -7.94 0.16
C VAL A 27 -10.21 -7.49 -0.55
N CYS A 28 -11.11 -6.85 0.21
CA CYS A 28 -12.36 -6.37 -0.35
C CYS A 28 -12.34 -4.86 -0.59
N LEU A 29 -13.32 -4.36 -1.31
CA LEU A 29 -13.41 -2.93 -1.60
C LEU A 29 -13.58 -2.12 -0.32
N ARG A 30 -14.36 -2.66 0.61
CA ARG A 30 -14.60 -1.98 1.88
C ARG A 30 -13.30 -1.67 2.60
N CYS A 31 -12.31 -2.55 2.44
CA CYS A 31 -11.02 -2.37 3.07
C CYS A 31 -10.13 -1.44 2.24
N ALA A 32 -10.32 -1.46 0.93
CA ALA A 32 -9.55 -0.62 0.03
C ALA A 32 -9.81 0.86 0.30
N THR A 33 -11.04 1.18 0.70
CA THR A 33 -11.41 2.56 1.00
C THR A 33 -11.29 2.85 2.49
N ALA A 34 -11.41 1.80 3.31
CA ALA A 34 -11.32 1.96 4.75
C ALA A 34 -9.95 2.48 5.18
N SER A 35 -8.98 2.39 4.28
CA SER A 35 -7.62 2.85 4.56
C SER A 35 -6.90 1.89 5.51
N PHE A 36 -7.43 1.78 6.74
CA PHE A 36 -6.83 0.90 7.73
C PHE A 36 -7.86 -0.09 8.26
N VAL A 37 -7.39 -1.23 8.75
CA VAL A 37 -8.27 -2.26 9.29
C VAL A 37 -7.71 -2.83 10.59
N VAL A 38 -8.61 -3.26 11.47
CA VAL A 38 -8.21 -3.82 12.76
C VAL A 38 -7.80 -5.28 12.60
N LEU A 39 -6.67 -5.51 11.93
CA LEU A 39 -6.17 -6.85 11.72
C LEU A 39 -5.94 -7.58 13.05
N ASP A 40 -5.33 -8.75 12.98
CA ASP A 40 -5.07 -9.55 14.18
C ASP A 40 -4.30 -8.73 15.22
N GLY A 41 -5.03 -8.07 16.11
CA GLY A 41 -4.41 -7.28 17.14
C GLY A 41 -3.39 -6.28 16.60
N GLU A 42 -3.57 -5.88 15.35
CA GLU A 42 -2.66 -4.93 14.71
C GLU A 42 -3.35 -4.20 13.56
N ASN A 43 -3.28 -2.87 13.58
CA ASN A 43 -3.89 -2.07 12.55
C ASN A 43 -2.96 -1.91 11.35
N LYS A 44 -3.30 -2.56 10.25
CA LYS A 44 -2.48 -2.51 9.03
C LYS A 44 -3.10 -1.56 8.01
N ARG A 45 -2.30 -1.13 7.05
CA ARG A 45 -2.76 -0.22 6.01
C ARG A 45 -2.46 -0.79 4.62
N TYR A 46 -3.44 -0.72 3.73
CA TYR A 46 -3.28 -1.22 2.38
C TYR A 46 -2.20 -0.45 1.63
N CYS A 47 -1.07 -1.11 1.38
CA CYS A 47 0.04 -0.49 0.67
C CYS A 47 -0.24 -0.40 -0.82
N GLN A 48 -0.44 0.82 -1.32
CA GLN A 48 -0.71 1.05 -2.73
C GLN A 48 0.55 0.83 -3.57
N GLN A 49 1.11 -0.36 -3.45
CA GLN A 49 2.31 -0.71 -4.20
C GLN A 49 2.53 -2.22 -4.19
N CYS A 50 2.27 -2.85 -3.06
CA CYS A 50 2.43 -4.29 -2.92
C CYS A 50 1.07 -4.98 -2.77
N GLY A 51 0.11 -4.26 -2.21
CA GLY A 51 -1.22 -4.82 -2.01
C GLY A 51 -1.40 -5.41 -0.63
N LYS A 52 -0.37 -6.10 -0.14
CA LYS A 52 -0.41 -6.71 1.18
C LYS A 52 -0.68 -5.68 2.26
N PHE A 53 -1.06 -6.14 3.44
CA PHE A 53 -1.35 -5.25 4.56
C PHE A 53 -0.10 -4.99 5.39
N HIS A 54 0.45 -3.78 5.25
CA HIS A 54 1.65 -3.39 5.99
C HIS A 54 1.28 -2.81 7.35
N LEU A 55 2.25 -2.78 8.26
CA LEU A 55 2.02 -2.24 9.60
C LEU A 55 1.97 -0.71 9.56
N LEU A 56 1.00 -0.15 10.26
CA LEU A 56 0.84 1.30 10.31
C LEU A 56 2.03 1.99 10.98
N PRO A 57 2.57 1.44 12.09
CA PRO A 57 3.70 2.05 12.78
C PRO A 57 4.99 2.02 11.96
N ASP A 58 4.97 1.23 10.88
CA ASP A 58 6.13 1.10 10.01
C ASP A 58 5.94 1.92 8.73
N PHE A 59 5.79 3.23 8.89
CA PHE A 59 5.58 4.12 7.76
C PHE A 59 6.38 5.41 7.93
N ASP A 60 7.01 5.87 6.85
CA ASP A 60 7.79 7.09 6.88
C ASP A 60 7.04 8.24 6.21
N GLU A 61 7.44 9.47 6.54
CA GLU A 61 6.81 10.65 5.97
C GLU A 61 6.95 10.67 4.45
N GLY A 62 5.83 10.43 3.76
CA GLY A 62 5.85 10.42 2.31
C GLY A 62 4.51 10.05 1.71
N LYS A 63 4.40 8.82 1.22
CA LYS A 63 3.16 8.34 0.61
C LYS A 63 2.52 7.27 1.49
N ARG A 64 1.49 6.61 0.95
CA ARG A 64 0.80 5.55 1.68
C ARG A 64 1.35 4.18 1.32
N SER A 65 2.68 4.10 1.23
CA SER A 65 3.34 2.83 0.90
C SER A 65 4.70 2.74 1.59
N CYS A 66 5.23 1.52 1.67
CA CYS A 66 6.52 1.30 2.29
C CYS A 66 7.63 2.03 1.55
N ARG A 67 8.32 2.92 2.25
CA ARG A 67 9.41 3.69 1.64
C ARG A 67 10.55 2.77 1.20
N ARG A 68 10.72 2.63 -0.11
CA ARG A 68 11.77 1.77 -0.65
C ARG A 68 12.35 2.37 -1.93
N LYS A 69 13.52 2.97 -1.81
CA LYS A 69 14.18 3.58 -2.96
C LYS A 69 13.31 4.68 -3.56
N LEU A 70 12.54 5.36 -2.72
CA LEU A 70 11.67 6.43 -3.17
C LEU A 70 12.47 7.65 -3.60
N GLU A 71 13.59 7.88 -2.92
CA GLU A 71 14.47 9.01 -3.23
C GLU A 71 15.88 8.76 -2.73
N ARG A 72 16.77 8.40 -3.64
CA ARG A 72 18.16 8.14 -3.29
C ARG A 72 19.04 8.08 -4.54
N HIS A 73 18.64 7.25 -5.49
CA HIS A 73 19.39 7.10 -6.74
C HIS A 73 18.50 7.38 -7.94
N ASN A 74 18.73 8.52 -8.59
CA ASN A 74 17.95 8.90 -9.76
C ASN A 74 18.75 9.84 -10.67
N ASN A 75 20.07 9.65 -10.68
CA ASN A 75 20.94 10.48 -11.50
C ASN A 75 21.24 9.80 -12.84
N ARG A 76 21.76 10.58 -13.78
CA ARG A 76 22.09 10.05 -15.10
C ARG A 76 23.57 9.69 -15.19
N ARG A 77 24.42 10.63 -14.77
CA ARG A 77 25.87 10.41 -14.81
C ARG A 77 26.51 10.88 -13.52
N LYS A 78 27.19 9.96 -12.84
CA LYS A 78 27.87 10.28 -11.59
C LYS A 78 29.08 9.37 -11.38
N ARG A 79 28.83 8.14 -10.94
CA ARG A 79 29.90 7.17 -10.70
C ARG A 79 29.80 5.99 -11.66
N LYS A 80 28.56 5.61 -11.99
CA LYS A 80 28.33 4.49 -12.90
C LYS A 80 27.02 4.67 -13.66
N PRO A 81 27.04 4.53 -14.99
CA PRO A 81 25.85 4.69 -15.82
C PRO A 81 24.91 3.48 -15.72
N VAL A 82 23.77 3.56 -16.41
CA VAL A 82 22.80 2.47 -16.39
C VAL A 82 22.86 1.68 -17.69
N ASP A 83 22.79 0.36 -17.58
CA ASP A 83 22.83 -0.52 -18.74
C ASP A 83 22.06 -1.81 -18.48
N LYS A 84 21.55 -2.41 -19.54
CA LYS A 84 20.80 -3.65 -19.43
C LYS A 84 20.52 -4.25 -20.80
N GLY A 85 21.47 -4.08 -21.72
CA GLY A 85 21.32 -4.61 -23.06
C GLY A 85 22.14 -5.86 -23.29
N GLY A 86 23.19 -5.72 -24.10
CA GLY A 86 24.05 -6.87 -24.38
C GLY A 86 24.22 -7.10 -25.87
N VAL A 87 23.10 -7.20 -26.58
CA VAL A 87 23.12 -7.42 -28.02
C VAL A 87 22.16 -6.47 -28.73
N ALA A 88 22.32 -6.34 -30.05
CA ALA A 88 21.45 -5.46 -30.83
C ALA A 88 20.16 -6.16 -31.22
N VAL A 3 -6.91 -17.01 -3.69
CA VAL A 3 -8.39 -16.95 -3.89
C VAL A 3 -8.95 -15.60 -3.44
N ALA A 4 -9.67 -14.94 -4.35
CA ALA A 4 -10.26 -13.64 -4.04
C ALA A 4 -11.18 -13.72 -2.83
N ARG A 5 -10.62 -13.50 -1.65
CA ARG A 5 -11.39 -13.54 -0.41
C ARG A 5 -10.67 -12.79 0.71
N CYS A 6 -11.26 -11.68 1.14
CA CYS A 6 -10.67 -10.87 2.21
C CYS A 6 -10.45 -11.73 3.46
N GLN A 7 -9.21 -12.19 3.62
CA GLN A 7 -8.86 -13.04 4.76
C GLN A 7 -8.40 -12.22 5.97
N VAL A 8 -9.09 -11.13 6.25
CA VAL A 8 -8.75 -10.30 7.40
C VAL A 8 -9.51 -10.76 8.64
N PRO A 9 -8.78 -11.07 9.74
CA PRO A 9 -9.41 -11.52 10.98
C PRO A 9 -10.64 -10.72 11.36
N ASP A 10 -10.49 -9.40 11.45
CA ASP A 10 -11.59 -8.52 11.81
C ASP A 10 -12.58 -8.38 10.66
N CYS A 11 -12.10 -8.57 9.43
CA CYS A 11 -12.95 -8.46 8.25
C CYS A 11 -12.83 -9.70 7.37
N GLU A 12 -13.73 -10.66 7.59
CA GLU A 12 -13.73 -11.89 6.81
C GLU A 12 -14.73 -11.78 5.65
N ALA A 13 -14.34 -11.04 4.62
CA ALA A 13 -15.19 -10.85 3.45
C ALA A 13 -14.95 -11.93 2.40
N ASP A 14 -16.01 -12.31 1.69
CA ASP A 14 -15.90 -13.32 0.65
C ASP A 14 -16.01 -12.69 -0.73
N ILE A 15 -14.99 -11.92 -1.10
CA ILE A 15 -14.96 -11.26 -2.41
C ILE A 15 -14.63 -12.24 -3.52
N SER A 16 -15.54 -13.18 -3.76
CA SER A 16 -15.33 -14.19 -4.82
C SER A 16 -16.04 -13.78 -6.10
N GLU A 17 -16.21 -12.48 -6.29
CA GLU A 17 -16.86 -11.96 -7.49
C GLU A 17 -16.51 -10.49 -7.71
N LEU A 18 -15.33 -10.09 -7.28
CA LEU A 18 -14.87 -8.72 -7.44
C LEU A 18 -14.00 -8.57 -8.68
N LYS A 19 -13.89 -7.34 -9.18
CA LYS A 19 -13.08 -7.07 -10.36
C LYS A 19 -12.17 -5.87 -10.14
N GLY A 20 -10.89 -6.14 -9.93
CA GLY A 20 -9.93 -5.07 -9.71
C GLY A 20 -8.61 -5.58 -9.18
N TYR A 21 -7.91 -4.73 -8.42
CA TYR A 21 -6.62 -5.11 -7.86
C TYR A 21 -6.79 -5.80 -6.51
N HIS A 22 -7.84 -5.42 -5.79
CA HIS A 22 -8.12 -6.01 -4.48
C HIS A 22 -8.57 -7.47 -4.61
N LYS A 23 -8.87 -7.88 -5.84
CA LYS A 23 -9.32 -9.24 -6.09
C LYS A 23 -8.16 -10.23 -5.98
N ARG A 24 -7.03 -9.86 -6.58
CA ARG A 24 -5.83 -10.71 -6.56
C ARG A 24 -4.95 -10.39 -5.36
N HIS A 25 -5.56 -9.97 -4.25
CA HIS A 25 -4.81 -9.64 -3.05
C HIS A 25 -5.56 -10.08 -1.80
N ARG A 26 -6.56 -10.96 -1.96
CA ARG A 26 -7.34 -11.46 -0.84
C ARG A 26 -7.82 -10.32 0.06
N VAL A 27 -8.46 -9.33 -0.55
CA VAL A 27 -8.97 -8.18 0.19
C VAL A 27 -10.19 -7.59 -0.51
N CYS A 28 -11.15 -7.11 0.27
CA CYS A 28 -12.37 -6.51 -0.27
C CYS A 28 -12.16 -5.03 -0.60
N LEU A 29 -13.11 -4.48 -1.34
CA LEU A 29 -13.04 -3.07 -1.73
C LEU A 29 -13.12 -2.16 -0.51
N ARG A 30 -13.91 -2.55 0.47
CA ARG A 30 -14.08 -1.77 1.69
C ARG A 30 -12.74 -1.54 2.39
N CYS A 31 -11.85 -2.53 2.30
CA CYS A 31 -10.54 -2.43 2.92
C CYS A 31 -9.58 -1.63 2.06
N ALA A 32 -9.80 -1.67 0.75
CA ALA A 32 -8.94 -0.95 -0.19
C ALA A 32 -9.15 0.56 -0.06
N THR A 33 -10.36 0.96 0.30
CA THR A 33 -10.68 2.38 0.46
C THR A 33 -10.55 2.81 1.92
N ALA A 34 -10.81 1.87 2.84
CA ALA A 34 -10.73 2.16 4.26
C ALA A 34 -9.34 2.66 4.65
N SER A 35 -9.30 3.58 5.61
CA SER A 35 -8.03 4.14 6.08
C SER A 35 -7.13 3.05 6.66
N PHE A 36 -7.70 2.21 7.52
CA PHE A 36 -6.96 1.13 8.15
C PHE A 36 -7.91 0.05 8.66
N VAL A 37 -7.34 -1.09 9.07
CA VAL A 37 -8.13 -2.20 9.58
C VAL A 37 -7.46 -2.82 10.80
N VAL A 38 -8.27 -3.42 11.67
CA VAL A 38 -7.76 -4.06 12.88
C VAL A 38 -7.45 -5.53 12.63
N LEU A 39 -6.32 -5.78 11.95
CA LEU A 39 -5.90 -7.14 11.65
C LEU A 39 -5.70 -7.95 12.93
N ASP A 40 -5.15 -9.15 12.79
CA ASP A 40 -4.92 -10.03 13.93
C ASP A 40 -4.06 -9.33 14.98
N GLY A 41 -4.73 -8.64 15.91
CA GLY A 41 -4.01 -7.95 16.97
C GLY A 41 -2.96 -7.00 16.44
N GLU A 42 -3.18 -6.48 15.24
CA GLU A 42 -2.23 -5.55 14.62
C GLU A 42 -2.90 -4.74 13.52
N ASN A 43 -2.83 -3.42 13.65
CA ASN A 43 -3.43 -2.51 12.66
C ASN A 43 -2.56 -2.45 11.41
N LYS A 44 -3.13 -2.86 10.27
CA LYS A 44 -2.40 -2.84 9.01
C LYS A 44 -3.05 -1.87 8.03
N ARG A 45 -2.24 -1.35 7.10
CA ARG A 45 -2.73 -0.41 6.10
C ARG A 45 -2.50 -0.95 4.69
N TYR A 46 -3.52 -0.84 3.84
CA TYR A 46 -3.41 -1.32 2.47
C TYR A 46 -2.41 -0.50 1.67
N CYS A 47 -1.31 -1.14 1.29
CA CYS A 47 -0.26 -0.47 0.52
C CYS A 47 -0.61 -0.45 -0.97
N GLN A 48 -0.83 0.73 -1.52
CA GLN A 48 -1.17 0.88 -2.92
C GLN A 48 0.02 0.60 -3.83
N GLN A 49 1.21 0.41 -3.23
CA GLN A 49 2.42 0.16 -4.00
C GLN A 49 2.73 -1.34 -4.06
N CYS A 50 2.23 -2.10 -3.08
CA CYS A 50 2.48 -3.53 -3.03
C CYS A 50 1.17 -4.32 -3.04
N GLY A 51 0.12 -3.73 -2.46
CA GLY A 51 -1.15 -4.40 -2.40
C GLY A 51 -1.37 -5.13 -1.09
N LYS A 52 -0.33 -5.79 -0.62
CA LYS A 52 -0.40 -6.54 0.64
C LYS A 52 -0.73 -5.61 1.81
N PHE A 53 -0.67 -6.14 3.02
CA PHE A 53 -0.97 -5.35 4.22
C PHE A 53 0.31 -5.05 5.00
N HIS A 54 0.56 -3.77 5.25
CA HIS A 54 1.74 -3.35 5.99
C HIS A 54 1.37 -2.88 7.38
N LEU A 55 2.35 -2.82 8.27
CA LEU A 55 2.13 -2.39 9.64
C LEU A 55 1.89 -0.88 9.70
N LEU A 56 1.01 -0.47 10.61
CA LEU A 56 0.68 0.95 10.77
C LEU A 56 1.84 1.74 11.38
N PRO A 57 2.59 1.15 12.33
CA PRO A 57 3.71 1.84 12.97
C PRO A 57 4.99 1.78 12.12
N ASP A 58 4.89 2.25 10.88
CA ASP A 58 6.03 2.25 9.97
C ASP A 58 5.74 3.11 8.74
N PHE A 59 4.97 4.18 8.94
CA PHE A 59 4.63 5.08 7.85
C PHE A 59 4.99 6.52 8.20
N ASP A 60 5.40 7.28 7.18
CA ASP A 60 5.78 8.67 7.38
C ASP A 60 4.99 9.59 6.45
N GLU A 61 5.07 10.89 6.71
CA GLU A 61 4.36 11.87 5.89
C GLU A 61 4.83 11.80 4.43
N GLY A 62 3.93 11.40 3.55
CA GLY A 62 4.27 11.29 2.14
C GLY A 62 3.68 10.05 1.50
N LYS A 63 2.55 10.21 0.82
CA LYS A 63 1.88 9.10 0.15
C LYS A 63 1.49 8.02 1.16
N ARG A 64 0.68 7.07 0.71
CA ARG A 64 0.24 5.97 1.57
C ARG A 64 0.93 4.67 1.18
N SER A 65 2.26 4.71 1.12
CA SER A 65 3.05 3.54 0.77
C SER A 65 4.31 3.45 1.62
N CYS A 66 4.86 2.25 1.74
CA CYS A 66 6.07 2.03 2.52
C CYS A 66 7.22 2.86 1.98
N ARG A 67 7.98 3.47 2.87
CA ARG A 67 9.11 4.30 2.48
C ARG A 67 10.31 3.43 2.10
N ARG A 68 10.31 2.95 0.86
CA ARG A 68 11.40 2.11 0.37
C ARG A 68 11.84 2.53 -1.03
N LYS A 69 13.12 2.84 -1.18
CA LYS A 69 13.67 3.26 -2.46
C LYS A 69 12.98 4.54 -2.95
N LEU A 70 12.61 5.39 -2.00
CA LEU A 70 11.95 6.65 -2.33
C LEU A 70 12.95 7.81 -2.34
N GLU A 71 13.97 7.70 -1.49
CA GLU A 71 15.00 8.74 -1.40
C GLU A 71 16.17 8.27 -0.56
N ARG A 72 17.23 7.84 -1.21
CA ARG A 72 18.42 7.36 -0.52
C ARG A 72 19.62 7.27 -1.47
N HIS A 73 19.70 8.22 -2.40
CA HIS A 73 20.79 8.25 -3.37
C HIS A 73 21.88 9.22 -2.93
N ASN A 74 21.48 10.29 -2.24
CA ASN A 74 22.42 11.29 -1.76
C ASN A 74 22.02 11.81 -0.39
N ASN A 75 22.93 12.53 0.27
CA ASN A 75 22.66 13.09 1.58
C ASN A 75 23.32 14.46 1.74
N ARG A 76 22.64 15.37 2.43
CA ARG A 76 23.15 16.71 2.65
C ARG A 76 22.58 17.30 3.93
N ARG A 77 23.35 17.24 5.01
CA ARG A 77 22.91 17.78 6.29
C ARG A 77 24.09 18.36 7.07
N LYS A 78 23.79 19.16 8.08
CA LYS A 78 24.83 19.79 8.91
C LYS A 78 24.50 19.63 10.39
N ARG A 79 23.45 20.31 10.83
CA ARG A 79 23.03 20.25 12.23
C ARG A 79 21.66 20.89 12.42
N LYS A 80 20.66 20.06 12.69
CA LYS A 80 19.30 20.54 12.89
C LYS A 80 18.41 19.45 13.49
N PRO A 81 18.19 18.33 12.75
CA PRO A 81 17.36 17.22 13.23
C PRO A 81 17.89 16.62 14.52
N VAL A 82 16.98 16.20 15.39
CA VAL A 82 17.35 15.60 16.66
C VAL A 82 18.18 14.33 16.45
N ASP A 83 19.49 14.51 16.31
CA ASP A 83 20.39 13.38 16.08
C ASP A 83 21.33 13.20 17.27
N LYS A 84 21.35 12.00 17.84
CA LYS A 84 22.21 11.70 18.97
C LYS A 84 23.41 10.86 18.55
N GLY A 85 24.60 11.27 18.98
CA GLY A 85 25.80 10.55 18.63
C GLY A 85 27.01 11.01 19.43
N GLY A 86 27.68 10.07 20.09
CA GLY A 86 28.85 10.41 20.87
C GLY A 86 28.62 10.21 22.36
N VAL A 87 27.69 10.98 22.91
CA VAL A 87 27.37 10.89 24.33
C VAL A 87 26.00 10.25 24.55
N ALA A 88 25.05 10.60 23.69
CA ALA A 88 23.70 10.05 23.78
C ALA A 88 23.56 8.79 22.94
N VAL A 3 -7.72 -16.86 -5.40
CA VAL A 3 -9.07 -16.83 -4.79
C VAL A 3 -9.33 -15.50 -4.09
N ALA A 4 -10.23 -14.70 -4.66
CA ALA A 4 -10.57 -13.40 -4.09
C ALA A 4 -11.42 -13.55 -2.84
N ARG A 5 -10.80 -13.33 -1.67
CA ARG A 5 -11.50 -13.44 -0.40
C ARG A 5 -10.75 -12.70 0.70
N CYS A 6 -11.37 -11.66 1.24
CA CYS A 6 -10.75 -10.87 2.30
C CYS A 6 -10.46 -11.75 3.52
N GLN A 7 -9.20 -12.16 3.63
CA GLN A 7 -8.79 -13.04 4.74
C GLN A 7 -8.32 -12.23 5.96
N VAL A 8 -9.02 -11.15 6.26
CA VAL A 8 -8.67 -10.32 7.41
C VAL A 8 -9.40 -10.80 8.66
N PRO A 9 -8.69 -10.96 9.79
CA PRO A 9 -9.28 -11.43 11.04
C PRO A 9 -10.55 -10.66 11.40
N ASP A 10 -10.41 -9.36 11.64
CA ASP A 10 -11.54 -8.51 11.99
C ASP A 10 -12.53 -8.38 10.83
N CYS A 11 -12.07 -8.70 9.61
CA CYS A 11 -12.91 -8.61 8.43
C CYS A 11 -12.77 -9.84 7.55
N GLU A 12 -13.64 -10.82 7.76
CA GLU A 12 -13.62 -12.05 6.97
C GLU A 12 -14.62 -11.97 5.83
N ALA A 13 -14.28 -11.18 4.82
CA ALA A 13 -15.16 -11.00 3.67
C ALA A 13 -14.87 -12.04 2.58
N ASP A 14 -15.85 -12.26 1.72
CA ASP A 14 -15.71 -13.23 0.62
C ASP A 14 -15.96 -12.55 -0.72
N ILE A 15 -14.94 -11.85 -1.22
CA ILE A 15 -15.05 -11.14 -2.50
C ILE A 15 -14.61 -12.04 -3.66
N SER A 16 -15.15 -13.24 -3.71
CA SER A 16 -14.82 -14.19 -4.77
C SER A 16 -15.26 -13.66 -6.13
N GLU A 17 -16.31 -12.85 -6.14
CA GLU A 17 -16.82 -12.27 -7.38
C GLU A 17 -16.49 -10.79 -7.48
N LEU A 18 -15.20 -10.47 -7.37
CA LEU A 18 -14.75 -9.09 -7.45
C LEU A 18 -13.81 -8.89 -8.65
N LYS A 19 -13.30 -7.67 -8.80
CA LYS A 19 -12.41 -7.36 -9.90
C LYS A 19 -11.58 -6.11 -9.58
N GLY A 20 -10.44 -5.98 -10.25
CA GLY A 20 -9.58 -4.82 -10.03
C GLY A 20 -8.23 -5.22 -9.48
N TYR A 21 -7.81 -4.55 -8.40
CA TYR A 21 -6.52 -4.84 -7.78
C TYR A 21 -6.71 -5.51 -6.43
N HIS A 22 -7.83 -5.21 -5.77
CA HIS A 22 -8.12 -5.79 -4.46
C HIS A 22 -8.59 -7.24 -4.58
N LYS A 23 -8.74 -7.73 -5.82
CA LYS A 23 -9.18 -9.10 -6.05
C LYS A 23 -8.00 -10.06 -5.99
N ARG A 24 -6.86 -9.62 -6.50
CA ARG A 24 -5.65 -10.44 -6.51
C ARG A 24 -4.82 -10.23 -5.24
N HIS A 25 -5.47 -9.81 -4.16
CA HIS A 25 -4.78 -9.58 -2.90
C HIS A 25 -5.63 -10.02 -1.71
N ARG A 26 -6.66 -10.82 -1.97
CA ARG A 26 -7.54 -11.32 -0.92
C ARG A 26 -7.98 -10.20 0.02
N VAL A 27 -8.63 -9.18 -0.54
CA VAL A 27 -9.11 -8.05 0.23
C VAL A 27 -10.35 -7.44 -0.41
N CYS A 28 -11.37 -7.19 0.41
CA CYS A 28 -12.61 -6.61 -0.09
C CYS A 28 -12.45 -5.13 -0.40
N LEU A 29 -13.36 -4.59 -1.21
CA LEU A 29 -13.32 -3.19 -1.60
C LEU A 29 -13.38 -2.28 -0.38
N ARG A 30 -14.16 -2.69 0.62
CA ARG A 30 -14.31 -1.90 1.85
C ARG A 30 -12.95 -1.61 2.48
N CYS A 31 -12.09 -2.62 2.54
CA CYS A 31 -10.76 -2.47 3.12
C CYS A 31 -9.86 -1.63 2.22
N ALA A 32 -10.17 -1.61 0.92
CA ALA A 32 -9.38 -0.85 -0.05
C ALA A 32 -9.56 0.64 0.16
N THR A 33 -10.71 1.04 0.70
CA THR A 33 -10.99 2.45 0.93
C THR A 33 -11.38 2.72 2.39
N ALA A 34 -11.07 1.76 3.27
CA ALA A 34 -11.39 1.91 4.68
C ALA A 34 -10.23 2.55 5.45
N SER A 35 -9.28 3.13 4.72
CA SER A 35 -8.13 3.79 5.34
C SER A 35 -7.21 2.76 5.99
N PHE A 36 -7.69 2.13 7.06
CA PHE A 36 -6.91 1.11 7.77
C PHE A 36 -7.78 -0.08 8.15
N VAL A 37 -7.17 -1.06 8.79
CA VAL A 37 -7.88 -2.26 9.22
C VAL A 37 -7.31 -2.82 10.51
N VAL A 38 -8.20 -3.26 11.40
CA VAL A 38 -7.78 -3.81 12.69
C VAL A 38 -7.44 -5.29 12.55
N LEU A 39 -6.31 -5.59 11.92
CA LEU A 39 -5.88 -6.97 11.72
C LEU A 39 -5.67 -7.66 13.06
N ASP A 40 -5.12 -8.87 13.02
CA ASP A 40 -4.87 -9.65 14.24
C ASP A 40 -4.05 -8.86 15.24
N GLY A 41 -4.73 -8.10 16.11
CA GLY A 41 -4.05 -7.31 17.11
C GLY A 41 -3.01 -6.38 16.52
N GLU A 42 -3.16 -6.06 15.24
CA GLU A 42 -2.22 -5.18 14.55
C GLU A 42 -2.91 -4.41 13.43
N ASN A 43 -2.91 -3.09 13.53
CA ASN A 43 -3.54 -2.25 12.51
C ASN A 43 -2.67 -2.20 11.25
N LYS A 44 -3.18 -2.78 10.17
CA LYS A 44 -2.46 -2.81 8.91
C LYS A 44 -3.10 -1.87 7.89
N ARG A 45 -2.27 -1.28 7.05
CA ARG A 45 -2.74 -0.34 6.02
C ARG A 45 -2.47 -0.90 4.62
N TYR A 46 -3.51 -0.97 3.81
CA TYR A 46 -3.39 -1.49 2.45
C TYR A 46 -2.39 -0.65 1.64
N CYS A 47 -1.25 -1.25 1.32
CA CYS A 47 -0.22 -0.57 0.54
C CYS A 47 -0.53 -0.64 -0.95
N GLN A 48 -0.89 0.51 -1.53
CA GLN A 48 -1.23 0.58 -2.94
C GLN A 48 0.01 0.43 -3.82
N GLN A 49 1.20 0.43 -3.21
CA GLN A 49 2.44 0.29 -3.95
C GLN A 49 2.85 -1.17 -4.07
N CYS A 50 2.46 -1.99 -3.10
CA CYS A 50 2.81 -3.40 -3.11
C CYS A 50 1.56 -4.29 -3.21
N GLY A 51 0.43 -3.76 -2.74
CA GLY A 51 -0.81 -4.52 -2.78
C GLY A 51 -1.08 -5.24 -1.47
N LYS A 52 -0.07 -5.88 -0.92
CA LYS A 52 -0.21 -6.61 0.34
C LYS A 52 -0.42 -5.66 1.50
N PHE A 53 -0.68 -6.21 2.68
CA PHE A 53 -0.90 -5.41 3.88
C PHE A 53 0.41 -5.11 4.59
N HIS A 54 0.51 -3.94 5.19
CA HIS A 54 1.71 -3.53 5.92
C HIS A 54 1.37 -3.09 7.33
N LEU A 55 2.40 -2.71 8.09
CA LEU A 55 2.22 -2.26 9.46
C LEU A 55 2.00 -0.74 9.51
N LEU A 56 1.13 -0.30 10.39
CA LEU A 56 0.84 1.13 10.54
C LEU A 56 2.01 1.89 11.13
N PRO A 57 2.73 1.33 12.14
CA PRO A 57 3.87 2.02 12.76
C PRO A 57 5.05 2.17 11.80
N ASP A 58 5.09 1.32 10.78
CA ASP A 58 6.17 1.35 9.80
C ASP A 58 6.22 2.71 9.11
N PHE A 59 5.07 3.16 8.62
CA PHE A 59 4.99 4.45 7.94
C PHE A 59 3.71 5.20 8.33
N ASP A 60 3.84 6.50 8.57
CA ASP A 60 2.70 7.32 8.94
C ASP A 60 3.10 8.79 9.04
N GLU A 61 3.97 9.22 8.13
CA GLU A 61 4.43 10.60 8.11
C GLU A 61 3.53 11.46 7.23
N GLY A 62 3.14 10.92 6.08
CA GLY A 62 2.28 11.64 5.16
C GLY A 62 1.70 10.75 4.08
N LYS A 63 2.53 9.87 3.54
CA LYS A 63 2.10 8.95 2.49
C LYS A 63 1.44 7.71 3.09
N ARG A 64 0.76 6.94 2.24
CA ARG A 64 0.09 5.73 2.68
C ARG A 64 0.81 4.49 2.17
N SER A 65 2.12 4.60 2.01
CA SER A 65 2.94 3.49 1.54
C SER A 65 4.19 3.32 2.39
N CYS A 66 4.78 2.12 2.34
CA CYS A 66 5.99 1.84 3.11
C CYS A 66 7.11 2.78 2.74
N ARG A 67 7.86 3.25 3.74
CA ARG A 67 8.96 4.16 3.51
C ARG A 67 10.28 3.41 3.35
N ARG A 68 10.25 2.35 2.55
CA ARG A 68 11.43 1.53 2.31
C ARG A 68 11.58 1.20 0.82
N LYS A 69 12.40 1.98 0.13
CA LYS A 69 12.62 1.77 -1.30
C LYS A 69 11.33 1.98 -2.09
N LEU A 70 11.19 3.15 -2.68
CA LEU A 70 10.00 3.47 -3.47
C LEU A 70 10.10 2.90 -4.88
N GLU A 71 10.86 3.57 -5.73
CA GLU A 71 11.04 3.14 -7.11
C GLU A 71 12.52 3.02 -7.45
N ARG A 72 12.82 2.32 -8.54
CA ARG A 72 14.20 2.14 -8.98
C ARG A 72 14.39 2.64 -10.41
N HIS A 73 15.64 2.66 -10.86
CA HIS A 73 15.95 3.11 -12.21
C HIS A 73 15.72 2.01 -13.23
N ASN A 74 15.72 2.38 -14.51
CA ASN A 74 15.51 1.42 -15.59
C ASN A 74 16.74 1.31 -16.48
N ASN A 75 16.78 0.27 -17.29
CA ASN A 75 17.90 0.05 -18.20
C ASN A 75 19.20 -0.11 -17.41
N ARG A 76 20.20 -0.72 -18.05
CA ARG A 76 21.49 -0.93 -17.42
C ARG A 76 22.53 0.03 -17.97
N ARG A 77 22.85 1.07 -17.19
CA ARG A 77 23.82 2.06 -17.59
C ARG A 77 24.85 2.30 -16.49
N LYS A 78 24.37 2.46 -15.26
CA LYS A 78 25.24 2.69 -14.12
C LYS A 78 25.80 1.38 -13.59
N ARG A 79 27.10 1.38 -13.26
CA ARG A 79 27.76 0.19 -12.75
C ARG A 79 29.14 0.52 -12.21
N LYS A 80 29.87 1.36 -12.96
CA LYS A 80 31.22 1.76 -12.55
C LYS A 80 31.65 3.03 -13.28
N PRO A 81 32.60 3.79 -12.70
CA PRO A 81 33.09 5.03 -13.30
C PRO A 81 33.97 4.77 -14.53
N VAL A 82 34.63 3.62 -14.55
CA VAL A 82 35.49 3.25 -15.66
C VAL A 82 34.70 3.18 -16.97
N ASP A 83 35.32 3.65 -18.04
CA ASP A 83 34.67 3.64 -19.36
C ASP A 83 35.13 2.44 -20.19
N LYS A 84 34.18 1.59 -20.56
CA LYS A 84 34.50 0.41 -21.35
C LYS A 84 34.06 0.60 -22.81
N GLY A 85 34.94 1.18 -23.61
CA GLY A 85 34.63 1.41 -25.01
C GLY A 85 35.44 0.54 -25.94
N GLY A 86 34.77 -0.27 -26.74
CA GLY A 86 35.46 -1.15 -27.67
C GLY A 86 34.61 -1.49 -28.88
N VAL A 87 33.55 -2.25 -28.67
CA VAL A 87 32.66 -2.65 -29.76
C VAL A 87 31.28 -2.01 -29.61
N ALA A 88 30.88 -1.77 -28.37
CA ALA A 88 29.59 -1.15 -28.08
C ALA A 88 29.62 -0.39 -26.77
N VAL A 3 -7.55 -17.65 -4.21
CA VAL A 3 -8.83 -17.00 -4.62
C VAL A 3 -9.01 -15.66 -3.91
N ALA A 4 -9.99 -14.88 -4.38
CA ALA A 4 -10.25 -13.57 -3.80
C ALA A 4 -11.17 -13.68 -2.58
N ARG A 5 -10.61 -13.39 -1.41
CA ARG A 5 -11.38 -13.46 -0.17
C ARG A 5 -10.72 -12.64 0.92
N CYS A 6 -11.39 -11.58 1.37
CA CYS A 6 -10.86 -10.73 2.42
C CYS A 6 -10.64 -11.54 3.70
N GLN A 7 -9.40 -11.91 3.94
CA GLN A 7 -9.05 -12.72 5.11
C GLN A 7 -8.71 -11.84 6.32
N VAL A 8 -9.46 -10.76 6.51
CA VAL A 8 -9.23 -9.88 7.64
C VAL A 8 -10.07 -10.32 8.84
N PRO A 9 -9.44 -10.49 10.03
CA PRO A 9 -10.17 -10.92 11.23
C PRO A 9 -11.43 -10.11 11.47
N ASP A 10 -11.27 -8.79 11.59
CA ASP A 10 -12.40 -7.90 11.82
C ASP A 10 -13.33 -7.88 10.61
N CYS A 11 -12.78 -8.16 9.43
CA CYS A 11 -13.57 -8.17 8.20
C CYS A 11 -13.38 -9.47 7.42
N GLU A 12 -14.33 -10.39 7.56
CA GLU A 12 -14.27 -11.66 6.87
C GLU A 12 -15.17 -11.64 5.64
N ALA A 13 -14.68 -11.02 4.58
CA ALA A 13 -15.44 -10.90 3.34
C ALA A 13 -15.16 -12.07 2.40
N ASP A 14 -16.20 -12.51 1.69
CA ASP A 14 -16.07 -13.62 0.76
C ASP A 14 -16.11 -13.12 -0.69
N ILE A 15 -15.35 -12.05 -0.95
CA ILE A 15 -15.29 -11.45 -2.28
C ILE A 15 -14.59 -12.39 -3.26
N SER A 16 -15.23 -13.52 -3.58
CA SER A 16 -14.67 -14.48 -4.51
C SER A 16 -15.20 -14.26 -5.93
N GLU A 17 -15.46 -13.00 -6.26
CA GLU A 17 -15.99 -12.66 -7.58
C GLU A 17 -15.73 -11.19 -7.90
N LEU A 18 -14.66 -10.64 -7.33
CA LEU A 18 -14.31 -9.24 -7.56
C LEU A 18 -13.37 -9.10 -8.74
N LYS A 19 -12.95 -7.87 -9.03
CA LYS A 19 -12.06 -7.60 -10.14
C LYS A 19 -11.32 -6.28 -9.94
N GLY A 20 -10.01 -6.29 -10.18
CA GLY A 20 -9.21 -5.09 -10.02
C GLY A 20 -7.89 -5.37 -9.34
N TYR A 21 -7.60 -4.64 -8.27
CA TYR A 21 -6.36 -4.82 -7.53
C TYR A 21 -6.58 -5.61 -6.24
N HIS A 22 -7.63 -5.24 -5.50
CA HIS A 22 -7.95 -5.92 -4.25
C HIS A 22 -8.24 -7.40 -4.49
N LYS A 23 -8.53 -7.76 -5.73
CA LYS A 23 -8.83 -9.15 -6.07
C LYS A 23 -7.60 -10.03 -5.90
N ARG A 24 -6.45 -9.52 -6.34
CA ARG A 24 -5.19 -10.27 -6.24
C ARG A 24 -4.47 -9.99 -4.92
N HIS A 25 -5.24 -9.73 -3.86
CA HIS A 25 -4.65 -9.44 -2.56
C HIS A 25 -5.56 -9.91 -1.42
N ARG A 26 -6.50 -10.80 -1.74
CA ARG A 26 -7.43 -11.33 -0.73
C ARG A 26 -7.99 -10.22 0.16
N VAL A 27 -8.61 -9.23 -0.47
CA VAL A 27 -9.19 -8.11 0.26
C VAL A 27 -10.38 -7.52 -0.49
N CYS A 28 -11.28 -6.88 0.23
CA CYS A 28 -12.47 -6.29 -0.38
C CYS A 28 -12.26 -4.80 -0.65
N LEU A 29 -13.14 -4.24 -1.48
CA LEU A 29 -13.06 -2.82 -1.83
C LEU A 29 -13.27 -1.94 -0.60
N ARG A 30 -14.07 -2.41 0.34
CA ARG A 30 -14.36 -1.67 1.56
C ARG A 30 -13.08 -1.41 2.34
N CYS A 31 -12.15 -2.36 2.31
CA CYS A 31 -10.89 -2.22 3.02
C CYS A 31 -9.88 -1.44 2.19
N ALA A 32 -9.98 -1.56 0.88
CA ALA A 32 -9.08 -0.86 -0.04
C ALA A 32 -9.24 0.65 0.07
N THR A 33 -10.45 1.10 0.42
CA THR A 33 -10.73 2.52 0.57
C THR A 33 -10.73 2.94 2.03
N ALA A 34 -11.11 2.02 2.90
CA ALA A 34 -11.16 2.30 4.34
C ALA A 34 -9.80 2.76 4.86
N SER A 35 -9.80 3.43 6.01
CA SER A 35 -8.58 3.92 6.61
C SER A 35 -7.63 2.77 6.92
N PHE A 36 -8.05 1.87 7.81
CA PHE A 36 -7.24 0.72 8.18
C PHE A 36 -8.08 -0.34 8.87
N VAL A 37 -7.45 -1.44 9.26
CA VAL A 37 -8.14 -2.53 9.92
C VAL A 37 -7.26 -3.17 10.99
N VAL A 38 -7.87 -3.53 12.12
CA VAL A 38 -7.14 -4.14 13.22
C VAL A 38 -6.96 -5.64 12.98
N LEU A 39 -6.02 -5.98 12.10
CA LEU A 39 -5.76 -7.38 11.78
C LEU A 39 -5.39 -8.16 13.04
N ASP A 40 -4.94 -9.41 12.87
CA ASP A 40 -4.57 -10.26 13.99
C ASP A 40 -3.59 -9.56 14.91
N GLY A 41 -4.10 -8.89 15.93
CA GLY A 41 -3.26 -8.19 16.88
C GLY A 41 -2.25 -7.27 16.21
N GLU A 42 -2.61 -6.77 15.02
CA GLU A 42 -1.73 -5.87 14.28
C GLU A 42 -2.52 -5.03 13.30
N ASN A 43 -2.37 -3.71 13.42
CA ASN A 43 -3.08 -2.79 12.54
C ASN A 43 -2.33 -2.63 11.22
N LYS A 44 -2.94 -3.14 10.15
CA LYS A 44 -2.34 -3.06 8.82
C LYS A 44 -3.17 -2.17 7.89
N ARG A 45 -2.51 -1.58 6.91
CA ARG A 45 -3.18 -0.71 5.95
C ARG A 45 -2.79 -1.06 4.52
N TYR A 46 -3.75 -1.00 3.61
CA TYR A 46 -3.50 -1.31 2.20
C TYR A 46 -2.44 -0.37 1.62
N CYS A 47 -1.31 -0.95 1.22
CA CYS A 47 -0.22 -0.17 0.65
C CYS A 47 -0.51 0.16 -0.82
N GLN A 48 -0.70 1.45 -1.09
CA GLN A 48 -0.98 1.91 -2.44
C GLN A 48 0.27 1.86 -3.31
N GLN A 49 0.85 0.66 -3.41
CA GLN A 49 2.06 0.44 -4.19
C GLN A 49 2.33 -1.04 -4.37
N CYS A 50 2.08 -1.82 -3.33
CA CYS A 50 2.30 -3.26 -3.37
C CYS A 50 0.97 -4.01 -3.35
N GLY A 51 -0.03 -3.42 -2.71
CA GLY A 51 -1.34 -4.04 -2.64
C GLY A 51 -1.54 -4.80 -1.34
N LYS A 52 -0.57 -5.64 -0.98
CA LYS A 52 -0.65 -6.42 0.24
C LYS A 52 -0.75 -5.51 1.46
N PHE A 53 -1.02 -6.10 2.61
CA PHE A 53 -1.15 -5.35 3.86
C PHE A 53 0.21 -5.13 4.50
N HIS A 54 0.44 -3.91 4.99
CA HIS A 54 1.69 -3.57 5.64
C HIS A 54 1.46 -3.15 7.09
N LEU A 55 2.54 -2.76 7.77
CA LEU A 55 2.46 -2.34 9.16
C LEU A 55 2.21 -0.84 9.25
N LEU A 56 1.21 -0.46 10.03
CA LEU A 56 0.86 0.95 10.21
C LEU A 56 1.99 1.75 10.85
N PRO A 57 2.67 1.20 11.88
CA PRO A 57 3.77 1.91 12.56
C PRO A 57 4.91 2.24 11.61
N ASP A 58 5.03 1.47 10.52
CA ASP A 58 6.08 1.69 9.54
C ASP A 58 5.50 2.34 8.27
N PHE A 59 4.76 3.41 8.46
CA PHE A 59 4.15 4.13 7.34
C PHE A 59 4.50 5.61 7.38
N ASP A 60 4.14 6.33 6.32
CA ASP A 60 4.40 7.76 6.23
C ASP A 60 3.15 8.53 5.85
N GLU A 61 3.05 9.76 6.33
CA GLU A 61 1.89 10.60 6.04
C GLU A 61 1.98 11.18 4.62
N GLY A 62 0.86 11.15 3.90
CA GLY A 62 0.83 11.67 2.55
C GLY A 62 0.56 10.59 1.52
N LYS A 63 1.62 9.89 1.11
CA LYS A 63 1.49 8.83 0.13
C LYS A 63 0.89 7.57 0.74
N ARG A 64 1.17 7.36 2.03
CA ARG A 64 0.66 6.20 2.74
C ARG A 64 1.16 4.90 2.10
N SER A 65 2.47 4.70 2.14
CA SER A 65 3.08 3.51 1.55
C SER A 65 4.46 3.26 2.14
N CYS A 66 4.94 2.02 2.05
CA CYS A 66 6.25 1.67 2.57
C CYS A 66 7.35 2.45 1.85
N ARG A 67 8.13 3.20 2.62
CA ARG A 67 9.22 4.00 2.06
C ARG A 67 10.29 3.11 1.45
N ARG A 68 10.41 3.16 0.13
CA ARG A 68 11.40 2.36 -0.58
C ARG A 68 11.96 3.12 -1.79
N LYS A 69 12.32 4.37 -1.57
CA LYS A 69 12.87 5.21 -2.64
C LYS A 69 11.85 5.38 -3.76
N LEU A 70 11.14 6.51 -3.74
CA LEU A 70 10.14 6.80 -4.76
C LEU A 70 10.78 6.89 -6.14
N GLU A 71 10.00 7.33 -7.12
CA GLU A 71 10.50 7.48 -8.48
C GLU A 71 9.48 8.20 -9.36
N ARG A 72 9.36 9.51 -9.17
CA ARG A 72 8.42 10.32 -9.94
C ARG A 72 9.13 11.11 -11.03
N HIS A 73 10.23 10.54 -11.52
CA HIS A 73 11.01 11.20 -12.57
C HIS A 73 10.50 10.81 -13.95
N ASN A 74 10.68 11.69 -14.93
CA ASN A 74 10.24 11.43 -16.28
C ASN A 74 11.27 11.94 -17.30
N ASN A 75 11.34 11.27 -18.44
CA ASN A 75 12.29 11.65 -19.49
C ASN A 75 11.64 12.62 -20.48
N ARG A 76 12.46 13.22 -21.34
CA ARG A 76 11.97 14.16 -22.33
C ARG A 76 11.76 13.46 -23.67
N ARG A 77 10.53 13.00 -23.90
CA ARG A 77 10.20 12.32 -25.14
C ARG A 77 8.69 12.30 -25.36
N LYS A 78 8.27 11.94 -26.57
CA LYS A 78 6.85 11.88 -26.91
C LYS A 78 6.55 10.69 -27.81
N ARG A 79 5.61 9.85 -27.38
CA ARG A 79 5.22 8.68 -28.15
C ARG A 79 4.65 9.08 -29.50
N LYS A 80 5.05 8.34 -30.54
CA LYS A 80 4.58 8.63 -31.89
C LYS A 80 4.73 7.40 -32.79
N PRO A 81 3.67 6.58 -32.92
CA PRO A 81 3.70 5.38 -33.75
C PRO A 81 3.71 5.70 -35.24
N VAL A 82 3.16 6.86 -35.59
CA VAL A 82 3.11 7.29 -36.98
C VAL A 82 3.55 8.73 -37.13
N ASP A 83 4.65 8.95 -37.86
CA ASP A 83 5.17 10.29 -38.09
C ASP A 83 4.79 10.80 -39.48
N LYS A 84 5.05 9.99 -40.49
CA LYS A 84 4.74 10.35 -41.86
C LYS A 84 4.72 9.13 -42.76
N GLY A 85 3.53 8.57 -42.96
CA GLY A 85 3.40 7.39 -43.80
C GLY A 85 3.98 6.15 -43.16
N GLY A 86 3.11 5.34 -42.56
CA GLY A 86 3.56 4.12 -41.91
C GLY A 86 2.98 2.88 -42.55
N VAL A 87 3.18 2.75 -43.86
CA VAL A 87 2.68 1.60 -44.60
C VAL A 87 3.76 0.98 -45.48
N ALA A 88 4.44 1.83 -46.24
CA ALA A 88 5.50 1.37 -47.13
C ALA A 88 6.86 1.92 -46.69
N VAL A 3 -8.43 -17.95 -5.23
CA VAL A 3 -9.77 -17.69 -4.63
C VAL A 3 -9.79 -16.35 -3.89
N ALA A 4 -10.22 -15.30 -4.60
CA ALA A 4 -10.28 -13.97 -4.01
C ALA A 4 -11.21 -13.96 -2.80
N ARG A 5 -10.64 -13.68 -1.63
CA ARG A 5 -11.41 -13.64 -0.39
C ARG A 5 -10.67 -12.84 0.68
N CYS A 6 -11.28 -11.76 1.14
CA CYS A 6 -10.68 -10.93 2.18
C CYS A 6 -10.42 -11.76 3.44
N GLN A 7 -9.19 -12.22 3.57
CA GLN A 7 -8.80 -13.05 4.71
C GLN A 7 -8.34 -12.22 5.91
N VAL A 8 -9.04 -11.13 6.19
CA VAL A 8 -8.70 -10.28 7.32
C VAL A 8 -9.44 -10.75 8.58
N PRO A 9 -8.71 -10.97 9.69
CA PRO A 9 -9.31 -11.42 10.95
C PRO A 9 -10.55 -10.61 11.33
N ASP A 10 -10.39 -9.29 11.44
CA ASP A 10 -11.49 -8.42 11.80
C ASP A 10 -12.48 -8.27 10.65
N CYS A 11 -12.04 -8.60 9.43
CA CYS A 11 -12.89 -8.48 8.26
C CYS A 11 -12.80 -9.73 7.38
N GLU A 12 -13.70 -10.67 7.59
CA GLU A 12 -13.72 -11.90 6.80
C GLU A 12 -14.71 -11.75 5.63
N ALA A 13 -14.30 -11.01 4.62
CA ALA A 13 -15.13 -10.77 3.45
C ALA A 13 -14.90 -11.83 2.37
N ASP A 14 -15.89 -11.98 1.50
CA ASP A 14 -15.82 -12.94 0.41
C ASP A 14 -15.89 -12.24 -0.95
N ILE A 15 -14.73 -11.82 -1.44
CA ILE A 15 -14.66 -11.12 -2.72
C ILE A 15 -14.48 -12.10 -3.88
N SER A 16 -15.30 -13.14 -3.89
CA SER A 16 -15.23 -14.15 -4.96
C SER A 16 -15.77 -13.61 -6.26
N GLU A 17 -16.69 -12.66 -6.18
CA GLU A 17 -17.29 -12.06 -7.36
C GLU A 17 -16.90 -10.59 -7.48
N LEU A 18 -15.65 -10.28 -7.14
CA LEU A 18 -15.15 -8.92 -7.21
C LEU A 18 -14.09 -8.78 -8.31
N LYS A 19 -13.91 -7.55 -8.79
CA LYS A 19 -12.93 -7.28 -9.84
C LYS A 19 -12.05 -6.11 -9.47
N GLY A 20 -10.77 -6.20 -9.83
CA GLY A 20 -9.83 -5.13 -9.52
C GLY A 20 -8.51 -5.66 -8.99
N TYR A 21 -7.68 -4.76 -8.48
CA TYR A 21 -6.37 -5.13 -7.93
C TYR A 21 -6.53 -5.81 -6.58
N HIS A 22 -7.58 -5.44 -5.86
CA HIS A 22 -7.84 -6.02 -4.54
C HIS A 22 -8.30 -7.48 -4.64
N LYS A 23 -8.58 -7.92 -5.87
CA LYS A 23 -9.04 -9.29 -6.10
C LYS A 23 -7.87 -10.27 -5.97
N ARG A 24 -6.72 -9.88 -6.52
CA ARG A 24 -5.53 -10.72 -6.48
C ARG A 24 -4.69 -10.44 -5.23
N HIS A 25 -5.34 -9.97 -4.17
CA HIS A 25 -4.64 -9.67 -2.92
C HIS A 25 -5.44 -10.10 -1.70
N ARG A 26 -6.47 -10.93 -1.93
CA ARG A 26 -7.31 -11.42 -0.84
C ARG A 26 -7.79 -10.28 0.05
N VAL A 27 -8.38 -9.26 -0.56
CA VAL A 27 -8.87 -8.10 0.18
C VAL A 27 -10.09 -7.49 -0.52
N CYS A 28 -11.04 -6.99 0.27
CA CYS A 28 -12.25 -6.39 -0.27
C CYS A 28 -12.03 -4.91 -0.56
N LEU A 29 -12.98 -4.31 -1.28
CA LEU A 29 -12.90 -2.89 -1.63
C LEU A 29 -12.91 -2.02 -0.39
N ARG A 30 -13.74 -2.38 0.60
CA ARG A 30 -13.86 -1.62 1.83
C ARG A 30 -12.49 -1.48 2.51
N CYS A 31 -11.67 -2.50 2.40
CA CYS A 31 -10.35 -2.50 3.01
C CYS A 31 -9.36 -1.72 2.14
N ALA A 32 -9.58 -1.74 0.84
CA ALA A 32 -8.71 -1.04 -0.10
C ALA A 32 -8.86 0.47 0.03
N THR A 33 -10.06 0.91 0.41
CA THR A 33 -10.35 2.32 0.57
C THR A 33 -10.28 2.74 2.04
N ALA A 34 -10.54 1.79 2.93
CA ALA A 34 -10.50 2.07 4.36
C ALA A 34 -9.14 2.61 4.78
N SER A 35 -9.15 3.53 5.75
CA SER A 35 -7.92 4.13 6.24
C SER A 35 -7.05 3.09 6.93
N PHE A 36 -7.68 2.13 7.61
CA PHE A 36 -6.96 1.08 8.31
C PHE A 36 -7.89 -0.05 8.71
N VAL A 37 -7.32 -1.14 9.20
CA VAL A 37 -8.11 -2.29 9.62
C VAL A 37 -7.49 -2.96 10.86
N VAL A 38 -8.33 -3.40 11.77
CA VAL A 38 -7.87 -4.05 12.99
C VAL A 38 -7.51 -5.51 12.73
N LEU A 39 -6.40 -5.72 12.02
CA LEU A 39 -5.95 -7.08 11.70
C LEU A 39 -5.70 -7.88 12.98
N ASP A 40 -5.11 -9.06 12.83
CA ASP A 40 -4.82 -9.93 13.96
C ASP A 40 -3.97 -9.20 15.01
N GLY A 41 -4.63 -8.50 15.92
CA GLY A 41 -3.91 -7.78 16.96
C GLY A 41 -2.91 -6.79 16.40
N GLU A 42 -3.10 -6.39 15.15
CA GLU A 42 -2.21 -5.44 14.49
C GLU A 42 -2.95 -4.59 13.47
N ASN A 43 -2.82 -3.27 13.60
CA ASN A 43 -3.47 -2.35 12.69
C ASN A 43 -2.62 -2.12 11.45
N LYS A 44 -3.04 -2.72 10.33
CA LYS A 44 -2.32 -2.60 9.08
C LYS A 44 -3.08 -1.72 8.08
N ARG A 45 -2.37 -1.26 7.06
CA ARG A 45 -2.98 -0.41 6.03
C ARG A 45 -2.64 -0.93 4.64
N TYR A 46 -3.63 -0.96 3.76
CA TYR A 46 -3.44 -1.43 2.40
C TYR A 46 -2.37 -0.61 1.67
N CYS A 47 -1.28 -1.27 1.29
CA CYS A 47 -0.19 -0.59 0.59
C CYS A 47 -0.47 -0.54 -0.91
N GLN A 48 -0.67 0.67 -1.42
CA GLN A 48 -0.95 0.86 -2.85
C GLN A 48 0.29 0.61 -3.71
N GLN A 49 1.44 0.44 -3.06
CA GLN A 49 2.69 0.20 -3.78
C GLN A 49 3.00 -1.29 -3.90
N CYS A 50 2.48 -2.08 -2.98
CA CYS A 50 2.71 -3.52 -2.99
C CYS A 50 1.39 -4.31 -3.11
N GLY A 51 0.30 -3.70 -2.64
CA GLY A 51 -0.99 -4.35 -2.70
C GLY A 51 -1.32 -5.08 -1.41
N LYS A 52 -0.32 -5.73 -0.83
CA LYS A 52 -0.52 -6.47 0.42
C LYS A 52 -0.78 -5.51 1.58
N PHE A 53 -0.71 -6.04 2.80
CA PHE A 53 -0.95 -5.24 4.00
C PHE A 53 0.36 -4.87 4.68
N HIS A 54 0.38 -3.72 5.34
CA HIS A 54 1.57 -3.24 6.03
C HIS A 54 1.21 -2.63 7.38
N LEU A 55 2.17 -2.65 8.30
CA LEU A 55 1.95 -2.11 9.64
C LEU A 55 1.80 -0.59 9.59
N LEU A 56 0.90 -0.06 10.42
CA LEU A 56 0.66 1.37 10.47
C LEU A 56 1.85 2.15 11.04
N PRO A 57 2.53 1.61 12.08
CA PRO A 57 3.69 2.30 12.69
C PRO A 57 4.90 2.32 11.76
N ASP A 58 4.83 1.57 10.67
CA ASP A 58 5.93 1.51 9.71
C ASP A 58 5.69 2.46 8.54
N PHE A 59 4.90 3.50 8.77
CA PHE A 59 4.59 4.47 7.73
C PHE A 59 5.19 5.84 8.06
N ASP A 60 5.83 6.44 7.07
CA ASP A 60 6.46 7.74 7.25
C ASP A 60 5.44 8.87 7.07
N GLU A 61 5.85 10.09 7.37
CA GLU A 61 4.99 11.25 7.24
C GLU A 61 4.59 11.47 5.79
N GLY A 62 3.33 11.85 5.57
CA GLY A 62 2.86 12.09 4.22
C GLY A 62 2.39 10.82 3.54
N LYS A 63 1.22 10.88 2.90
CA LYS A 63 0.67 9.73 2.20
C LYS A 63 0.44 8.57 3.17
N ARG A 64 -0.19 7.51 2.68
CA ARG A 64 -0.48 6.34 3.50
C ARG A 64 -0.10 5.06 2.76
N SER A 65 1.19 4.81 2.64
CA SER A 65 1.69 3.62 1.96
C SER A 65 3.12 3.31 2.37
N CYS A 66 3.77 2.41 1.63
CA CYS A 66 5.15 2.02 1.91
C CYS A 66 6.03 3.25 2.12
N ARG A 67 7.03 3.11 2.98
CA ARG A 67 7.96 4.20 3.27
C ARG A 67 9.07 4.26 2.24
N ARG A 68 9.07 5.31 1.42
CA ARG A 68 10.09 5.48 0.39
C ARG A 68 10.33 6.95 0.09
N LYS A 69 11.50 7.27 -0.46
CA LYS A 69 11.84 8.64 -0.79
C LYS A 69 10.99 9.14 -1.96
N LEU A 70 9.80 9.62 -1.65
CA LEU A 70 8.89 10.14 -2.67
C LEU A 70 9.16 11.62 -2.95
N GLU A 71 9.75 12.30 -1.98
CA GLU A 71 10.06 13.72 -2.13
C GLU A 71 10.92 13.96 -3.36
N ARG A 72 11.85 13.06 -3.62
CA ARG A 72 12.74 13.19 -4.77
C ARG A 72 12.53 12.03 -5.75
N HIS A 73 12.45 12.35 -7.03
CA HIS A 73 12.24 11.34 -8.06
C HIS A 73 13.43 11.29 -9.02
N ASN A 74 13.70 12.41 -9.68
CA ASN A 74 14.80 12.50 -10.63
C ASN A 74 15.98 13.24 -10.01
N ASN A 75 17.17 12.99 -10.54
CA ASN A 75 18.38 13.64 -10.05
C ASN A 75 18.79 14.81 -10.95
N ARG A 76 19.34 15.85 -10.35
CA ARG A 76 19.77 17.03 -11.09
C ARG A 76 21.22 17.39 -10.75
N ARG A 77 21.80 18.28 -11.55
CA ARG A 77 23.17 18.72 -11.34
C ARG A 77 23.46 20.00 -12.13
N LYS A 78 22.44 20.82 -12.30
CA LYS A 78 22.59 22.07 -13.03
C LYS A 78 22.02 23.25 -12.25
N ARG A 79 22.76 24.35 -12.20
CA ARG A 79 22.33 25.54 -11.48
C ARG A 79 21.33 26.33 -12.30
N LYS A 80 20.56 27.18 -11.63
CA LYS A 80 19.56 28.02 -12.30
C LYS A 80 19.25 29.26 -11.46
N PRO A 81 19.22 30.45 -12.11
CA PRO A 81 18.92 31.71 -11.41
C PRO A 81 17.44 31.85 -11.08
N VAL A 82 17.04 33.05 -10.67
CA VAL A 82 15.65 33.32 -10.33
C VAL A 82 14.94 34.02 -11.47
N ASP A 83 15.39 35.24 -11.80
CA ASP A 83 14.79 36.01 -12.88
C ASP A 83 15.83 36.37 -13.94
N LYS A 84 15.45 36.22 -15.20
CA LYS A 84 16.36 36.52 -16.30
C LYS A 84 15.57 36.93 -17.55
N GLY A 85 16.24 37.64 -18.45
CA GLY A 85 15.60 38.08 -19.67
C GLY A 85 15.04 39.49 -19.56
N GLY A 86 13.72 39.62 -19.60
CA GLY A 86 13.09 40.91 -19.50
C GLY A 86 12.09 41.16 -20.61
N VAL A 87 11.30 40.15 -20.93
CA VAL A 87 10.30 40.26 -21.99
C VAL A 87 8.89 40.10 -21.43
N ALA A 88 8.72 39.15 -20.51
CA ALA A 88 7.43 38.90 -19.90
C ALA A 88 7.45 39.21 -18.40
N VAL A 3 -6.74 -17.12 -3.39
CA VAL A 3 -8.10 -16.95 -3.93
C VAL A 3 -8.71 -15.61 -3.51
N ALA A 4 -9.51 -15.04 -4.40
CA ALA A 4 -10.15 -13.76 -4.11
C ALA A 4 -11.02 -13.82 -2.86
N ARG A 5 -10.40 -13.55 -1.71
CA ARG A 5 -11.11 -13.58 -0.44
C ARG A 5 -10.38 -12.77 0.62
N CYS A 6 -11.02 -11.72 1.12
CA CYS A 6 -10.41 -10.87 2.14
C CYS A 6 -10.11 -11.70 3.39
N GLN A 7 -8.86 -12.12 3.50
CA GLN A 7 -8.43 -12.94 4.64
C GLN A 7 -7.98 -12.09 5.83
N VAL A 8 -8.73 -11.04 6.13
CA VAL A 8 -8.40 -10.18 7.26
C VAL A 8 -9.09 -10.68 8.53
N PRO A 9 -8.31 -11.02 9.58
CA PRO A 9 -8.85 -11.53 10.85
C PRO A 9 -10.12 -10.79 11.28
N ASP A 10 -10.04 -9.46 11.32
CA ASP A 10 -11.18 -8.65 11.73
C ASP A 10 -12.22 -8.53 10.61
N CYS A 11 -11.76 -8.66 9.37
CA CYS A 11 -12.65 -8.57 8.22
C CYS A 11 -12.55 -9.80 7.33
N GLU A 12 -13.46 -10.76 7.54
CA GLU A 12 -13.48 -11.98 6.76
C GLU A 12 -14.47 -11.86 5.60
N ALA A 13 -14.08 -11.16 4.56
CA ALA A 13 -14.93 -10.96 3.40
C ALA A 13 -14.73 -12.06 2.36
N ASP A 14 -15.80 -12.37 1.63
CA ASP A 14 -15.75 -13.39 0.60
C ASP A 14 -15.80 -12.78 -0.80
N ILE A 15 -14.80 -11.95 -1.11
CA ILE A 15 -14.72 -11.29 -2.40
C ILE A 15 -14.42 -12.29 -3.52
N SER A 16 -15.36 -13.18 -3.78
CA SER A 16 -15.19 -14.19 -4.83
C SER A 16 -15.54 -13.62 -6.20
N GLU A 17 -16.46 -12.66 -6.23
CA GLU A 17 -16.88 -12.04 -7.48
C GLU A 17 -16.74 -10.52 -7.41
N LEU A 18 -15.52 -10.05 -7.22
CA LEU A 18 -15.25 -8.61 -7.13
C LEU A 18 -14.32 -8.16 -8.25
N LYS A 19 -14.66 -7.05 -8.89
CA LYS A 19 -13.85 -6.51 -9.98
C LYS A 19 -12.86 -5.49 -9.46
N GLY A 20 -11.69 -5.41 -10.10
CA GLY A 20 -10.66 -4.48 -9.68
C GLY A 20 -9.33 -5.14 -9.42
N TYR A 21 -8.61 -4.65 -8.43
CA TYR A 21 -7.30 -5.20 -8.08
C TYR A 21 -7.35 -5.93 -6.74
N HIS A 22 -8.25 -5.48 -5.86
CA HIS A 22 -8.40 -6.09 -4.55
C HIS A 22 -8.70 -7.59 -4.66
N LYS A 23 -9.22 -7.99 -5.81
CA LYS A 23 -9.55 -9.40 -6.04
C LYS A 23 -8.30 -10.27 -6.04
N ARG A 24 -7.25 -9.79 -6.69
CA ARG A 24 -5.99 -10.52 -6.77
C ARG A 24 -5.06 -10.15 -5.62
N HIS A 25 -5.63 -9.84 -4.46
CA HIS A 25 -4.83 -9.47 -3.30
C HIS A 25 -5.51 -9.92 -2.00
N ARG A 26 -6.42 -10.88 -2.10
CA ARG A 26 -7.14 -11.39 -0.94
C ARG A 26 -7.64 -10.26 -0.05
N VAL A 27 -8.40 -9.34 -0.64
CA VAL A 27 -8.95 -8.21 0.09
C VAL A 27 -10.22 -7.69 -0.58
N CYS A 28 -11.10 -7.07 0.21
CA CYS A 28 -12.35 -6.53 -0.31
C CYS A 28 -12.22 -5.05 -0.64
N LEU A 29 -13.16 -4.55 -1.44
CA LEU A 29 -13.15 -3.15 -1.84
C LEU A 29 -13.23 -2.23 -0.63
N ARG A 30 -13.97 -2.66 0.39
CA ARG A 30 -14.13 -1.88 1.61
C ARG A 30 -12.77 -1.57 2.25
N CYS A 31 -11.88 -2.56 2.25
CA CYS A 31 -10.56 -2.40 2.82
C CYS A 31 -9.65 -1.59 1.90
N ALA A 32 -9.93 -1.68 0.60
CA ALA A 32 -9.14 -0.96 -0.39
C ALA A 32 -9.36 0.55 -0.29
N THR A 33 -10.56 0.94 0.13
CA THR A 33 -10.90 2.35 0.27
C THR A 33 -10.79 2.81 1.71
N ALA A 34 -11.03 1.88 2.64
CA ALA A 34 -10.95 2.19 4.07
C ALA A 34 -9.56 2.70 4.44
N SER A 35 -9.49 3.50 5.50
CA SER A 35 -8.23 4.04 5.97
C SER A 35 -7.32 2.94 6.52
N PHE A 36 -7.93 1.99 7.24
CA PHE A 36 -7.18 0.89 7.82
C PHE A 36 -8.13 -0.13 8.46
N VAL A 37 -7.57 -1.21 8.97
CA VAL A 37 -8.37 -2.26 9.61
C VAL A 37 -7.66 -2.80 10.85
N VAL A 38 -8.45 -3.36 11.76
CA VAL A 38 -7.89 -3.92 12.99
C VAL A 38 -7.48 -5.38 12.80
N LEU A 39 -6.36 -5.58 12.12
CA LEU A 39 -5.85 -6.92 11.86
C LEU A 39 -5.57 -7.65 13.17
N ASP A 40 -4.95 -8.82 13.07
CA ASP A 40 -4.62 -9.63 14.24
C ASP A 40 -3.85 -8.82 15.28
N GLY A 41 -4.58 -8.21 16.21
CA GLY A 41 -3.95 -7.41 17.25
C GLY A 41 -2.99 -6.38 16.70
N GLU A 42 -3.23 -5.95 15.47
CA GLU A 42 -2.37 -4.95 14.83
C GLU A 42 -3.10 -4.26 13.67
N ASN A 43 -2.99 -2.94 13.63
CA ASN A 43 -3.63 -2.17 12.58
C ASN A 43 -2.75 -2.11 11.33
N LYS A 44 -3.28 -2.58 10.21
CA LYS A 44 -2.54 -2.60 8.96
C LYS A 44 -3.21 -1.69 7.93
N ARG A 45 -2.41 -1.20 6.98
CA ARG A 45 -2.91 -0.32 5.94
C ARG A 45 -2.66 -0.92 4.56
N TYR A 46 -3.57 -0.66 3.62
CA TYR A 46 -3.44 -1.18 2.26
C TYR A 46 -2.34 -0.46 1.50
N CYS A 47 -1.18 -1.10 1.40
CA CYS A 47 -0.05 -0.51 0.69
C CYS A 47 -0.31 -0.48 -0.81
N GLN A 48 -0.45 0.73 -1.36
CA GLN A 48 -0.71 0.89 -2.78
C GLN A 48 0.53 0.56 -3.63
N GLN A 49 1.66 0.33 -2.96
CA GLN A 49 2.90 0.01 -3.67
C GLN A 49 3.08 -1.50 -3.83
N CYS A 50 2.50 -2.27 -2.91
CA CYS A 50 2.62 -3.72 -2.97
C CYS A 50 1.25 -4.39 -3.03
N GLY A 51 0.23 -3.73 -2.48
CA GLY A 51 -1.10 -4.29 -2.49
C GLY A 51 -1.43 -5.02 -1.20
N LYS A 52 -0.47 -5.79 -0.71
CA LYS A 52 -0.64 -6.55 0.52
C LYS A 52 -0.92 -5.62 1.70
N PHE A 53 -0.85 -6.17 2.91
CA PHE A 53 -1.10 -5.39 4.12
C PHE A 53 0.19 -5.19 4.90
N HIS A 54 0.41 -3.96 5.37
CA HIS A 54 1.61 -3.63 6.13
C HIS A 54 1.24 -3.10 7.52
N LEU A 55 2.24 -2.73 8.30
CA LEU A 55 2.02 -2.21 9.64
C LEU A 55 1.85 -0.70 9.61
N LEU A 56 0.85 -0.19 10.32
CA LEU A 56 0.57 1.24 10.38
C LEU A 56 1.68 2.00 11.11
N PRO A 57 2.23 1.46 12.22
CA PRO A 57 3.30 2.14 12.96
C PRO A 57 4.61 2.22 12.18
N ASP A 58 4.73 1.39 11.15
CA ASP A 58 5.93 1.38 10.32
C ASP A 58 5.72 2.19 9.04
N PHE A 59 4.89 3.22 9.14
CA PHE A 59 4.60 4.08 7.99
C PHE A 59 5.10 5.50 8.23
N ASP A 60 5.20 6.28 7.16
CA ASP A 60 5.66 7.65 7.25
C ASP A 60 5.16 8.48 6.08
N GLU A 61 5.41 9.79 6.12
CA GLU A 61 4.98 10.68 5.06
C GLU A 61 5.81 10.46 3.80
N GLY A 62 5.16 10.06 2.72
CA GLY A 62 5.85 9.82 1.47
C GLY A 62 4.89 9.54 0.32
N LYS A 63 4.35 8.33 0.29
CA LYS A 63 3.42 7.94 -0.76
C LYS A 63 2.42 6.90 -0.25
N ARG A 64 2.12 6.96 1.05
CA ARG A 64 1.19 6.03 1.65
C ARG A 64 1.65 4.58 1.46
N SER A 65 2.96 4.39 1.38
CA SER A 65 3.52 3.06 1.19
C SER A 65 4.69 2.82 2.15
N CYS A 66 5.14 1.57 2.22
CA CYS A 66 6.24 1.21 3.10
C CYS A 66 7.50 2.00 2.76
N ARG A 67 8.37 2.19 3.74
CA ARG A 67 9.61 2.92 3.54
C ARG A 67 10.57 2.14 2.64
N ARG A 68 10.40 2.32 1.33
CA ARG A 68 11.24 1.62 0.36
C ARG A 68 12.15 2.61 -0.37
N LYS A 69 13.12 2.08 -1.10
CA LYS A 69 14.05 2.92 -1.85
C LYS A 69 13.33 3.72 -2.94
N LEU A 70 12.97 4.95 -2.62
CA LEU A 70 12.27 5.81 -3.56
C LEU A 70 13.22 6.32 -4.65
N GLU A 71 14.48 6.50 -4.28
CA GLU A 71 15.49 6.97 -5.22
C GLU A 71 16.58 5.93 -5.41
N ARG A 72 16.40 5.07 -6.41
CA ARG A 72 17.37 4.01 -6.70
C ARG A 72 18.43 4.52 -7.67
N HIS A 73 19.45 3.69 -7.90
CA HIS A 73 20.53 4.06 -8.82
C HIS A 73 21.26 2.81 -9.30
N ASN A 74 21.06 2.47 -10.57
CA ASN A 74 21.70 1.31 -11.16
C ASN A 74 23.17 1.59 -11.46
N ASN A 75 23.47 2.84 -11.79
CA ASN A 75 24.83 3.24 -12.11
C ASN A 75 25.44 4.06 -10.97
N ARG A 76 26.70 4.44 -11.12
CA ARG A 76 27.40 5.23 -10.10
C ARG A 76 27.94 6.52 -10.69
N ARG A 77 27.19 7.61 -10.53
CA ARG A 77 27.59 8.90 -11.04
C ARG A 77 27.82 9.89 -9.91
N LYS A 78 29.05 9.94 -9.41
CA LYS A 78 29.41 10.84 -8.33
C LYS A 78 30.84 11.34 -8.48
N ARG A 79 31.01 12.65 -8.38
CA ARG A 79 32.33 13.27 -8.51
C ARG A 79 32.70 14.04 -7.25
N LYS A 80 33.97 13.96 -6.87
CA LYS A 80 34.45 14.64 -5.67
C LYS A 80 35.84 15.22 -5.90
N PRO A 81 36.07 16.49 -5.53
CA PRO A 81 37.38 17.15 -5.71
C PRO A 81 38.53 16.28 -5.20
N VAL A 82 39.35 15.78 -6.13
CA VAL A 82 40.49 14.95 -5.77
C VAL A 82 41.67 15.16 -6.71
N ASP A 83 41.49 14.82 -7.99
CA ASP A 83 42.57 14.99 -8.98
C ASP A 83 42.07 15.76 -10.20
N LYS A 84 43.00 16.31 -10.97
CA LYS A 84 42.65 17.06 -12.16
C LYS A 84 43.78 17.00 -13.19
N GLY A 85 43.57 16.21 -14.25
CA GLY A 85 44.58 16.08 -15.28
C GLY A 85 44.16 15.12 -16.38
N GLY A 86 44.93 15.08 -17.46
CA GLY A 86 44.62 14.19 -18.56
C GLY A 86 44.84 14.85 -19.91
N VAL A 87 45.97 15.53 -20.06
CA VAL A 87 46.31 16.21 -21.30
C VAL A 87 47.12 15.31 -22.22
N ALA A 88 47.93 14.43 -21.62
CA ALA A 88 48.76 13.52 -22.38
C ALA A 88 48.52 12.07 -21.95
N VAL A 3 -9.51 -17.32 -6.37
CA VAL A 3 -10.10 -17.52 -5.02
C VAL A 3 -9.95 -16.26 -4.16
N ALA A 4 -10.45 -15.15 -4.68
CA ALA A 4 -10.38 -13.87 -3.95
C ALA A 4 -11.29 -13.89 -2.73
N ARG A 5 -10.70 -13.61 -1.56
CA ARG A 5 -11.47 -13.59 -0.32
C ARG A 5 -10.74 -12.79 0.76
N CYS A 6 -11.36 -11.71 1.21
CA CYS A 6 -10.76 -10.87 2.25
C CYS A 6 -10.54 -11.68 3.52
N GLN A 7 -9.31 -12.17 3.70
CA GLN A 7 -8.96 -12.99 4.84
C GLN A 7 -8.51 -12.15 6.04
N VAL A 8 -9.20 -11.05 6.30
CA VAL A 8 -8.86 -10.20 7.44
C VAL A 8 -9.62 -10.63 8.68
N PRO A 9 -8.91 -10.94 9.78
CA PRO A 9 -9.54 -11.38 11.03
C PRO A 9 -10.77 -10.56 11.40
N ASP A 10 -10.59 -9.24 11.47
CA ASP A 10 -11.67 -8.33 11.82
C ASP A 10 -12.65 -8.17 10.65
N CYS A 11 -12.20 -8.47 9.44
CA CYS A 11 -13.04 -8.33 8.26
C CYS A 11 -12.95 -9.57 7.36
N GLU A 12 -13.86 -10.52 7.57
CA GLU A 12 -13.89 -11.74 6.79
C GLU A 12 -14.86 -11.60 5.62
N ALA A 13 -14.44 -10.87 4.59
CA ALA A 13 -15.27 -10.63 3.43
C ALA A 13 -15.06 -11.70 2.36
N ASP A 14 -16.05 -11.85 1.49
CA ASP A 14 -15.98 -12.83 0.41
C ASP A 14 -15.97 -12.14 -0.95
N ILE A 15 -14.79 -11.76 -1.41
CA ILE A 15 -14.64 -11.08 -2.69
C ILE A 15 -14.33 -12.07 -3.82
N SER A 16 -14.85 -13.28 -3.70
CA SER A 16 -14.63 -14.31 -4.70
C SER A 16 -15.08 -13.84 -6.08
N GLU A 17 -16.04 -12.92 -6.11
CA GLU A 17 -16.57 -12.38 -7.36
C GLU A 17 -16.35 -10.87 -7.45
N LEU A 18 -15.13 -10.43 -7.19
CA LEU A 18 -14.79 -9.02 -7.24
C LEU A 18 -13.64 -8.76 -8.20
N LYS A 19 -13.91 -7.94 -9.23
CA LYS A 19 -12.90 -7.63 -10.22
C LYS A 19 -12.08 -6.41 -9.80
N GLY A 20 -10.77 -6.50 -9.96
CA GLY A 20 -9.89 -5.40 -9.60
C GLY A 20 -8.54 -5.86 -9.10
N TYR A 21 -7.79 -4.95 -8.47
CA TYR A 21 -6.47 -5.29 -7.95
C TYR A 21 -6.57 -5.90 -6.55
N HIS A 22 -7.61 -5.52 -5.83
CA HIS A 22 -7.82 -6.03 -4.47
C HIS A 22 -8.20 -7.50 -4.49
N LYS A 23 -8.51 -8.03 -5.67
CA LYS A 23 -8.89 -9.43 -5.81
C LYS A 23 -7.67 -10.35 -5.70
N ARG A 24 -6.54 -9.87 -6.21
CA ARG A 24 -5.30 -10.64 -6.18
C ARG A 24 -4.49 -10.35 -4.92
N HIS A 25 -5.18 -10.01 -3.83
CA HIS A 25 -4.51 -9.71 -2.56
C HIS A 25 -5.40 -10.07 -1.38
N ARG A 26 -6.36 -10.95 -1.60
CA ARG A 26 -7.27 -11.40 -0.54
C ARG A 26 -7.77 -10.23 0.30
N VAL A 27 -8.33 -9.22 -0.37
CA VAL A 27 -8.84 -8.04 0.32
C VAL A 27 -10.03 -7.45 -0.42
N CYS A 28 -11.02 -6.98 0.34
CA CYS A 28 -12.22 -6.40 -0.26
C CYS A 28 -12.02 -4.92 -0.57
N LEU A 29 -12.92 -4.37 -1.38
CA LEU A 29 -12.85 -2.96 -1.77
C LEU A 29 -12.91 -2.05 -0.54
N ARG A 30 -13.80 -2.39 0.40
CA ARG A 30 -13.96 -1.60 1.61
C ARG A 30 -12.64 -1.43 2.34
N CYS A 31 -11.79 -2.46 2.28
CA CYS A 31 -10.49 -2.42 2.94
C CYS A 31 -9.48 -1.63 2.10
N ALA A 32 -9.66 -1.67 0.79
CA ALA A 32 -8.76 -0.95 -0.12
C ALA A 32 -8.90 0.55 0.04
N THR A 33 -10.10 0.99 0.41
CA THR A 33 -10.37 2.42 0.60
C THR A 33 -10.28 2.80 2.08
N ALA A 34 -10.53 1.83 2.95
CA ALA A 34 -10.48 2.07 4.39
C ALA A 34 -9.12 2.64 4.81
N SER A 35 -9.15 3.53 5.80
CA SER A 35 -7.93 4.15 6.29
C SER A 35 -7.03 3.13 6.98
N PHE A 36 -7.65 2.11 7.58
CA PHE A 36 -6.91 1.06 8.27
C PHE A 36 -7.84 -0.06 8.72
N VAL A 37 -7.26 -1.22 9.03
CA VAL A 37 -8.04 -2.36 9.48
C VAL A 37 -7.39 -3.02 10.70
N VAL A 38 -8.22 -3.45 11.63
CA VAL A 38 -7.73 -4.11 12.84
C VAL A 38 -7.42 -5.58 12.59
N LEU A 39 -6.29 -5.83 11.93
CA LEU A 39 -5.85 -7.18 11.62
C LEU A 39 -5.64 -7.99 12.90
N ASP A 40 -5.08 -9.19 12.76
CA ASP A 40 -4.82 -10.05 13.90
C ASP A 40 -3.90 -9.36 14.91
N GLY A 41 -4.51 -8.67 15.87
CA GLY A 41 -3.74 -7.98 16.89
C GLY A 41 -2.71 -7.04 16.30
N GLU A 42 -2.98 -6.55 15.10
CA GLU A 42 -2.05 -5.63 14.43
C GLU A 42 -2.78 -4.77 13.41
N ASN A 43 -2.70 -3.46 13.58
CA ASN A 43 -3.36 -2.52 12.67
C ASN A 43 -2.54 -2.34 11.40
N LYS A 44 -3.06 -2.85 10.29
CA LYS A 44 -2.37 -2.74 9.00
C LYS A 44 -3.16 -1.85 8.04
N ARG A 45 -2.46 -1.27 7.08
CA ARG A 45 -3.09 -0.39 6.10
C ARG A 45 -2.78 -0.85 4.68
N TYR A 46 -3.80 -0.84 3.82
CA TYR A 46 -3.64 -1.25 2.43
C TYR A 46 -2.62 -0.37 1.72
N CYS A 47 -1.46 -0.94 1.40
CA CYS A 47 -0.41 -0.20 0.72
C CYS A 47 -0.73 -0.02 -0.77
N GLN A 48 -1.07 1.21 -1.15
CA GLN A 48 -1.40 1.51 -2.54
C GLN A 48 -0.13 1.53 -3.39
N GLN A 49 0.59 0.42 -3.38
CA GLN A 49 1.83 0.29 -4.15
C GLN A 49 2.22 -1.17 -4.30
N CYS A 50 2.02 -1.96 -3.24
CA CYS A 50 2.35 -3.37 -3.26
C CYS A 50 1.09 -4.23 -3.26
N GLY A 51 0.00 -3.67 -2.72
CA GLY A 51 -1.25 -4.41 -2.68
C GLY A 51 -1.45 -5.13 -1.36
N LYS A 52 -0.38 -5.74 -0.85
CA LYS A 52 -0.45 -6.46 0.41
C LYS A 52 -0.65 -5.51 1.59
N PHE A 53 -0.78 -6.06 2.78
CA PHE A 53 -0.98 -5.27 3.99
C PHE A 53 0.35 -4.96 4.66
N HIS A 54 0.47 -3.76 5.23
CA HIS A 54 1.69 -3.35 5.91
C HIS A 54 1.40 -2.88 7.34
N LEU A 55 2.45 -2.64 8.10
CA LEU A 55 2.30 -2.18 9.48
C LEU A 55 2.05 -0.67 9.53
N LEU A 56 1.15 -0.27 10.42
CA LEU A 56 0.81 1.14 10.58
C LEU A 56 1.96 1.95 11.18
N PRO A 57 2.68 1.40 12.19
CA PRO A 57 3.80 2.13 12.82
C PRO A 57 4.96 2.33 11.85
N ASP A 58 4.94 1.63 10.73
CA ASP A 58 5.99 1.76 9.73
C ASP A 58 5.57 2.70 8.61
N PHE A 59 4.74 3.69 8.95
CA PHE A 59 4.25 4.65 7.98
C PHE A 59 4.68 6.07 8.35
N ASP A 60 4.55 6.99 7.41
CA ASP A 60 4.91 8.39 7.65
C ASP A 60 4.20 9.31 6.68
N GLU A 61 4.36 10.62 6.88
CA GLU A 61 3.72 11.61 6.02
C GLU A 61 4.17 11.44 4.57
N GLY A 62 3.39 11.98 3.64
CA GLY A 62 3.72 11.87 2.24
C GLY A 62 2.79 10.94 1.49
N LYS A 63 3.35 9.88 0.91
CA LYS A 63 2.57 8.90 0.17
C LYS A 63 1.89 7.91 1.10
N ARG A 64 0.89 7.20 0.59
CA ARG A 64 0.16 6.22 1.38
C ARG A 64 0.73 4.82 1.17
N SER A 65 2.06 4.73 1.17
CA SER A 65 2.74 3.45 0.99
C SER A 65 3.85 3.26 2.02
N CYS A 66 4.45 2.07 2.02
CA CYS A 66 5.53 1.77 2.95
C CYS A 66 6.70 2.74 2.78
N ARG A 67 7.55 2.81 3.79
CA ARG A 67 8.70 3.70 3.75
C ARG A 67 9.72 3.24 2.71
N ARG A 68 10.02 4.12 1.76
CA ARG A 68 10.97 3.80 0.71
C ARG A 68 11.37 5.06 -0.06
N LYS A 69 12.43 4.95 -0.85
CA LYS A 69 12.92 6.07 -1.64
C LYS A 69 11.85 6.56 -2.61
N LEU A 70 11.26 7.71 -2.30
CA LEU A 70 10.22 8.29 -3.14
C LEU A 70 10.73 9.52 -3.87
N GLU A 71 9.93 10.03 -4.81
CA GLU A 71 10.31 11.20 -5.58
C GLU A 71 10.26 12.46 -4.73
N ARG A 72 10.92 13.52 -5.17
CA ARG A 72 10.94 14.78 -4.45
C ARG A 72 10.72 15.96 -5.40
N HIS A 73 9.99 16.96 -4.91
CA HIS A 73 9.70 18.15 -5.72
C HIS A 73 8.93 17.78 -6.98
N ASN A 74 7.62 17.65 -6.85
CA ASN A 74 6.76 17.30 -7.98
C ASN A 74 5.39 17.93 -7.84
N ASN A 75 4.68 18.06 -8.95
CA ASN A 75 3.35 18.65 -8.96
C ASN A 75 2.73 18.61 -10.35
N ARG A 76 3.52 18.99 -11.35
CA ARG A 76 3.05 18.99 -12.73
C ARG A 76 3.34 17.65 -13.40
N ARG A 77 2.41 17.20 -14.25
CA ARG A 77 2.55 15.94 -14.96
C ARG A 77 3.06 16.16 -16.38
N LYS A 78 3.93 17.16 -16.54
CA LYS A 78 4.50 17.47 -17.84
C LYS A 78 5.87 18.12 -17.70
N ARG A 79 6.91 17.30 -17.76
CA ARG A 79 8.28 17.80 -17.64
C ARG A 79 9.25 16.92 -18.43
N LYS A 80 9.82 17.48 -19.48
CA LYS A 80 10.77 16.75 -20.32
C LYS A 80 11.41 17.68 -21.35
N PRO A 81 12.46 18.42 -20.95
CA PRO A 81 13.16 19.34 -21.84
C PRO A 81 13.98 18.62 -22.90
N VAL A 82 14.20 19.28 -24.03
CA VAL A 82 14.98 18.69 -25.12
C VAL A 82 16.01 19.68 -25.65
N ASP A 83 17.28 19.38 -25.39
CA ASP A 83 18.37 20.25 -25.84
C ASP A 83 18.79 19.90 -27.27
N LYS A 84 19.42 18.74 -27.43
CA LYS A 84 19.87 18.30 -28.74
C LYS A 84 20.88 19.29 -29.34
N GLY A 85 21.63 19.94 -28.46
CA GLY A 85 22.62 20.90 -28.92
C GLY A 85 22.39 22.29 -28.36
N GLY A 86 21.13 22.60 -28.06
CA GLY A 86 20.79 23.90 -27.52
C GLY A 86 20.75 24.98 -28.58
N VAL A 87 20.40 24.58 -29.80
CA VAL A 87 20.32 25.52 -30.92
C VAL A 87 18.89 26.04 -31.09
N ALA A 88 18.36 26.65 -30.04
CA ALA A 88 17.01 27.18 -30.07
C ALA A 88 17.02 28.67 -30.40
N VAL A 3 -8.33 -18.03 -5.38
CA VAL A 3 -9.59 -17.27 -5.27
C VAL A 3 -9.44 -16.08 -4.32
N ALA A 4 -10.01 -14.94 -4.71
CA ALA A 4 -9.93 -13.74 -3.89
C ALA A 4 -10.87 -13.83 -2.68
N ARG A 5 -10.33 -13.54 -1.51
CA ARG A 5 -11.11 -13.59 -0.28
C ARG A 5 -10.45 -12.78 0.83
N CYS A 6 -11.14 -11.73 1.29
CA CYS A 6 -10.61 -10.89 2.36
C CYS A 6 -10.34 -11.72 3.61
N GLN A 7 -9.09 -12.15 3.75
CA GLN A 7 -8.69 -12.98 4.89
C GLN A 7 -8.27 -12.15 6.10
N VAL A 8 -9.01 -11.07 6.38
CA VAL A 8 -8.70 -10.23 7.52
C VAL A 8 -9.46 -10.71 8.76
N PRO A 9 -8.74 -10.97 9.87
CA PRO A 9 -9.36 -11.46 11.12
C PRO A 9 -10.64 -10.71 11.47
N ASP A 10 -10.52 -9.40 11.64
CA ASP A 10 -11.67 -8.57 11.99
C ASP A 10 -12.65 -8.45 10.82
N CYS A 11 -12.16 -8.68 9.61
CA CYS A 11 -12.99 -8.59 8.41
C CYS A 11 -12.83 -9.81 7.52
N GLU A 12 -13.70 -10.80 7.70
CA GLU A 12 -13.65 -12.02 6.90
C GLU A 12 -14.65 -11.94 5.75
N ALA A 13 -14.29 -11.20 4.71
CA ALA A 13 -15.16 -11.04 3.56
C ALA A 13 -14.88 -12.11 2.50
N ASP A 14 -15.93 -12.46 1.74
CA ASP A 14 -15.80 -13.46 0.70
C ASP A 14 -15.92 -12.82 -0.68
N ILE A 15 -14.90 -12.05 -1.05
CA ILE A 15 -14.88 -11.37 -2.35
C ILE A 15 -14.48 -12.34 -3.46
N SER A 16 -15.34 -13.33 -3.72
CA SER A 16 -15.08 -14.31 -4.77
C SER A 16 -15.81 -13.94 -6.05
N GLU A 17 -16.06 -12.65 -6.24
CA GLU A 17 -16.74 -12.17 -7.44
C GLU A 17 -16.47 -10.68 -7.65
N LEU A 18 -15.30 -10.22 -7.22
CA LEU A 18 -14.93 -8.82 -7.36
C LEU A 18 -14.00 -8.63 -8.56
N LYS A 19 -13.81 -7.38 -8.94
CA LYS A 19 -12.94 -7.05 -10.08
C LYS A 19 -12.13 -5.79 -9.80
N GLY A 20 -10.81 -5.89 -10.01
CA GLY A 20 -9.95 -4.75 -9.78
C GLY A 20 -8.56 -5.17 -9.32
N TYR A 21 -8.11 -4.60 -8.21
CA TYR A 21 -6.80 -4.91 -7.67
C TYR A 21 -6.91 -5.67 -6.34
N HIS A 22 -7.93 -5.32 -5.56
CA HIS A 22 -8.16 -5.97 -4.27
C HIS A 22 -8.42 -7.47 -4.44
N LYS A 23 -8.79 -7.86 -5.66
CA LYS A 23 -9.07 -9.27 -5.95
C LYS A 23 -7.81 -10.12 -5.82
N ARG A 24 -6.70 -9.60 -6.34
CA ARG A 24 -5.43 -10.31 -6.29
C ARG A 24 -4.64 -9.94 -5.04
N HIS A 25 -5.34 -9.70 -3.94
CA HIS A 25 -4.68 -9.33 -2.68
C HIS A 25 -5.50 -9.81 -1.47
N ARG A 26 -6.39 -10.77 -1.69
CA ARG A 26 -7.23 -11.32 -0.62
C ARG A 26 -7.78 -10.20 0.27
N VAL A 27 -8.51 -9.28 -0.33
CA VAL A 27 -9.10 -8.16 0.39
C VAL A 27 -10.34 -7.65 -0.31
N CYS A 28 -11.32 -7.18 0.47
CA CYS A 28 -12.56 -6.67 -0.08
C CYS A 28 -12.44 -5.19 -0.44
N LEU A 29 -13.34 -4.71 -1.29
CA LEU A 29 -13.33 -3.32 -1.72
C LEU A 29 -13.47 -2.39 -0.51
N ARG A 30 -14.26 -2.79 0.48
CA ARG A 30 -14.47 -1.99 1.67
C ARG A 30 -13.15 -1.69 2.37
N CYS A 31 -12.23 -2.65 2.34
CA CYS A 31 -10.93 -2.48 2.96
C CYS A 31 -10.00 -1.64 2.09
N ALA A 32 -10.23 -1.68 0.79
CA ALA A 32 -9.41 -0.93 -0.16
C ALA A 32 -9.69 0.57 -0.05
N THR A 33 -10.95 0.91 0.16
CA THR A 33 -11.35 2.32 0.28
C THR A 33 -11.04 2.85 1.67
N ALA A 34 -11.25 2.02 2.68
CA ALA A 34 -11.01 2.41 4.07
C ALA A 34 -9.53 2.65 4.31
N SER A 35 -9.22 3.51 5.28
CA SER A 35 -7.84 3.83 5.61
C SER A 35 -7.07 2.57 6.02
N PHE A 36 -7.49 1.97 7.14
CA PHE A 36 -6.83 0.76 7.64
C PHE A 36 -7.86 -0.16 8.28
N VAL A 37 -7.39 -1.32 8.73
CA VAL A 37 -8.26 -2.30 9.37
C VAL A 37 -7.59 -2.93 10.59
N VAL A 38 -8.38 -3.22 11.61
CA VAL A 38 -7.86 -3.82 12.84
C VAL A 38 -7.52 -5.29 12.62
N LEU A 39 -6.39 -5.55 11.97
CA LEU A 39 -5.96 -6.91 11.70
C LEU A 39 -5.79 -7.70 12.99
N ASP A 40 -5.24 -8.91 12.87
CA ASP A 40 -5.02 -9.78 14.03
C ASP A 40 -4.27 -9.05 15.14
N GLY A 41 -5.01 -8.49 16.09
CA GLY A 41 -4.40 -7.77 17.20
C GLY A 41 -3.41 -6.71 16.74
N GLU A 42 -3.69 -6.11 15.58
CA GLU A 42 -2.81 -5.07 15.04
C GLU A 42 -3.55 -4.22 14.02
N ASN A 43 -2.92 -3.13 13.61
CA ASN A 43 -3.52 -2.22 12.63
C ASN A 43 -2.66 -2.13 11.38
N LYS A 44 -3.14 -2.72 10.29
CA LYS A 44 -2.40 -2.71 9.02
C LYS A 44 -3.03 -1.73 8.04
N ARG A 45 -2.19 -1.15 7.17
CA ARG A 45 -2.66 -0.20 6.17
C ARG A 45 -2.37 -0.71 4.77
N TYR A 46 -3.40 -0.72 3.92
CA TYR A 46 -3.26 -1.19 2.55
C TYR A 46 -2.25 -0.34 1.78
N CYS A 47 -1.12 -0.96 1.44
CA CYS A 47 -0.06 -0.27 0.71
C CYS A 47 -0.31 -0.36 -0.80
N GLN A 48 -0.70 0.76 -1.40
CA GLN A 48 -0.96 0.81 -2.84
C GLN A 48 0.31 0.61 -3.66
N GLN A 49 1.46 0.72 -3.00
CA GLN A 49 2.74 0.57 -3.68
C GLN A 49 3.04 -0.91 -3.95
N CYS A 50 2.67 -1.78 -3.01
CA CYS A 50 2.91 -3.20 -3.14
C CYS A 50 1.61 -3.98 -3.31
N GLY A 51 0.51 -3.39 -2.85
CA GLY A 51 -0.79 -4.04 -2.96
C GLY A 51 -1.16 -4.80 -1.69
N LYS A 52 -0.18 -5.48 -1.11
CA LYS A 52 -0.40 -6.25 0.10
C LYS A 52 -0.58 -5.33 1.31
N PHE A 53 -0.82 -5.93 2.47
CA PHE A 53 -1.02 -5.16 3.70
C PHE A 53 0.33 -4.86 4.36
N HIS A 54 0.37 -3.80 5.16
CA HIS A 54 1.58 -3.41 5.86
C HIS A 54 1.27 -2.97 7.29
N LEU A 55 2.31 -2.84 8.10
CA LEU A 55 2.16 -2.43 9.49
C LEU A 55 2.11 -0.91 9.63
N LEU A 56 1.22 -0.42 10.47
CA LEU A 56 1.07 1.02 10.68
C LEU A 56 2.35 1.63 11.28
N PRO A 57 3.00 0.97 12.26
CA PRO A 57 4.21 1.52 12.88
C PRO A 57 5.34 1.69 11.87
N ASP A 58 5.22 1.02 10.71
CA ASP A 58 6.24 1.12 9.67
C ASP A 58 5.82 2.10 8.58
N PHE A 59 5.16 3.17 8.99
CA PHE A 59 4.71 4.19 8.05
C PHE A 59 5.33 5.54 8.36
N ASP A 60 5.19 6.49 7.43
CA ASP A 60 5.74 7.82 7.61
C ASP A 60 5.01 8.84 6.73
N GLU A 61 5.46 10.09 6.79
CA GLU A 61 4.85 11.15 6.00
C GLU A 61 5.17 10.97 4.52
N GLY A 62 4.28 11.48 3.67
CA GLY A 62 4.48 11.35 2.23
C GLY A 62 3.23 10.87 1.51
N LYS A 63 3.12 9.56 1.35
CA LYS A 63 1.97 8.98 0.67
C LYS A 63 1.59 7.63 1.29
N ARG A 64 0.55 7.01 0.76
CA ARG A 64 0.09 5.72 1.27
C ARG A 64 0.98 4.58 0.75
N SER A 65 2.26 4.63 1.13
CA SER A 65 3.21 3.61 0.71
C SER A 65 4.37 3.50 1.71
N CYS A 66 4.97 2.33 1.79
CA CYS A 66 6.07 2.08 2.70
C CYS A 66 7.32 2.85 2.25
N ARG A 67 8.20 3.13 3.20
CA ARG A 67 9.43 3.86 2.90
C ARG A 67 10.65 3.13 3.45
N ARG A 68 11.08 2.09 2.74
CA ARG A 68 12.22 1.30 3.15
C ARG A 68 13.52 1.92 2.64
N LYS A 69 13.45 2.56 1.48
CA LYS A 69 14.63 3.20 0.88
C LYS A 69 14.21 4.21 -0.17
N LEU A 70 13.84 5.41 0.26
CA LEU A 70 13.43 6.47 -0.66
C LEU A 70 14.45 7.59 -0.68
N GLU A 71 15.04 7.87 0.48
CA GLU A 71 16.04 8.93 0.59
C GLU A 71 15.46 10.27 0.18
N ARG A 72 15.23 11.14 1.16
CA ARG A 72 14.67 12.46 0.91
C ARG A 72 15.45 13.54 1.66
N HIS A 73 15.29 13.58 2.97
CA HIS A 73 15.98 14.56 3.80
C HIS A 73 15.59 15.98 3.40
N ASN A 74 14.68 16.57 4.16
CA ASN A 74 14.22 17.93 3.88
C ASN A 74 15.22 18.95 4.42
N ASN A 75 15.17 20.15 3.86
CA ASN A 75 16.07 21.23 4.27
C ASN A 75 15.42 22.60 4.05
N ARG A 76 14.87 22.80 2.86
CA ARG A 76 14.22 24.06 2.52
C ARG A 76 12.85 23.82 1.90
N ARG A 77 12.13 24.91 1.63
CA ARG A 77 10.80 24.81 1.03
C ARG A 77 10.84 25.14 -0.46
N LYS A 78 10.25 24.27 -1.27
CA LYS A 78 10.22 24.48 -2.71
C LYS A 78 9.30 25.63 -3.08
N ARG A 79 9.85 26.63 -3.77
CA ARG A 79 9.07 27.79 -4.19
C ARG A 79 8.76 27.74 -5.68
N LYS A 80 8.26 28.85 -6.22
CA LYS A 80 7.93 28.91 -7.63
C LYS A 80 7.68 30.37 -8.06
N PRO A 81 6.65 31.03 -7.50
CA PRO A 81 6.32 32.42 -7.85
C PRO A 81 7.45 33.38 -7.50
N VAL A 82 7.89 34.16 -8.48
CA VAL A 82 8.97 35.12 -8.27
C VAL A 82 8.93 36.22 -9.33
N ASP A 83 9.23 37.44 -8.92
CA ASP A 83 9.23 38.58 -9.83
C ASP A 83 10.65 39.08 -10.09
N LYS A 84 11.15 38.84 -11.29
CA LYS A 84 12.51 39.25 -11.66
C LYS A 84 12.58 39.59 -13.14
N GLY A 85 12.43 40.86 -13.48
CA GLY A 85 12.49 41.29 -14.86
C GLY A 85 13.71 42.13 -15.16
N GLY A 86 14.11 42.96 -14.20
CA GLY A 86 15.27 43.80 -14.38
C GLY A 86 15.94 44.16 -13.07
N VAL A 87 16.12 43.16 -12.21
CA VAL A 87 16.76 43.38 -10.92
C VAL A 87 18.10 42.66 -10.84
N ALA A 88 18.10 41.36 -11.08
CA ALA A 88 19.32 40.56 -11.05
C ALA A 88 19.25 39.41 -12.04
N VAL A 3 -7.24 -17.40 -3.89
CA VAL A 3 -8.62 -17.08 -4.35
C VAL A 3 -9.08 -15.73 -3.77
N ALA A 4 -9.85 -14.99 -4.57
CA ALA A 4 -10.36 -13.70 -4.15
C ALA A 4 -11.20 -13.83 -2.88
N ARG A 5 -10.57 -13.55 -1.73
CA ARG A 5 -11.26 -13.64 -0.45
C ARG A 5 -10.52 -12.83 0.62
N CYS A 6 -11.15 -11.77 1.10
CA CYS A 6 -10.56 -10.93 2.13
C CYS A 6 -10.21 -11.75 3.35
N GLN A 7 -8.95 -12.12 3.47
CA GLN A 7 -8.48 -12.93 4.59
C GLN A 7 -8.05 -12.09 5.78
N VAL A 8 -8.82 -11.06 6.10
CA VAL A 8 -8.52 -10.20 7.24
C VAL A 8 -9.19 -10.73 8.50
N PRO A 9 -8.42 -10.99 9.57
CA PRO A 9 -8.95 -11.51 10.83
C PRO A 9 -10.22 -10.79 11.27
N ASP A 10 -10.15 -9.45 11.33
CA ASP A 10 -11.30 -8.65 11.74
C ASP A 10 -12.34 -8.55 10.63
N CYS A 11 -11.91 -8.78 9.39
CA CYS A 11 -12.81 -8.71 8.24
C CYS A 11 -12.66 -9.94 7.35
N GLU A 12 -13.52 -10.93 7.58
CA GLU A 12 -13.48 -12.16 6.80
C GLU A 12 -14.50 -12.09 5.66
N ALA A 13 -14.15 -11.36 4.61
CA ALA A 13 -15.05 -11.20 3.46
C ALA A 13 -14.80 -12.28 2.42
N ASP A 14 -15.87 -12.68 1.73
CA ASP A 14 -15.77 -13.70 0.69
C ASP A 14 -15.91 -13.09 -0.69
N ILE A 15 -15.01 -12.17 -1.02
CA ILE A 15 -15.02 -11.50 -2.31
C ILE A 15 -14.52 -12.43 -3.42
N SER A 16 -15.31 -13.46 -3.72
CA SER A 16 -14.95 -14.41 -4.76
C SER A 16 -15.57 -14.03 -6.10
N GLU A 17 -15.85 -12.75 -6.28
CA GLU A 17 -16.44 -12.26 -7.52
C GLU A 17 -16.21 -10.75 -7.68
N LEU A 18 -15.10 -10.28 -7.13
CA LEU A 18 -14.77 -8.86 -7.20
C LEU A 18 -14.15 -8.51 -8.55
N LYS A 19 -13.67 -7.28 -8.69
CA LYS A 19 -13.06 -6.82 -9.93
C LYS A 19 -12.17 -5.61 -9.68
N GLY A 20 -10.97 -5.62 -10.26
CA GLY A 20 -10.05 -4.51 -10.10
C GLY A 20 -8.67 -4.97 -9.66
N TYR A 21 -8.14 -4.30 -8.64
CA TYR A 21 -6.82 -4.65 -8.12
C TYR A 21 -6.91 -5.31 -6.76
N HIS A 22 -7.97 -4.98 -6.02
CA HIS A 22 -8.17 -5.54 -4.68
C HIS A 22 -8.65 -6.99 -4.75
N LYS A 23 -8.88 -7.49 -5.96
CA LYS A 23 -9.33 -8.86 -6.14
C LYS A 23 -8.15 -9.83 -6.13
N ARG A 24 -7.04 -9.40 -6.69
CA ARG A 24 -5.84 -10.23 -6.75
C ARG A 24 -4.95 -10.01 -5.52
N HIS A 25 -5.53 -9.47 -4.45
CA HIS A 25 -4.76 -9.23 -3.23
C HIS A 25 -5.50 -9.77 -2.00
N ARG A 26 -6.51 -10.59 -2.23
CA ARG A 26 -7.27 -11.19 -1.13
C ARG A 26 -7.79 -10.11 -0.18
N VAL A 27 -8.46 -9.12 -0.73
CA VAL A 27 -9.00 -8.01 0.06
C VAL A 27 -10.26 -7.45 -0.59
N CYS A 28 -11.20 -7.01 0.24
CA CYS A 28 -12.45 -6.45 -0.26
C CYS A 28 -12.33 -4.96 -0.52
N LEU A 29 -13.33 -4.39 -1.20
CA LEU A 29 -13.34 -2.97 -1.52
C LEU A 29 -13.45 -2.12 -0.25
N ARG A 30 -14.22 -2.61 0.72
CA ARG A 30 -14.40 -1.87 1.97
C ARG A 30 -13.07 -1.63 2.66
N CYS A 31 -12.13 -2.56 2.50
CA CYS A 31 -10.81 -2.44 3.10
C CYS A 31 -9.91 -1.55 2.26
N ALA A 32 -10.13 -1.56 0.95
CA ALA A 32 -9.33 -0.75 0.04
C ALA A 32 -9.59 0.73 0.24
N THR A 33 -10.86 1.09 0.39
CA THR A 33 -11.23 2.48 0.60
C THR A 33 -11.05 2.90 2.06
N ALA A 34 -11.20 1.93 2.96
CA ALA A 34 -11.04 2.20 4.38
C ALA A 34 -9.65 2.75 4.69
N SER A 35 -9.56 3.54 5.76
CA SER A 35 -8.30 4.14 6.16
C SER A 35 -7.36 3.09 6.73
N PHE A 36 -7.93 2.12 7.45
CA PHE A 36 -7.13 1.05 8.04
C PHE A 36 -8.03 -0.11 8.47
N VAL A 37 -7.40 -1.20 8.91
CA VAL A 37 -8.14 -2.38 9.35
C VAL A 37 -7.58 -2.92 10.66
N VAL A 38 -8.47 -3.41 11.52
CA VAL A 38 -8.06 -3.95 12.80
C VAL A 38 -7.62 -5.41 12.67
N LEU A 39 -6.51 -5.63 11.95
CA LEU A 39 -5.99 -6.97 11.75
C LEU A 39 -5.73 -7.66 13.08
N ASP A 40 -5.09 -8.83 13.01
CA ASP A 40 -4.77 -9.60 14.22
C ASP A 40 -4.02 -8.76 15.24
N GLY A 41 -4.76 -8.09 16.12
CA GLY A 41 -4.15 -7.25 17.14
C GLY A 41 -3.17 -6.24 16.57
N GLU A 42 -3.34 -5.90 15.29
CA GLU A 42 -2.46 -4.95 14.63
C GLU A 42 -3.20 -4.18 13.55
N ASN A 43 -3.06 -2.86 13.56
CA ASN A 43 -3.72 -2.02 12.56
C ASN A 43 -2.87 -1.91 11.30
N LYS A 44 -3.21 -2.70 10.30
CA LYS A 44 -2.47 -2.69 9.04
C LYS A 44 -3.14 -1.78 8.02
N ARG A 45 -2.36 -1.30 7.06
CA ARG A 45 -2.86 -0.42 6.02
C ARG A 45 -2.61 -1.00 4.63
N TYR A 46 -3.59 -0.89 3.75
CA TYR A 46 -3.46 -1.42 2.39
C TYR A 46 -2.40 -0.65 1.61
N CYS A 47 -1.25 -1.29 1.43
CA CYS A 47 -0.15 -0.67 0.69
C CYS A 47 -0.44 -0.66 -0.80
N GLN A 48 -0.59 0.55 -1.35
CA GLN A 48 -0.88 0.70 -2.78
C GLN A 48 0.34 0.38 -3.64
N GLN A 49 1.48 0.11 -3.01
CA GLN A 49 2.70 -0.20 -3.74
C GLN A 49 2.92 -1.71 -3.84
N CYS A 50 2.36 -2.46 -2.89
CA CYS A 50 2.51 -3.92 -2.88
C CYS A 50 1.16 -4.62 -2.86
N GLY A 51 0.15 -3.97 -2.30
CA GLY A 51 -1.17 -4.56 -2.23
C GLY A 51 -1.43 -5.23 -0.90
N LYS A 52 -0.44 -5.97 -0.42
CA LYS A 52 -0.56 -6.67 0.86
C LYS A 52 -0.82 -5.69 1.99
N PHE A 53 -0.92 -6.22 3.21
CA PHE A 53 -1.17 -5.39 4.39
C PHE A 53 0.11 -5.19 5.19
N HIS A 54 0.49 -3.93 5.39
CA HIS A 54 1.69 -3.61 6.15
C HIS A 54 1.34 -3.08 7.53
N LEU A 55 2.36 -2.73 8.31
CA LEU A 55 2.15 -2.21 9.66
C LEU A 55 2.00 -0.69 9.63
N LEU A 56 1.08 -0.17 10.42
CA LEU A 56 0.83 1.27 10.49
C LEU A 56 2.08 2.04 10.95
N PRO A 57 2.82 1.54 11.97
CA PRO A 57 4.01 2.24 12.46
C PRO A 57 5.15 2.25 11.44
N ASP A 58 5.01 1.46 10.38
CA ASP A 58 6.03 1.39 9.35
C ASP A 58 5.68 2.32 8.18
N PHE A 59 5.22 3.52 8.50
CA PHE A 59 4.86 4.51 7.49
C PHE A 59 5.39 5.88 7.86
N ASP A 60 5.65 6.70 6.84
CA ASP A 60 6.17 8.05 7.06
C ASP A 60 5.06 9.08 6.89
N GLU A 61 5.42 10.35 7.00
CA GLU A 61 4.46 11.44 6.86
C GLU A 61 4.36 11.90 5.41
N GLY A 62 4.27 10.95 4.50
CA GLY A 62 4.16 11.27 3.09
C GLY A 62 3.05 10.52 2.39
N LYS A 63 3.40 9.43 1.72
CA LYS A 63 2.42 8.62 1.01
C LYS A 63 1.98 7.42 1.85
N ARG A 64 0.99 6.69 1.37
CA ARG A 64 0.49 5.52 2.07
C ARG A 64 1.14 4.24 1.56
N SER A 65 2.43 4.10 1.84
CA SER A 65 3.17 2.92 1.41
C SER A 65 4.45 2.74 2.25
N CYS A 66 4.99 1.53 2.24
CA CYS A 66 6.20 1.23 2.99
C CYS A 66 7.36 2.10 2.52
N ARG A 67 8.28 2.41 3.44
CA ARG A 67 9.43 3.24 3.12
C ARG A 67 10.63 2.37 2.74
N ARG A 68 10.59 1.81 1.53
CA ARG A 68 11.67 0.95 1.05
C ARG A 68 12.04 1.31 -0.38
N LYS A 69 13.03 2.18 -0.53
CA LYS A 69 13.48 2.60 -1.85
C LYS A 69 12.36 3.28 -2.62
N LEU A 70 12.09 4.54 -2.29
CA LEU A 70 11.04 5.31 -2.95
C LEU A 70 11.49 5.81 -4.31
N GLU A 71 12.80 5.99 -4.46
CA GLU A 71 13.37 6.47 -5.72
C GLU A 71 12.86 7.87 -6.05
N ARG A 72 13.68 8.66 -6.73
CA ARG A 72 13.31 10.01 -7.12
C ARG A 72 13.30 10.16 -8.63
N HIS A 73 12.13 10.46 -9.18
CA HIS A 73 11.99 10.63 -10.62
C HIS A 73 10.84 11.59 -10.94
N ASN A 74 10.62 12.55 -10.05
CA ASN A 74 9.56 13.55 -10.24
C ASN A 74 10.05 14.70 -11.12
N ASN A 75 9.15 15.64 -11.39
CA ASN A 75 9.49 16.80 -12.21
C ASN A 75 9.89 17.98 -11.34
N ARG A 76 10.80 18.80 -11.85
CA ARG A 76 11.28 19.97 -11.12
C ARG A 76 11.17 21.22 -11.98
N ARG A 77 10.09 21.97 -11.80
CA ARG A 77 9.87 23.20 -12.56
C ARG A 77 10.20 24.42 -11.71
N LYS A 78 10.77 25.44 -12.36
CA LYS A 78 11.14 26.67 -11.68
C LYS A 78 10.48 27.88 -12.32
N ARG A 79 10.91 29.08 -11.91
CA ARG A 79 10.35 30.32 -12.46
C ARG A 79 10.77 30.50 -13.92
N LYS A 80 9.80 30.44 -14.82
CA LYS A 80 10.07 30.60 -16.24
C LYS A 80 8.93 31.36 -16.93
N PRO A 81 9.02 32.70 -17.01
CA PRO A 81 7.99 33.53 -17.65
C PRO A 81 7.63 33.02 -19.04
N VAL A 82 8.56 32.35 -19.69
CA VAL A 82 8.33 31.81 -21.03
C VAL A 82 8.19 30.29 -21.00
N ASP A 83 7.20 29.78 -21.71
CA ASP A 83 6.95 28.35 -21.76
C ASP A 83 7.61 27.73 -23.00
N LYS A 84 7.63 28.49 -24.09
CA LYS A 84 8.23 28.03 -25.33
C LYS A 84 9.66 28.54 -25.49
N GLY A 85 10.39 27.96 -26.43
CA GLY A 85 11.77 28.38 -26.66
C GLY A 85 12.46 27.56 -27.72
N GLY A 86 12.58 26.26 -27.48
CA GLY A 86 13.23 25.38 -28.44
C GLY A 86 12.59 24.01 -28.49
N VAL A 87 12.31 23.44 -27.32
CA VAL A 87 11.69 22.13 -27.23
C VAL A 87 10.36 22.19 -26.49
N ALA A 88 9.67 23.33 -26.60
CA ALA A 88 8.39 23.51 -25.94
C ALA A 88 7.36 24.10 -26.90
N VAL A 3 -6.48 -17.16 -3.30
CA VAL A 3 -7.96 -17.19 -3.39
C VAL A 3 -8.55 -15.82 -3.04
N ALA A 4 -9.21 -15.19 -4.01
CA ALA A 4 -9.83 -13.90 -3.81
C ALA A 4 -10.83 -13.93 -2.66
N ARG A 5 -10.38 -13.59 -1.46
CA ARG A 5 -11.24 -13.60 -0.29
C ARG A 5 -10.65 -12.74 0.83
N CYS A 6 -11.37 -11.69 1.21
CA CYS A 6 -10.91 -10.80 2.27
C CYS A 6 -10.75 -11.58 3.57
N GLN A 7 -9.54 -12.05 3.82
CA GLN A 7 -9.25 -12.83 5.02
C GLN A 7 -8.83 -11.94 6.20
N VAL A 8 -9.54 -10.83 6.39
CA VAL A 8 -9.25 -9.92 7.48
C VAL A 8 -10.03 -10.31 8.73
N PRO A 9 -9.34 -10.56 9.86
CA PRO A 9 -9.99 -10.96 11.12
C PRO A 9 -11.25 -10.15 11.41
N ASP A 10 -11.14 -8.83 11.35
CA ASP A 10 -12.28 -7.96 11.62
C ASP A 10 -13.25 -7.95 10.44
N CYS A 11 -12.74 -8.24 9.25
CA CYS A 11 -13.58 -8.26 8.05
C CYS A 11 -13.33 -9.50 7.20
N GLU A 12 -14.16 -10.52 7.39
CA GLU A 12 -14.04 -11.76 6.64
C GLU A 12 -15.02 -11.77 5.48
N ALA A 13 -14.72 -10.98 4.44
CA ALA A 13 -15.58 -10.88 3.28
C ALA A 13 -15.22 -11.91 2.21
N ASP A 14 -16.17 -12.20 1.33
CA ASP A 14 -15.96 -13.16 0.26
C ASP A 14 -15.89 -12.45 -1.10
N ILE A 15 -14.69 -12.06 -1.49
CA ILE A 15 -14.48 -11.38 -2.76
C ILE A 15 -14.00 -12.34 -3.83
N SER A 16 -14.81 -13.33 -4.15
CA SER A 16 -14.46 -14.31 -5.17
C SER A 16 -15.08 -13.96 -6.51
N GLU A 17 -15.37 -12.67 -6.71
CA GLU A 17 -15.97 -12.19 -7.94
C GLU A 17 -15.76 -10.69 -8.11
N LEU A 18 -14.67 -10.19 -7.55
CA LEU A 18 -14.36 -8.77 -7.65
C LEU A 18 -13.29 -8.52 -8.70
N LYS A 19 -13.49 -7.47 -9.49
CA LYS A 19 -12.54 -7.11 -10.55
C LYS A 19 -11.80 -5.83 -10.21
N GLY A 20 -10.48 -5.86 -10.34
CA GLY A 20 -9.68 -4.68 -10.05
C GLY A 20 -8.30 -5.04 -9.53
N TYR A 21 -8.11 -4.87 -8.22
CA TYR A 21 -6.82 -5.18 -7.59
C TYR A 21 -7.02 -5.90 -6.27
N HIS A 22 -7.98 -5.44 -5.47
CA HIS A 22 -8.27 -6.06 -4.18
C HIS A 22 -8.57 -7.55 -4.32
N LYS A 23 -8.94 -7.97 -5.52
CA LYS A 23 -9.26 -9.36 -5.78
C LYS A 23 -8.02 -10.23 -5.65
N ARG A 24 -6.91 -9.78 -6.23
CA ARG A 24 -5.66 -10.52 -6.18
C ARG A 24 -4.83 -10.13 -4.95
N HIS A 25 -5.50 -9.83 -3.84
CA HIS A 25 -4.80 -9.45 -2.62
C HIS A 25 -5.57 -9.89 -1.38
N ARG A 26 -6.50 -10.84 -1.55
CA ARG A 26 -7.29 -11.35 -0.43
C ARG A 26 -7.89 -10.20 0.39
N VAL A 27 -8.49 -9.24 -0.30
CA VAL A 27 -9.11 -8.09 0.36
C VAL A 27 -10.31 -7.59 -0.44
N CYS A 28 -11.21 -6.87 0.24
CA CYS A 28 -12.40 -6.33 -0.42
C CYS A 28 -12.24 -4.84 -0.70
N LEU A 29 -13.20 -4.28 -1.44
CA LEU A 29 -13.18 -2.87 -1.79
C LEU A 29 -13.32 -1.99 -0.54
N ARG A 30 -14.18 -2.43 0.39
CA ARG A 30 -14.40 -1.67 1.62
C ARG A 30 -13.11 -1.47 2.40
N CYS A 31 -12.20 -2.44 2.30
CA CYS A 31 -10.92 -2.36 3.00
C CYS A 31 -9.90 -1.60 2.17
N ALA A 32 -10.03 -1.67 0.84
CA ALA A 32 -9.11 -0.97 -0.05
C ALA A 32 -9.25 0.54 0.09
N THR A 33 -10.44 1.00 0.45
CA THR A 33 -10.69 2.43 0.60
C THR A 33 -10.67 2.83 2.08
N ALA A 34 -11.03 1.89 2.95
CA ALA A 34 -11.06 2.15 4.38
C ALA A 34 -9.69 2.62 4.88
N SER A 35 -9.68 3.26 6.05
CA SER A 35 -8.44 3.75 6.63
C SER A 35 -7.50 2.60 6.98
N PHE A 36 -7.90 1.78 7.94
CA PHE A 36 -7.10 0.64 8.36
C PHE A 36 -7.97 -0.43 9.01
N VAL A 37 -7.36 -1.58 9.30
CA VAL A 37 -8.07 -2.69 9.91
C VAL A 37 -7.28 -3.28 11.09
N VAL A 38 -7.98 -3.56 12.18
CA VAL A 38 -7.33 -4.12 13.36
C VAL A 38 -7.13 -5.62 13.21
N LEU A 39 -6.21 -5.99 12.32
CA LEU A 39 -5.90 -7.40 12.08
C LEU A 39 -5.46 -8.10 13.36
N ASP A 40 -4.97 -9.32 13.24
CA ASP A 40 -4.52 -10.09 14.41
C ASP A 40 -3.55 -9.30 15.27
N GLY A 41 -4.09 -8.60 16.26
CA GLY A 41 -3.25 -7.80 17.16
C GLY A 41 -2.29 -6.91 16.40
N GLU A 42 -2.68 -6.50 15.21
CA GLU A 42 -1.83 -5.61 14.39
C GLU A 42 -2.66 -4.84 13.39
N ASN A 43 -2.59 -3.51 13.44
CA ASN A 43 -3.33 -2.66 12.54
C ASN A 43 -2.57 -2.47 11.23
N LYS A 44 -2.99 -3.18 10.19
CA LYS A 44 -2.35 -3.09 8.89
C LYS A 44 -3.09 -2.12 7.98
N ARG A 45 -2.34 -1.48 7.08
CA ARG A 45 -2.93 -0.52 6.15
C ARG A 45 -2.64 -0.92 4.71
N TYR A 46 -3.67 -0.89 3.87
CA TYR A 46 -3.52 -1.25 2.47
C TYR A 46 -2.50 -0.35 1.78
N CYS A 47 -1.37 -0.94 1.39
CA CYS A 47 -0.32 -0.18 0.72
C CYS A 47 -0.66 0.05 -0.75
N GLN A 48 -0.94 1.31 -1.08
CA GLN A 48 -1.27 1.68 -2.45
C GLN A 48 -0.04 1.64 -3.35
N GLN A 49 0.60 0.48 -3.39
CA GLN A 49 1.80 0.29 -4.20
C GLN A 49 2.11 -1.19 -4.36
N CYS A 50 1.92 -1.96 -3.29
CA CYS A 50 2.18 -3.39 -3.32
C CYS A 50 0.88 -4.18 -3.20
N GLY A 51 -0.12 -3.58 -2.54
CA GLY A 51 -1.39 -4.25 -2.38
C GLY A 51 -1.50 -5.00 -1.06
N LYS A 52 -0.42 -5.67 -0.68
CA LYS A 52 -0.40 -6.44 0.56
C LYS A 52 -0.65 -5.54 1.76
N PHE A 53 -0.93 -6.16 2.90
CA PHE A 53 -1.19 -5.41 4.13
C PHE A 53 0.10 -5.15 4.89
N HIS A 54 0.50 -3.89 4.97
CA HIS A 54 1.72 -3.51 5.67
C HIS A 54 1.42 -3.06 7.10
N LEU A 55 2.46 -2.84 7.89
CA LEU A 55 2.31 -2.40 9.26
C LEU A 55 2.14 -0.89 9.35
N LEU A 56 1.27 -0.44 10.24
CA LEU A 56 1.03 0.99 10.41
C LEU A 56 2.31 1.75 10.78
N PRO A 57 3.14 1.23 11.71
CA PRO A 57 4.37 1.90 12.11
C PRO A 57 5.32 2.11 10.95
N ASP A 58 5.17 1.30 9.90
CA ASP A 58 6.02 1.39 8.71
C ASP A 58 5.40 2.33 7.68
N PHE A 59 5.23 3.59 8.05
CA PHE A 59 4.65 4.58 7.16
C PHE A 59 5.14 5.99 7.51
N ASP A 60 5.30 6.82 6.49
CA ASP A 60 5.76 8.20 6.70
C ASP A 60 4.63 9.19 6.48
N GLU A 61 4.84 10.43 6.92
CA GLU A 61 3.84 11.47 6.78
C GLU A 61 3.79 12.00 5.35
N GLY A 62 2.68 11.77 4.66
CA GLY A 62 2.54 12.22 3.29
C GLY A 62 2.02 11.14 2.37
N LYS A 63 2.81 10.09 2.20
CA LYS A 63 2.42 8.98 1.33
C LYS A 63 1.76 7.87 2.15
N ARG A 64 1.01 7.01 1.46
CA ARG A 64 0.33 5.90 2.11
C ARG A 64 0.94 4.57 1.70
N SER A 65 2.25 4.56 1.54
CA SER A 65 2.96 3.34 1.15
C SER A 65 4.17 3.10 2.05
N CYS A 66 4.72 1.90 1.98
CA CYS A 66 5.88 1.54 2.79
C CYS A 66 7.05 2.49 2.54
N ARG A 67 8.03 2.47 3.43
CA ARG A 67 9.20 3.33 3.30
C ARG A 67 10.41 2.53 2.82
N ARG A 68 10.47 2.26 1.53
CA ARG A 68 11.57 1.50 0.95
C ARG A 68 12.00 2.11 -0.38
N LYS A 69 11.03 2.39 -1.24
CA LYS A 69 11.30 2.97 -2.55
C LYS A 69 10.93 4.45 -2.58
N LEU A 70 11.05 5.11 -1.43
CA LEU A 70 10.73 6.53 -1.32
C LEU A 70 11.98 7.39 -1.43
N GLU A 71 11.92 8.42 -2.27
CA GLU A 71 13.05 9.30 -2.48
C GLU A 71 14.27 8.54 -2.98
N ARG A 72 14.54 8.65 -4.28
CA ARG A 72 15.67 7.96 -4.89
C ARG A 72 16.98 8.44 -4.26
N HIS A 73 18.01 7.60 -4.36
CA HIS A 73 19.31 7.92 -3.81
C HIS A 73 20.35 6.86 -4.19
N ASN A 74 21.51 7.32 -4.64
CA ASN A 74 22.58 6.41 -5.05
C ASN A 74 22.13 5.50 -6.18
N ASN A 75 22.24 5.99 -7.41
CA ASN A 75 21.84 5.22 -8.58
C ASN A 75 22.55 3.87 -8.62
N ARG A 76 22.22 3.06 -9.62
CA ARG A 76 22.82 1.73 -9.76
C ARG A 76 23.77 1.70 -10.97
N ARG A 77 24.37 2.84 -11.28
CA ARG A 77 25.29 2.94 -12.40
C ARG A 77 25.92 4.33 -12.48
N LYS A 78 27.24 4.36 -12.51
CA LYS A 78 27.97 5.63 -12.58
C LYS A 78 27.68 6.49 -11.35
N ARG A 79 28.20 7.71 -11.35
CA ARG A 79 28.00 8.64 -10.23
C ARG A 79 27.73 10.05 -10.74
N LYS A 80 28.55 10.50 -11.67
CA LYS A 80 28.40 11.84 -12.23
C LYS A 80 28.37 11.79 -13.76
N PRO A 81 27.18 11.60 -14.35
CA PRO A 81 27.01 11.52 -15.81
C PRO A 81 27.18 12.88 -16.47
N VAL A 82 28.17 12.98 -17.36
CA VAL A 82 28.45 14.23 -18.07
C VAL A 82 28.12 14.10 -19.55
N ASP A 83 27.41 15.08 -20.08
CA ASP A 83 27.03 15.08 -21.50
C ASP A 83 27.84 16.11 -22.27
N LYS A 84 29.08 16.33 -21.86
CA LYS A 84 29.95 17.29 -22.52
C LYS A 84 31.38 16.78 -22.57
N GLY A 85 31.54 15.47 -22.75
CA GLY A 85 32.86 14.88 -22.82
C GLY A 85 32.88 13.46 -22.29
N GLY A 86 33.47 12.55 -23.06
CA GLY A 86 33.55 11.16 -22.64
C GLY A 86 34.54 10.36 -23.47
N VAL A 87 34.66 9.09 -23.16
CA VAL A 87 35.58 8.21 -23.88
C VAL A 87 34.98 6.82 -24.08
N ALA A 88 33.66 6.76 -24.20
CA ALA A 88 32.96 5.49 -24.39
C ALA A 88 32.04 5.55 -25.60
N VAL A 3 -6.74 -17.22 -3.93
CA VAL A 3 -8.21 -17.10 -3.97
C VAL A 3 -8.67 -15.71 -3.57
N ALA A 4 -9.53 -15.11 -4.38
CA ALA A 4 -10.04 -13.77 -4.12
C ALA A 4 -10.98 -13.78 -2.91
N ARG A 5 -10.43 -13.50 -1.73
CA ARG A 5 -11.20 -13.47 -0.51
C ARG A 5 -10.50 -12.68 0.58
N CYS A 6 -11.14 -11.62 1.06
CA CYS A 6 -10.56 -10.78 2.11
C CYS A 6 -10.30 -11.63 3.35
N GLN A 7 -9.07 -12.10 3.50
CA GLN A 7 -8.69 -12.94 4.64
C GLN A 7 -8.24 -12.11 5.84
N VAL A 8 -8.96 -11.04 6.13
CA VAL A 8 -8.64 -10.20 7.28
C VAL A 8 -9.39 -10.69 8.52
N PRO A 9 -8.69 -10.89 9.65
CA PRO A 9 -9.31 -11.36 10.88
C PRO A 9 -10.56 -10.56 11.25
N ASP A 10 -10.39 -9.24 11.39
CA ASP A 10 -11.51 -8.37 11.74
C ASP A 10 -12.49 -8.23 10.57
N CYS A 11 -12.01 -8.53 9.37
CA CYS A 11 -12.86 -8.42 8.17
C CYS A 11 -12.73 -9.66 7.29
N GLU A 12 -13.63 -10.62 7.49
CA GLU A 12 -13.62 -11.84 6.70
C GLU A 12 -14.60 -11.73 5.53
N ALA A 13 -14.21 -10.97 4.52
CA ALA A 13 -15.06 -10.75 3.35
C ALA A 13 -14.80 -11.79 2.26
N ASP A 14 -15.78 -11.98 1.40
CA ASP A 14 -15.67 -12.95 0.31
C ASP A 14 -15.78 -12.26 -1.04
N ILE A 15 -14.64 -11.81 -1.56
CA ILE A 15 -14.61 -11.11 -2.84
C ILE A 15 -14.34 -12.09 -3.99
N SER A 16 -15.06 -13.21 -3.99
CA SER A 16 -14.89 -14.21 -5.03
C SER A 16 -15.50 -13.74 -6.35
N GLU A 17 -16.48 -12.84 -6.25
CA GLU A 17 -17.14 -12.32 -7.44
C GLU A 17 -16.63 -10.92 -7.77
N LEU A 18 -16.15 -10.21 -6.75
CA LEU A 18 -15.63 -8.86 -6.94
C LEU A 18 -14.53 -8.84 -7.99
N LYS A 19 -14.34 -7.67 -8.62
CA LYS A 19 -13.31 -7.52 -9.64
C LYS A 19 -12.47 -6.28 -9.39
N GLY A 20 -11.26 -6.28 -9.93
CA GLY A 20 -10.36 -5.14 -9.75
C GLY A 20 -8.99 -5.55 -9.27
N TYR A 21 -8.33 -4.66 -8.53
CA TYR A 21 -7.00 -4.95 -8.01
C TYR A 21 -7.08 -5.71 -6.69
N HIS A 22 -8.03 -5.31 -5.84
CA HIS A 22 -8.21 -5.96 -4.55
C HIS A 22 -8.49 -7.45 -4.71
N LYS A 23 -8.93 -7.85 -5.90
CA LYS A 23 -9.23 -9.25 -6.18
C LYS A 23 -7.97 -10.10 -6.10
N ARG A 24 -6.88 -9.60 -6.68
CA ARG A 24 -5.61 -10.32 -6.68
C ARG A 24 -4.76 -9.97 -5.46
N HIS A 25 -5.41 -9.68 -4.34
CA HIS A 25 -4.70 -9.33 -3.11
C HIS A 25 -5.45 -9.82 -1.87
N ARG A 26 -6.38 -10.75 -2.06
CA ARG A 26 -7.16 -11.31 -0.95
C ARG A 26 -7.70 -10.20 -0.05
N VAL A 27 -8.39 -9.24 -0.64
CA VAL A 27 -8.96 -8.13 0.11
C VAL A 27 -10.23 -7.61 -0.59
N CYS A 28 -11.08 -6.94 0.19
CA CYS A 28 -12.32 -6.39 -0.35
C CYS A 28 -12.19 -4.90 -0.67
N LEU A 29 -13.13 -4.38 -1.44
CA LEU A 29 -13.12 -2.97 -1.81
C LEU A 29 -13.19 -2.07 -0.59
N ARG A 30 -13.98 -2.49 0.41
CA ARG A 30 -14.14 -1.72 1.63
C ARG A 30 -12.79 -1.47 2.30
N CYS A 31 -11.90 -2.44 2.21
CA CYS A 31 -10.57 -2.32 2.80
C CYS A 31 -9.64 -1.50 1.91
N ALA A 32 -9.89 -1.54 0.61
CA ALA A 32 -9.07 -0.80 -0.35
C ALA A 32 -9.23 0.70 -0.17
N THR A 33 -10.45 1.12 0.20
CA THR A 33 -10.74 2.54 0.41
C THR A 33 -10.59 2.92 1.87
N ALA A 34 -10.83 1.96 2.76
CA ALA A 34 -10.73 2.21 4.20
C ALA A 34 -9.35 2.73 4.56
N SER A 35 -9.27 3.41 5.70
CA SER A 35 -8.00 3.97 6.17
C SER A 35 -7.12 2.88 6.76
N PHE A 36 -7.65 2.17 7.75
CA PHE A 36 -6.92 1.09 8.41
C PHE A 36 -7.85 -0.06 8.79
N VAL A 37 -7.26 -1.16 9.23
CA VAL A 37 -8.03 -2.33 9.62
C VAL A 37 -7.43 -3.02 10.83
N VAL A 38 -8.27 -3.41 11.78
CA VAL A 38 -7.81 -4.09 12.99
C VAL A 38 -7.43 -5.53 12.70
N LEU A 39 -6.30 -5.72 12.04
CA LEU A 39 -5.83 -7.07 11.69
C LEU A 39 -5.56 -7.87 12.96
N ASP A 40 -4.97 -9.05 12.78
CA ASP A 40 -4.65 -9.93 13.91
C ASP A 40 -3.80 -9.21 14.95
N GLY A 41 -4.46 -8.58 15.92
CA GLY A 41 -3.76 -7.86 16.97
C GLY A 41 -2.77 -6.86 16.43
N GLU A 42 -3.05 -6.32 15.24
CA GLU A 42 -2.16 -5.34 14.62
C GLU A 42 -2.90 -4.54 13.55
N ASN A 43 -2.96 -3.23 13.75
CA ASN A 43 -3.64 -2.34 12.81
C ASN A 43 -2.78 -2.08 11.59
N LYS A 44 -3.03 -2.83 10.52
CA LYS A 44 -2.27 -2.68 9.28
C LYS A 44 -3.07 -1.92 8.24
N ARG A 45 -2.36 -1.20 7.36
CA ARG A 45 -3.01 -0.44 6.31
C ARG A 45 -2.87 -1.13 4.96
N TYR A 46 -3.54 -0.59 3.94
CA TYR A 46 -3.50 -1.17 2.60
C TYR A 46 -2.47 -0.44 1.74
N CYS A 47 -1.30 -1.06 1.57
CA CYS A 47 -0.24 -0.48 0.76
C CYS A 47 -0.50 -0.70 -0.73
N GLN A 48 -0.86 0.36 -1.44
CA GLN A 48 -1.14 0.28 -2.87
C GLN A 48 0.12 -0.03 -3.68
N GLN A 49 1.28 0.12 -3.04
CA GLN A 49 2.55 -0.14 -3.71
C GLN A 49 2.82 -1.64 -3.84
N CYS A 50 2.41 -2.40 -2.83
CA CYS A 50 2.63 -3.85 -2.84
C CYS A 50 1.30 -4.61 -2.87
N GLY A 51 0.23 -3.96 -2.42
CA GLY A 51 -1.07 -4.60 -2.41
C GLY A 51 -1.41 -5.20 -1.06
N LYS A 52 -0.45 -5.93 -0.48
CA LYS A 52 -0.65 -6.57 0.81
C LYS A 52 -0.84 -5.52 1.90
N PHE A 53 -1.05 -5.99 3.13
CA PHE A 53 -1.24 -5.10 4.27
C PHE A 53 0.08 -4.82 4.98
N HIS A 54 0.26 -3.59 5.45
CA HIS A 54 1.47 -3.20 6.14
C HIS A 54 1.15 -2.66 7.53
N LEU A 55 2.13 -2.72 8.42
CA LEU A 55 1.95 -2.24 9.79
C LEU A 55 1.80 -0.72 9.81
N LEU A 56 1.01 -0.22 10.77
CA LEU A 56 0.78 1.20 10.90
C LEU A 56 2.05 1.95 11.33
N PRO A 57 2.86 1.39 12.26
CA PRO A 57 4.09 2.05 12.72
C PRO A 57 5.13 2.17 11.61
N ASP A 58 4.92 1.44 10.52
CA ASP A 58 5.85 1.48 9.40
C ASP A 58 5.37 2.44 8.32
N PHE A 59 4.77 3.55 8.75
CA PHE A 59 4.25 4.55 7.82
C PHE A 59 4.86 5.92 8.12
N ASP A 60 4.70 6.85 7.18
CA ASP A 60 5.22 8.19 7.35
C ASP A 60 4.34 9.21 6.63
N GLU A 61 4.59 10.49 6.90
CA GLU A 61 3.82 11.57 6.29
C GLU A 61 3.98 11.55 4.77
N GLY A 62 2.85 11.45 4.06
CA GLY A 62 2.90 11.42 2.61
C GLY A 62 1.89 10.47 2.02
N LYS A 63 2.37 9.52 1.22
CA LYS A 63 1.50 8.54 0.59
C LYS A 63 1.13 7.43 1.56
N ARG A 64 0.36 6.45 1.09
CA ARG A 64 -0.06 5.33 1.92
C ARG A 64 0.75 4.08 1.60
N SER A 65 2.00 4.28 1.20
CA SER A 65 2.88 3.16 0.86
C SER A 65 4.06 3.10 1.83
N CYS A 66 4.65 1.92 1.95
CA CYS A 66 5.79 1.71 2.84
C CYS A 66 6.95 2.62 2.44
N ARG A 67 7.77 2.99 3.43
CA ARG A 67 8.91 3.86 3.18
C ARG A 67 10.22 3.07 3.29
N ARG A 68 10.95 2.99 2.17
CA ARG A 68 12.21 2.28 2.14
C ARG A 68 13.12 2.83 1.05
N LYS A 69 14.23 3.42 1.46
CA LYS A 69 15.19 4.00 0.51
C LYS A 69 14.52 5.08 -0.34
N LEU A 70 13.57 5.79 0.26
CA LEU A 70 12.86 6.86 -0.44
C LEU A 70 13.60 8.18 -0.29
N GLU A 71 14.27 8.36 0.85
CA GLU A 71 15.01 9.58 1.12
C GLU A 71 16.21 9.30 2.01
N ARG A 72 17.37 9.09 1.39
CA ARG A 72 18.60 8.81 2.12
C ARG A 72 19.01 10.00 2.96
N HIS A 73 19.76 9.74 4.03
CA HIS A 73 20.21 10.80 4.92
C HIS A 73 21.66 11.19 4.60
N ASN A 74 22.03 11.08 3.33
CA ASN A 74 23.38 11.42 2.90
C ASN A 74 23.35 12.52 1.85
N ASN A 75 24.38 13.37 1.86
CA ASN A 75 24.46 14.47 0.91
C ASN A 75 25.85 14.52 0.27
N ARG A 76 25.93 14.14 -1.00
CA ARG A 76 27.19 14.14 -1.73
C ARG A 76 27.03 14.82 -3.09
N ARG A 77 27.76 15.91 -3.29
CA ARG A 77 27.70 16.64 -4.55
C ARG A 77 26.29 17.15 -4.81
N LYS A 78 25.91 18.23 -4.15
CA LYS A 78 24.59 18.82 -4.31
C LYS A 78 24.68 20.32 -4.50
N ARG A 79 25.47 20.97 -3.64
CA ARG A 79 25.65 22.42 -3.70
C ARG A 79 27.12 22.79 -3.74
N LYS A 80 27.90 22.17 -2.86
CA LYS A 80 29.34 22.44 -2.79
C LYS A 80 30.13 21.13 -2.73
N PRO A 81 30.47 20.54 -3.88
CA PRO A 81 31.23 19.29 -3.94
C PRO A 81 32.52 19.36 -3.12
N VAL A 82 32.61 18.49 -2.11
CA VAL A 82 33.78 18.45 -1.25
C VAL A 82 34.85 17.53 -1.83
N ASP A 83 35.94 18.13 -2.32
CA ASP A 83 37.03 17.37 -2.90
C ASP A 83 38.30 18.21 -2.97
N LYS A 84 39.38 17.60 -3.48
CA LYS A 84 40.65 18.30 -3.60
C LYS A 84 40.81 18.91 -4.98
N GLY A 85 40.41 18.17 -6.01
CA GLY A 85 40.51 18.65 -7.38
C GLY A 85 41.43 17.80 -8.23
N GLY A 86 42.69 18.21 -8.34
CA GLY A 86 43.65 17.47 -9.14
C GLY A 86 44.32 18.33 -10.18
N VAL A 87 44.69 19.55 -9.80
CA VAL A 87 45.35 20.48 -10.71
C VAL A 87 46.63 21.03 -10.09
N ALA A 88 46.53 21.52 -8.86
CA ALA A 88 47.68 22.07 -8.17
C ALA A 88 47.66 21.69 -6.69
N VAL A 3 -8.61 -18.19 -4.57
CA VAL A 3 -9.69 -17.28 -5.02
C VAL A 3 -9.72 -16.00 -4.19
N ALA A 4 -10.15 -14.91 -4.80
CA ALA A 4 -10.22 -13.62 -4.12
C ALA A 4 -11.14 -13.69 -2.91
N ARG A 5 -10.58 -13.44 -1.74
CA ARG A 5 -11.34 -13.49 -0.49
C ARG A 5 -10.64 -12.71 0.61
N CYS A 6 -11.31 -11.68 1.14
CA CYS A 6 -10.73 -10.87 2.20
C CYS A 6 -10.48 -11.73 3.44
N GLN A 7 -9.23 -12.20 3.57
CA GLN A 7 -8.86 -13.06 4.69
C GLN A 7 -8.39 -12.25 5.90
N VAL A 8 -9.09 -11.16 6.20
CA VAL A 8 -8.75 -10.33 7.35
C VAL A 8 -9.51 -10.81 8.59
N PRO A 9 -8.81 -10.95 9.73
CA PRO A 9 -9.44 -11.41 10.98
C PRO A 9 -10.73 -10.66 11.29
N ASP A 10 -10.60 -9.36 11.55
CA ASP A 10 -11.77 -8.53 11.87
C ASP A 10 -12.68 -8.37 10.67
N CYS A 11 -12.18 -8.68 9.47
CA CYS A 11 -12.97 -8.57 8.25
C CYS A 11 -12.79 -9.79 7.35
N GLU A 12 -13.58 -10.82 7.60
CA GLU A 12 -13.54 -12.04 6.80
C GLU A 12 -14.60 -12.00 5.71
N ALA A 13 -14.35 -11.19 4.69
CA ALA A 13 -15.29 -11.05 3.58
C ALA A 13 -15.01 -12.05 2.46
N ASP A 14 -16.04 -12.35 1.68
CA ASP A 14 -15.91 -13.28 0.57
C ASP A 14 -16.02 -12.54 -0.76
N ILE A 15 -14.90 -12.01 -1.23
CA ILE A 15 -14.88 -11.27 -2.49
C ILE A 15 -14.49 -12.18 -3.66
N SER A 16 -15.04 -13.40 -3.66
CA SER A 16 -14.75 -14.36 -4.72
C SER A 16 -15.25 -13.85 -6.06
N GLU A 17 -16.31 -13.05 -6.04
CA GLU A 17 -16.88 -12.50 -7.26
C GLU A 17 -16.58 -11.00 -7.38
N LEU A 18 -15.35 -10.63 -7.07
CA LEU A 18 -14.95 -9.23 -7.13
C LEU A 18 -13.76 -9.05 -8.08
N LYS A 19 -14.00 -8.37 -9.20
CA LYS A 19 -12.96 -8.14 -10.19
C LYS A 19 -12.28 -6.79 -9.96
N GLY A 20 -10.95 -6.81 -9.83
CA GLY A 20 -10.21 -5.59 -9.61
C GLY A 20 -8.84 -5.84 -9.03
N TYR A 21 -8.20 -4.79 -8.51
CA TYR A 21 -6.88 -4.91 -7.92
C TYR A 21 -6.94 -5.63 -6.59
N HIS A 22 -7.93 -5.27 -5.77
CA HIS A 22 -8.11 -5.89 -4.46
C HIS A 22 -8.36 -7.39 -4.58
N LYS A 23 -8.75 -7.83 -5.76
CA LYS A 23 -9.02 -9.25 -6.01
C LYS A 23 -7.75 -10.07 -5.88
N ARG A 24 -6.65 -9.54 -6.39
CA ARG A 24 -5.36 -10.22 -6.34
C ARG A 24 -4.59 -9.86 -5.08
N HIS A 25 -5.29 -9.59 -3.99
CA HIS A 25 -4.64 -9.23 -2.74
C HIS A 25 -5.46 -9.72 -1.54
N ARG A 26 -6.34 -10.68 -1.77
CA ARG A 26 -7.18 -11.23 -0.70
C ARG A 26 -7.76 -10.13 0.19
N VAL A 27 -8.39 -9.15 -0.45
CA VAL A 27 -8.99 -8.03 0.27
C VAL A 27 -10.24 -7.53 -0.44
N CYS A 28 -11.24 -7.09 0.34
CA CYS A 28 -12.49 -6.60 -0.23
C CYS A 28 -12.37 -5.12 -0.58
N LEU A 29 -13.31 -4.64 -1.39
CA LEU A 29 -13.33 -3.24 -1.81
C LEU A 29 -13.41 -2.30 -0.60
N ARG A 30 -14.23 -2.68 0.38
CA ARG A 30 -14.40 -1.87 1.58
C ARG A 30 -13.07 -1.61 2.27
N CYS A 31 -12.17 -2.59 2.20
CA CYS A 31 -10.86 -2.45 2.82
C CYS A 31 -9.92 -1.59 1.96
N ALA A 32 -10.14 -1.64 0.64
CA ALA A 32 -9.32 -0.88 -0.29
C ALA A 32 -9.50 0.62 -0.08
N THR A 33 -10.75 1.05 0.10
CA THR A 33 -11.05 2.45 0.31
C THR A 33 -10.80 2.86 1.76
N ALA A 34 -11.03 1.94 2.68
CA ALA A 34 -10.82 2.20 4.10
C ALA A 34 -9.37 2.58 4.38
N SER A 35 -9.17 3.52 5.29
CA SER A 35 -7.83 3.97 5.65
C SER A 35 -7.00 2.81 6.19
N PHE A 36 -7.38 2.31 7.37
CA PHE A 36 -6.66 1.20 8.00
C PHE A 36 -7.65 0.16 8.54
N VAL A 37 -7.15 -1.04 8.80
CA VAL A 37 -7.99 -2.11 9.33
C VAL A 37 -7.39 -2.71 10.60
N VAL A 38 -8.25 -3.18 11.49
CA VAL A 38 -7.80 -3.77 12.74
C VAL A 38 -7.50 -5.26 12.58
N LEU A 39 -6.39 -5.56 11.93
CA LEU A 39 -5.98 -6.93 11.69
C LEU A 39 -5.77 -7.67 13.02
N ASP A 40 -5.24 -8.88 12.95
CA ASP A 40 -5.01 -9.70 14.14
C ASP A 40 -4.15 -8.94 15.16
N GLY A 41 -4.81 -8.21 16.06
CA GLY A 41 -4.11 -7.47 17.08
C GLY A 41 -3.05 -6.55 16.50
N GLU A 42 -3.25 -6.11 15.26
CA GLU A 42 -2.31 -5.23 14.60
C GLU A 42 -2.99 -4.46 13.47
N ASN A 43 -2.96 -3.12 13.55
CA ASN A 43 -3.56 -2.28 12.54
C ASN A 43 -2.71 -2.24 11.28
N LYS A 44 -3.24 -2.83 10.21
CA LYS A 44 -2.52 -2.86 8.94
C LYS A 44 -3.08 -1.82 7.97
N ARG A 45 -2.20 -1.22 7.17
CA ARG A 45 -2.60 -0.21 6.21
C ARG A 45 -2.35 -0.70 4.78
N TYR A 46 -3.41 -0.74 3.98
CA TYR A 46 -3.30 -1.19 2.59
C TYR A 46 -2.31 -0.32 1.82
N CYS A 47 -1.16 -0.88 1.48
CA CYS A 47 -0.13 -0.16 0.73
C CYS A 47 -0.53 -0.04 -0.74
N GLN A 48 -0.73 1.19 -1.18
CA GLN A 48 -1.11 1.45 -2.57
C GLN A 48 0.06 1.21 -3.53
N GLN A 49 1.25 0.97 -2.98
CA GLN A 49 2.43 0.74 -3.80
C GLN A 49 2.69 -0.75 -4.00
N CYS A 50 2.21 -1.58 -3.07
CA CYS A 50 2.41 -3.01 -3.16
C CYS A 50 1.08 -3.76 -3.22
N GLY A 51 0.05 -3.19 -2.60
CA GLY A 51 -1.25 -3.81 -2.59
C GLY A 51 -1.49 -4.64 -1.34
N LYS A 52 -0.47 -5.36 -0.92
CA LYS A 52 -0.57 -6.20 0.27
C LYS A 52 -0.78 -5.35 1.51
N PHE A 53 -0.86 -6.00 2.67
CA PHE A 53 -1.06 -5.30 3.93
C PHE A 53 0.27 -5.06 4.66
N HIS A 54 0.47 -3.82 5.10
CA HIS A 54 1.70 -3.46 5.80
C HIS A 54 1.40 -3.09 7.26
N LEU A 55 2.45 -2.86 8.02
CA LEU A 55 2.31 -2.47 9.43
C LEU A 55 2.22 -0.96 9.57
N LEU A 56 1.30 -0.50 10.42
CA LEU A 56 1.13 0.93 10.65
C LEU A 56 2.36 1.57 11.31
N PRO A 57 2.99 0.89 12.30
CA PRO A 57 4.18 1.44 12.96
C PRO A 57 5.37 1.59 12.03
N ASP A 58 5.29 0.95 10.86
CA ASP A 58 6.36 1.03 9.88
C ASP A 58 6.06 2.06 8.81
N PHE A 59 5.32 3.10 9.18
CA PHE A 59 4.95 4.17 8.26
C PHE A 59 5.55 5.49 8.69
N ASP A 60 5.62 6.44 7.75
CA ASP A 60 6.18 7.76 8.04
C ASP A 60 5.32 8.85 7.40
N GLU A 61 5.66 10.10 7.69
CA GLU A 61 4.92 11.24 7.15
C GLU A 61 5.31 11.48 5.69
N GLY A 62 4.30 11.79 4.87
CA GLY A 62 4.54 12.04 3.46
C GLY A 62 3.59 11.28 2.56
N LYS A 63 3.58 9.96 2.69
CA LYS A 63 2.71 9.12 1.88
C LYS A 63 2.13 7.98 2.71
N ARG A 64 1.20 7.23 2.12
CA ARG A 64 0.56 6.12 2.81
C ARG A 64 1.14 4.78 2.34
N SER A 65 2.45 4.78 2.06
CA SER A 65 3.12 3.58 1.61
C SER A 65 4.42 3.35 2.39
N CYS A 66 5.03 2.19 2.18
CA CYS A 66 6.28 1.86 2.86
C CYS A 66 7.42 2.74 2.35
N ARG A 67 8.35 3.07 3.26
CA ARG A 67 9.49 3.90 2.92
C ARG A 67 10.58 3.08 2.24
N ARG A 68 10.50 2.95 0.92
CA ARG A 68 11.48 2.19 0.15
C ARG A 68 12.47 3.12 -0.53
N LYS A 69 11.98 4.28 -0.95
CA LYS A 69 12.83 5.26 -1.63
C LYS A 69 12.42 6.68 -1.25
N LEU A 70 11.93 6.85 -0.03
CA LEU A 70 11.50 8.16 0.45
C LEU A 70 12.71 9.03 0.81
N GLU A 71 13.81 8.36 1.19
CA GLU A 71 15.04 9.07 1.57
C GLU A 71 14.74 10.27 2.46
N ARG A 72 14.76 10.04 3.77
CA ARG A 72 14.50 11.10 4.74
C ARG A 72 15.63 12.13 4.75
N HIS A 73 15.42 13.23 5.46
CA HIS A 73 16.42 14.29 5.54
C HIS A 73 16.45 14.90 6.94
N ASN A 74 17.47 15.71 7.20
CA ASN A 74 17.60 16.37 8.50
C ASN A 74 18.26 17.74 8.36
N ASN A 75 17.57 18.76 8.86
CA ASN A 75 18.08 20.13 8.78
C ASN A 75 18.03 20.80 10.15
N ARG A 76 16.87 20.72 10.81
CA ARG A 76 16.69 21.31 12.12
C ARG A 76 16.92 22.82 12.07
N ARG A 77 15.84 23.58 11.87
CA ARG A 77 15.93 25.03 11.80
C ARG A 77 14.78 25.68 12.57
N LYS A 78 14.91 26.98 12.84
CA LYS A 78 13.89 27.72 13.56
C LYS A 78 12.65 27.93 12.69
N ARG A 79 11.56 28.34 13.32
CA ARG A 79 10.31 28.60 12.61
C ARG A 79 10.35 29.95 11.91
N LYS A 80 9.35 30.20 11.07
CA LYS A 80 9.26 31.47 10.34
C LYS A 80 7.82 31.95 10.25
N PRO A 81 7.60 33.27 10.22
CA PRO A 81 6.27 33.85 10.14
C PRO A 81 5.63 33.65 8.76
N VAL A 82 6.47 33.53 7.74
CA VAL A 82 5.99 33.33 6.38
C VAL A 82 6.97 32.47 5.59
N ASP A 83 6.44 31.42 4.95
CA ASP A 83 7.26 30.52 4.16
C ASP A 83 7.51 31.09 2.76
N LYS A 84 6.42 31.38 2.05
CA LYS A 84 6.51 31.92 0.70
C LYS A 84 6.35 33.44 0.72
N GLY A 85 7.45 34.16 0.62
CA GLY A 85 7.40 35.61 0.62
C GLY A 85 8.77 36.25 0.45
N GLY A 86 9.20 36.36 -0.80
CA GLY A 86 10.49 36.94 -1.09
C GLY A 86 10.99 36.62 -2.48
N VAL A 87 11.00 35.34 -2.83
CA VAL A 87 11.45 34.90 -4.14
C VAL A 87 10.50 33.88 -4.74
N ALA A 88 9.22 34.00 -4.40
CA ALA A 88 8.20 33.09 -4.90
C ALA A 88 7.04 33.85 -5.52
N VAL A 3 -7.63 -17.38 -4.90
CA VAL A 3 -8.95 -17.36 -4.22
C VAL A 3 -9.28 -15.97 -3.70
N ALA A 4 -10.20 -15.28 -4.39
CA ALA A 4 -10.61 -13.94 -4.00
C ALA A 4 -11.47 -13.97 -2.73
N ARG A 5 -10.84 -13.69 -1.60
CA ARG A 5 -11.55 -13.69 -0.32
C ARG A 5 -10.78 -12.90 0.73
N CYS A 6 -11.39 -11.82 1.22
CA CYS A 6 -10.75 -10.99 2.23
C CYS A 6 -10.47 -11.80 3.49
N GLN A 7 -9.23 -12.26 3.61
CA GLN A 7 -8.82 -13.08 4.75
C GLN A 7 -8.34 -12.24 5.93
N VAL A 8 -9.04 -11.14 6.21
CA VAL A 8 -8.68 -10.28 7.32
C VAL A 8 -9.38 -10.73 8.60
N PRO A 9 -8.64 -10.99 9.70
CA PRO A 9 -9.22 -11.43 10.96
C PRO A 9 -10.44 -10.60 11.37
N ASP A 10 -10.28 -9.30 11.42
CA ASP A 10 -11.36 -8.40 11.79
C ASP A 10 -12.39 -8.27 10.66
N CYS A 11 -11.95 -8.52 9.43
CA CYS A 11 -12.84 -8.44 8.27
C CYS A 11 -12.76 -9.69 7.42
N GLU A 12 -13.65 -10.65 7.70
CA GLU A 12 -13.68 -11.90 6.95
C GLU A 12 -14.69 -11.80 5.81
N ALA A 13 -14.33 -11.09 4.75
CA ALA A 13 -15.21 -10.90 3.61
C ALA A 13 -15.00 -12.00 2.56
N ASP A 14 -16.03 -12.24 1.76
CA ASP A 14 -15.96 -13.25 0.71
C ASP A 14 -16.12 -12.62 -0.66
N ILE A 15 -15.05 -11.99 -1.15
CA ILE A 15 -15.05 -11.34 -2.45
C ILE A 15 -14.80 -12.35 -3.57
N SER A 16 -15.75 -13.26 -3.77
CA SER A 16 -15.63 -14.27 -4.82
C SER A 16 -16.35 -13.83 -6.08
N GLU A 17 -16.51 -12.53 -6.26
CA GLU A 17 -17.18 -11.98 -7.43
C GLU A 17 -16.80 -10.52 -7.64
N LEU A 18 -15.60 -10.15 -7.22
CA LEU A 18 -15.12 -8.78 -7.37
C LEU A 18 -14.17 -8.67 -8.56
N LYS A 19 -14.02 -7.45 -9.07
CA LYS A 19 -13.14 -7.20 -10.21
C LYS A 19 -12.26 -5.98 -9.95
N GLY A 20 -10.96 -6.22 -9.85
CA GLY A 20 -10.02 -5.15 -9.61
C GLY A 20 -8.66 -5.64 -9.13
N TYR A 21 -7.97 -4.81 -8.36
CA TYR A 21 -6.65 -5.17 -7.84
C TYR A 21 -6.77 -5.91 -6.52
N HIS A 22 -7.77 -5.54 -5.72
CA HIS A 22 -8.00 -6.17 -4.42
C HIS A 22 -8.26 -7.67 -4.59
N LYS A 23 -8.66 -8.07 -5.78
CA LYS A 23 -8.94 -9.48 -6.06
C LYS A 23 -7.67 -10.32 -5.97
N ARG A 24 -6.56 -9.75 -6.43
CA ARG A 24 -5.27 -10.43 -6.42
C ARG A 24 -4.51 -10.18 -5.11
N HIS A 25 -5.23 -9.80 -4.06
CA HIS A 25 -4.60 -9.53 -2.77
C HIS A 25 -5.46 -10.04 -1.62
N ARG A 26 -6.41 -10.92 -1.93
CA ARG A 26 -7.29 -11.49 -0.90
C ARG A 26 -7.84 -10.39 0.02
N VAL A 27 -8.51 -9.41 -0.57
CA VAL A 27 -9.10 -8.31 0.19
C VAL A 27 -10.32 -7.74 -0.52
N CYS A 28 -11.24 -7.19 0.26
CA CYS A 28 -12.47 -6.63 -0.30
C CYS A 28 -12.27 -5.15 -0.66
N LEU A 29 -13.16 -4.64 -1.52
CA LEU A 29 -13.09 -3.25 -1.95
C LEU A 29 -13.13 -2.30 -0.76
N ARG A 30 -13.99 -2.59 0.21
CA ARG A 30 -14.14 -1.76 1.40
C ARG A 30 -12.80 -1.54 2.09
N CYS A 31 -11.97 -2.59 2.10
CA CYS A 31 -10.66 -2.50 2.73
C CYS A 31 -9.70 -1.68 1.87
N ALA A 32 -9.84 -1.80 0.56
CA ALA A 32 -8.99 -1.08 -0.37
C ALA A 32 -9.26 0.42 -0.30
N THR A 33 -10.51 0.77 0.00
CA THR A 33 -10.91 2.17 0.10
C THR A 33 -10.72 2.70 1.53
N ALA A 34 -10.94 1.82 2.50
CA ALA A 34 -10.80 2.20 3.90
C ALA A 34 -9.36 2.63 4.21
N SER A 35 -9.19 3.35 5.31
CA SER A 35 -7.88 3.82 5.73
C SER A 35 -7.03 2.67 6.27
N PHE A 36 -7.52 2.05 7.33
CA PHE A 36 -6.80 0.93 7.95
C PHE A 36 -7.78 -0.11 8.48
N VAL A 37 -7.24 -1.21 9.01
CA VAL A 37 -8.06 -2.28 9.55
C VAL A 37 -7.43 -2.88 10.80
N VAL A 38 -8.27 -3.33 11.73
CA VAL A 38 -7.80 -3.93 12.96
C VAL A 38 -7.48 -5.41 12.77
N LEU A 39 -6.39 -5.69 12.07
CA LEU A 39 -5.97 -7.07 11.82
C LEU A 39 -5.75 -7.82 13.13
N ASP A 40 -5.20 -9.02 13.03
CA ASP A 40 -4.95 -9.85 14.20
C ASP A 40 -4.08 -9.10 15.22
N GLY A 41 -4.73 -8.39 16.13
CA GLY A 41 -4.01 -7.64 17.15
C GLY A 41 -2.97 -6.71 16.56
N GLU A 42 -3.20 -6.27 15.32
CA GLU A 42 -2.28 -5.36 14.65
C GLU A 42 -2.98 -4.57 13.56
N ASN A 43 -2.98 -3.25 13.70
CA ASN A 43 -3.62 -2.38 12.72
C ASN A 43 -2.77 -2.27 11.46
N LYS A 44 -3.21 -2.94 10.39
CA LYS A 44 -2.48 -2.91 9.13
C LYS A 44 -3.04 -1.84 8.19
N ARG A 45 -2.20 -1.32 7.32
CA ARG A 45 -2.60 -0.30 6.36
C ARG A 45 -2.36 -0.77 4.94
N TYR A 46 -3.42 -0.80 4.14
CA TYR A 46 -3.32 -1.22 2.75
C TYR A 46 -2.35 -0.34 1.97
N CYS A 47 -1.24 -0.94 1.53
CA CYS A 47 -0.22 -0.22 0.77
C CYS A 47 -0.58 -0.19 -0.71
N GLN A 48 -0.90 1.00 -1.22
CA GLN A 48 -1.24 1.15 -2.63
C GLN A 48 -0.03 0.98 -3.54
N GLN A 49 1.16 0.91 -2.95
CA GLN A 49 2.38 0.76 -3.71
C GLN A 49 2.73 -0.72 -3.91
N CYS A 50 2.32 -1.56 -2.97
CA CYS A 50 2.60 -2.99 -3.05
C CYS A 50 1.31 -3.81 -3.18
N GLY A 51 0.21 -3.27 -2.66
CA GLY A 51 -1.06 -3.97 -2.73
C GLY A 51 -1.35 -4.76 -1.48
N LYS A 52 -0.33 -5.43 -0.96
CA LYS A 52 -0.48 -6.24 0.25
C LYS A 52 -0.71 -5.37 1.48
N PHE A 53 -0.86 -5.99 2.64
CA PHE A 53 -1.09 -5.26 3.88
C PHE A 53 0.22 -4.98 4.60
N HIS A 54 0.34 -3.78 5.15
CA HIS A 54 1.55 -3.37 5.87
C HIS A 54 1.21 -2.98 7.31
N LEU A 55 2.24 -2.69 8.09
CA LEU A 55 2.06 -2.29 9.48
C LEU A 55 1.91 -0.77 9.60
N LEU A 56 1.08 -0.34 10.53
CA LEU A 56 0.85 1.09 10.75
C LEU A 56 2.08 1.78 11.35
N PRO A 57 2.80 1.13 12.31
CA PRO A 57 3.98 1.74 12.93
C PRO A 57 5.15 1.85 11.96
N ASP A 58 5.04 1.19 10.81
CA ASP A 58 6.10 1.23 9.81
C ASP A 58 5.80 2.24 8.72
N PHE A 59 5.10 3.32 9.10
CA PHE A 59 4.73 4.36 8.16
C PHE A 59 5.30 5.71 8.60
N ASP A 60 5.70 6.52 7.63
CA ASP A 60 6.25 7.84 7.91
C ASP A 60 5.34 8.95 7.41
N GLU A 61 5.39 10.11 8.06
CA GLU A 61 4.56 11.24 7.67
C GLU A 61 4.85 11.65 6.23
N GLY A 62 3.89 11.40 5.34
CA GLY A 62 4.07 11.75 3.94
C GLY A 62 3.02 11.12 3.06
N LYS A 63 3.46 10.20 2.20
CA LYS A 63 2.55 9.51 1.28
C LYS A 63 2.01 8.22 1.91
N ARG A 64 1.21 7.49 1.15
CA ARG A 64 0.64 6.24 1.62
C ARG A 64 1.47 5.05 1.15
N SER A 65 2.78 5.21 1.15
CA SER A 65 3.69 4.16 0.73
C SER A 65 4.71 3.84 1.81
N CYS A 66 5.06 2.56 1.96
CA CYS A 66 6.04 2.14 2.96
C CYS A 66 7.35 2.88 2.79
N ARG A 67 7.74 3.63 3.83
CA ARG A 67 8.98 4.39 3.81
C ARG A 67 8.99 5.39 2.65
N ARG A 68 9.42 4.94 1.48
CA ARG A 68 9.48 5.79 0.29
C ARG A 68 9.98 5.01 -0.92
N LYS A 69 9.15 4.93 -1.95
CA LYS A 69 9.50 4.21 -3.16
C LYS A 69 8.89 4.88 -4.39
N LEU A 70 8.88 6.21 -4.39
CA LEU A 70 8.32 6.96 -5.51
C LEU A 70 9.41 7.72 -6.26
N GLU A 71 9.57 7.40 -7.54
CA GLU A 71 10.58 8.06 -8.36
C GLU A 71 10.22 9.51 -8.62
N ARG A 72 10.61 10.38 -7.69
CA ARG A 72 10.32 11.81 -7.81
C ARG A 72 11.20 12.45 -8.88
N HIS A 73 10.61 13.34 -9.67
CA HIS A 73 11.34 14.02 -10.74
C HIS A 73 12.03 15.26 -10.21
N ASN A 74 11.23 16.27 -9.84
CA ASN A 74 11.78 17.51 -9.31
C ASN A 74 10.86 18.10 -8.24
N ASN A 75 11.43 18.94 -7.38
CA ASN A 75 10.65 19.57 -6.31
C ASN A 75 9.68 20.60 -6.87
N ARG A 76 10.22 21.64 -7.50
CA ARG A 76 9.40 22.70 -8.08
C ARG A 76 8.64 22.19 -9.31
N ARG A 77 7.55 22.86 -9.65
CA ARG A 77 6.74 22.48 -10.80
C ARG A 77 6.76 23.57 -11.86
N LYS A 78 6.05 23.33 -12.96
CA LYS A 78 5.97 24.29 -14.05
C LYS A 78 7.37 24.58 -14.62
N ARG A 79 7.42 25.37 -15.68
CA ARG A 79 8.68 25.73 -16.31
C ARG A 79 9.04 27.18 -16.04
N LYS A 80 10.17 27.62 -16.59
CA LYS A 80 10.62 29.00 -16.41
C LYS A 80 10.91 29.65 -17.76
N PRO A 81 9.85 29.95 -18.53
CA PRO A 81 9.99 30.59 -19.84
C PRO A 81 10.42 32.05 -19.74
N VAL A 82 11.42 32.43 -20.51
CA VAL A 82 11.92 33.80 -20.51
C VAL A 82 11.33 34.61 -21.65
N ASP A 83 10.13 34.22 -22.09
CA ASP A 83 9.47 34.91 -23.19
C ASP A 83 10.31 34.89 -24.46
N LYS A 84 11.07 33.81 -24.64
CA LYS A 84 11.92 33.66 -25.82
C LYS A 84 12.64 32.31 -25.80
N GLY A 85 12.27 31.44 -26.72
CA GLY A 85 12.89 30.13 -26.79
C GLY A 85 12.62 29.44 -28.12
N GLY A 86 11.64 28.55 -28.13
CA GLY A 86 11.30 27.84 -29.34
C GLY A 86 12.37 26.83 -29.75
N VAL A 87 13.08 26.31 -28.75
CA VAL A 87 14.14 25.34 -29.01
C VAL A 87 14.16 24.25 -27.93
N ALA A 88 14.86 23.16 -28.19
CA ALA A 88 14.95 22.06 -27.23
C ALA A 88 16.40 21.76 -26.86
N VAL A 3 -8.46 -17.28 -6.29
CA VAL A 3 -9.68 -17.04 -5.46
C VAL A 3 -9.55 -15.76 -4.64
N ALA A 4 -10.48 -14.83 -4.84
CA ALA A 4 -10.47 -13.57 -4.12
C ALA A 4 -11.27 -13.67 -2.82
N ARG A 5 -10.60 -13.39 -1.70
CA ARG A 5 -11.25 -13.45 -0.39
C ARG A 5 -10.46 -12.65 0.63
N CYS A 6 -11.11 -11.63 1.21
CA CYS A 6 -10.47 -10.79 2.21
C CYS A 6 -10.14 -11.62 3.45
N GLN A 7 -8.88 -12.04 3.55
CA GLN A 7 -8.42 -12.86 4.66
C GLN A 7 -7.99 -12.03 5.87
N VAL A 8 -8.74 -10.97 6.18
CA VAL A 8 -8.42 -10.13 7.33
C VAL A 8 -9.13 -10.64 8.58
N PRO A 9 -8.38 -10.92 9.66
CA PRO A 9 -8.97 -11.42 10.91
C PRO A 9 -10.21 -10.65 11.33
N ASP A 10 -10.08 -9.33 11.42
CA ASP A 10 -11.20 -8.48 11.81
C ASP A 10 -12.23 -8.36 10.69
N CYS A 11 -11.79 -8.56 9.45
CA CYS A 11 -12.67 -8.48 8.30
C CYS A 11 -12.58 -9.73 7.43
N GLU A 12 -13.53 -10.63 7.60
CA GLU A 12 -13.57 -11.86 6.82
C GLU A 12 -14.58 -11.75 5.69
N ALA A 13 -14.16 -11.13 4.59
CA ALA A 13 -15.03 -10.94 3.43
C ALA A 13 -14.91 -12.10 2.45
N ASP A 14 -16.05 -12.47 1.85
CA ASP A 14 -16.08 -13.56 0.89
C ASP A 14 -16.19 -13.01 -0.54
N ILE A 15 -15.39 -12.00 -0.83
CA ILE A 15 -15.40 -11.38 -2.16
C ILE A 15 -14.86 -12.33 -3.22
N SER A 16 -15.63 -13.38 -3.52
CA SER A 16 -15.22 -14.37 -4.51
C SER A 16 -15.81 -14.04 -5.88
N GLU A 17 -16.03 -12.75 -6.13
CA GLU A 17 -16.59 -12.30 -7.41
C GLU A 17 -16.29 -10.82 -7.65
N LEU A 18 -15.17 -10.35 -7.10
CA LEU A 18 -14.77 -8.96 -7.25
C LEU A 18 -13.86 -8.78 -8.46
N LYS A 19 -13.88 -7.58 -9.04
CA LYS A 19 -13.05 -7.28 -10.19
C LYS A 19 -12.22 -6.03 -9.97
N GLY A 20 -10.94 -6.09 -10.33
CA GLY A 20 -10.06 -4.94 -10.15
C GLY A 20 -8.66 -5.35 -9.72
N TYR A 21 -8.21 -4.81 -8.60
CA TYR A 21 -6.89 -5.11 -8.08
C TYR A 21 -6.97 -5.85 -6.74
N HIS A 22 -7.93 -5.44 -5.91
CA HIS A 22 -8.12 -6.06 -4.61
C HIS A 22 -8.45 -7.55 -4.75
N LYS A 23 -8.90 -7.94 -5.93
CA LYS A 23 -9.25 -9.34 -6.18
C LYS A 23 -8.01 -10.24 -6.13
N ARG A 24 -6.91 -9.74 -6.68
CA ARG A 24 -5.67 -10.51 -6.70
C ARG A 24 -4.81 -10.22 -5.47
N HIS A 25 -5.44 -9.80 -4.38
CA HIS A 25 -4.73 -9.50 -3.15
C HIS A 25 -5.51 -9.97 -1.92
N ARG A 26 -6.49 -10.84 -2.13
CA ARG A 26 -7.30 -11.36 -1.05
C ARG A 26 -7.78 -10.24 -0.12
N VAL A 27 -8.56 -9.32 -0.67
CA VAL A 27 -9.08 -8.20 0.10
C VAL A 27 -10.33 -7.61 -0.56
N CYS A 28 -11.26 -7.13 0.25
CA CYS A 28 -12.49 -6.55 -0.26
C CYS A 28 -12.31 -5.08 -0.62
N LEU A 29 -13.17 -4.58 -1.50
CA LEU A 29 -13.10 -3.19 -1.93
C LEU A 29 -13.22 -2.24 -0.74
N ARG A 30 -13.94 -2.66 0.29
CA ARG A 30 -14.14 -1.86 1.48
C ARG A 30 -12.80 -1.55 2.15
N CYS A 31 -11.91 -2.53 2.18
CA CYS A 31 -10.60 -2.35 2.79
C CYS A 31 -9.67 -1.56 1.88
N ALA A 32 -9.90 -1.65 0.58
CA ALA A 32 -9.08 -0.94 -0.39
C ALA A 32 -9.28 0.57 -0.28
N THR A 33 -10.48 0.98 0.13
CA THR A 33 -10.79 2.39 0.28
C THR A 33 -10.70 2.82 1.74
N ALA A 34 -10.98 1.88 2.64
CA ALA A 34 -10.93 2.16 4.08
C ALA A 34 -9.55 2.65 4.49
N SER A 35 -9.49 3.42 5.58
CA SER A 35 -8.23 3.96 6.08
C SER A 35 -7.32 2.84 6.57
N PHE A 36 -7.87 1.96 7.40
CA PHE A 36 -7.11 0.84 7.94
C PHE A 36 -8.04 -0.23 8.51
N VAL A 37 -7.45 -1.31 9.00
CA VAL A 37 -8.22 -2.40 9.58
C VAL A 37 -7.52 -2.99 10.80
N VAL A 38 -8.31 -3.37 11.80
CA VAL A 38 -7.77 -3.95 13.03
C VAL A 38 -7.40 -5.42 12.83
N LEU A 39 -6.30 -5.65 12.12
CA LEU A 39 -5.84 -7.01 11.85
C LEU A 39 -5.63 -7.78 13.15
N ASP A 40 -5.03 -8.97 13.06
CA ASP A 40 -4.78 -9.81 14.23
C ASP A 40 -3.99 -9.04 15.29
N GLY A 41 -4.72 -8.37 16.19
CA GLY A 41 -4.08 -7.61 17.24
C GLY A 41 -3.06 -6.61 16.71
N GLU A 42 -3.20 -6.23 15.45
CA GLU A 42 -2.29 -5.28 14.83
C GLU A 42 -3.01 -4.45 13.77
N ASN A 43 -2.87 -3.13 13.87
CA ASN A 43 -3.50 -2.23 12.91
C ASN A 43 -2.69 -2.13 11.63
N LYS A 44 -3.19 -2.75 10.56
CA LYS A 44 -2.49 -2.73 9.28
C LYS A 44 -3.12 -1.72 8.33
N ARG A 45 -2.34 -1.24 7.38
CA ARG A 45 -2.81 -0.26 6.40
C ARG A 45 -2.53 -0.73 4.98
N TYR A 46 -3.55 -0.65 4.12
CA TYR A 46 -3.41 -1.07 2.73
C TYR A 46 -2.30 -0.27 2.02
N CYS A 47 -1.25 -0.96 1.62
CA CYS A 47 -0.14 -0.32 0.93
C CYS A 47 -0.42 -0.17 -0.56
N GLN A 48 -0.68 1.07 -0.99
CA GLN A 48 -0.97 1.36 -2.38
C GLN A 48 0.28 1.28 -3.23
N GLN A 49 0.94 0.13 -3.18
CA GLN A 49 2.17 -0.09 -3.94
C GLN A 49 2.49 -1.58 -4.05
N CYS A 50 2.23 -2.31 -2.97
CA CYS A 50 2.49 -3.75 -2.94
C CYS A 50 1.19 -4.55 -3.01
N GLY A 51 0.09 -3.93 -2.58
CA GLY A 51 -1.20 -4.60 -2.60
C GLY A 51 -1.55 -5.22 -1.26
N LYS A 52 -0.61 -5.97 -0.70
CA LYS A 52 -0.83 -6.62 0.59
C LYS A 52 -0.94 -5.59 1.71
N PHE A 53 -1.11 -6.06 2.94
CA PHE A 53 -1.23 -5.18 4.09
C PHE A 53 0.12 -4.97 4.77
N HIS A 54 0.29 -3.82 5.42
CA HIS A 54 1.54 -3.51 6.11
C HIS A 54 1.26 -3.01 7.53
N LEU A 55 2.32 -2.69 8.25
CA LEU A 55 2.20 -2.19 9.61
C LEU A 55 2.07 -0.68 9.63
N LEU A 56 1.10 -0.18 10.38
CA LEU A 56 0.88 1.27 10.48
C LEU A 56 2.04 1.97 11.18
N PRO A 57 2.70 1.33 12.17
CA PRO A 57 3.82 1.95 12.88
C PRO A 57 4.95 2.33 11.95
N ASP A 58 5.09 1.60 10.85
CA ASP A 58 6.13 1.87 9.87
C ASP A 58 5.61 2.76 8.75
N PHE A 59 5.24 3.99 9.09
CA PHE A 59 4.72 4.95 8.13
C PHE A 59 5.10 6.37 8.51
N ASP A 60 5.41 7.19 7.51
CA ASP A 60 5.79 8.58 7.75
C ASP A 60 5.09 9.51 6.76
N GLU A 61 5.40 10.79 6.85
CA GLU A 61 4.80 11.79 5.97
C GLU A 61 5.32 11.63 4.54
N GLY A 62 4.62 12.26 3.59
CA GLY A 62 5.03 12.17 2.20
C GLY A 62 4.10 11.32 1.37
N LYS A 63 4.19 10.00 1.54
CA LYS A 63 3.33 9.08 0.80
C LYS A 63 2.69 8.06 1.74
N ARG A 64 1.83 7.21 1.19
CA ARG A 64 1.15 6.19 1.98
C ARG A 64 1.69 4.80 1.63
N SER A 65 2.99 4.71 1.42
CA SER A 65 3.62 3.44 1.08
C SER A 65 4.75 3.12 2.06
N CYS A 66 5.15 1.85 2.11
CA CYS A 66 6.22 1.41 3.00
C CYS A 66 7.53 2.12 2.67
N ARG A 67 8.28 2.48 3.70
CA ARG A 67 9.55 3.17 3.52
C ARG A 67 10.70 2.16 3.38
N ARG A 68 10.56 1.25 2.42
CA ARG A 68 11.58 0.24 2.20
C ARG A 68 12.47 0.60 1.01
N LYS A 69 11.87 1.26 0.02
CA LYS A 69 12.60 1.68 -1.18
C LYS A 69 12.26 3.11 -1.55
N LEU A 70 12.01 3.94 -0.55
CA LEU A 70 11.67 5.34 -0.79
C LEU A 70 12.93 6.20 -0.88
N GLU A 71 13.49 6.52 0.29
CA GLU A 71 14.70 7.34 0.35
C GLU A 71 15.63 6.85 1.44
N ARG A 72 15.75 5.52 1.57
CA ARG A 72 16.62 4.92 2.57
C ARG A 72 18.08 5.28 2.31
N HIS A 73 18.52 5.10 1.07
CA HIS A 73 19.89 5.40 0.71
C HIS A 73 20.05 6.88 0.36
N ASN A 74 21.26 7.26 -0.04
CA ASN A 74 21.54 8.65 -0.41
C ASN A 74 22.91 8.77 -1.05
N ASN A 75 23.31 7.75 -1.79
CA ASN A 75 24.61 7.74 -2.47
C ASN A 75 24.45 7.91 -3.98
N ARG A 76 25.32 8.70 -4.58
CA ARG A 76 25.27 8.94 -6.02
C ARG A 76 26.11 7.91 -6.77
N ARG A 77 25.44 6.95 -7.40
CA ARG A 77 26.13 5.91 -8.15
C ARG A 77 26.67 6.46 -9.47
N LYS A 78 27.26 5.58 -10.26
CA LYS A 78 27.82 5.98 -11.55
C LYS A 78 27.02 5.37 -12.70
N ARG A 79 27.47 5.62 -13.93
CA ARG A 79 26.78 5.11 -15.11
C ARG A 79 27.24 3.69 -15.43
N LYS A 80 28.55 3.45 -15.29
CA LYS A 80 29.11 2.13 -15.56
C LYS A 80 29.69 1.51 -14.29
N PRO A 81 28.84 0.81 -13.51
CA PRO A 81 29.27 0.17 -12.26
C PRO A 81 30.17 -1.04 -12.51
N VAL A 82 29.99 -1.68 -13.67
CA VAL A 82 30.79 -2.84 -14.02
C VAL A 82 31.34 -2.72 -15.44
N ASP A 83 32.50 -2.07 -15.56
CA ASP A 83 33.14 -1.88 -16.86
C ASP A 83 34.56 -1.34 -16.69
N LYS A 84 35.52 -2.05 -17.27
CA LYS A 84 36.92 -1.65 -17.19
C LYS A 84 37.56 -1.57 -18.57
N GLY A 85 36.74 -1.20 -19.56
CA GLY A 85 37.24 -1.09 -20.93
C GLY A 85 36.12 -0.91 -21.94
N GLY A 86 35.58 -2.02 -22.42
CA GLY A 86 34.50 -1.94 -23.40
C GLY A 86 35.00 -1.99 -24.81
N VAL A 87 36.04 -1.22 -25.11
CA VAL A 87 36.61 -1.17 -26.45
C VAL A 87 37.84 -2.07 -26.54
N ALA A 88 38.60 -2.14 -25.46
CA ALA A 88 39.80 -2.97 -25.41
C ALA A 88 40.20 -3.29 -23.98
#